data_8BIQ
#
_entry.id   8BIQ
#
_cell.length_a   100.864
_cell.length_b   88.289
_cell.length_c   131.207
_cell.angle_alpha   90.00
_cell.angle_beta   92.97
_cell.angle_gamma   90.00
#
_symmetry.space_group_name_H-M   'P 1 21 1'
#
loop_
_entity.id
_entity.type
_entity.pdbx_description
1 polymer '4-hydroxybutyrate--CoA ligase 1'
2 non-polymer 'ADENOSINE MONOPHOSPHATE'
3 non-polymer '[[(2~{R},3~{S},4~{R},5~{R})-5-(6-aminopurin-9-yl)-3,4-bis(oxidanyl)oxolan-2-yl]methoxy-oxidanyl-phosphoryl] ethanoate'
#
_entity_poly.entity_id   1
_entity_poly.type   'polypeptide(L)'
_entity_poly.pdbx_seq_one_letter_code
;MHHHHHHVTVQDFFRKFIEFQNSPNEKSLQEIVKLVGQLDLRRFNWVRDVFEDIHVKERGSKTALIWRDINTGEEAKLSY
HELSLMSNRVLSTLRKHGLKKGDVVYLMTKVHPMHWAVFLAVIKGGFVMVPSATNLTVAEMKYRFSDLKPSAIISDSLRA
SVMEEALGSLKVEKFLIDGKRETWNSLEDESSNAEPEDTRGEDVIINYFTSGTTGMPKRVIHTAVSYPVGSITTASIVGV
RESDLHLNLSATGWAKFAWSSFFSPLLVGATVVGINYEGKLDTRRYLGEVENLGVTSFCAPPTAWRQFITLDLDQFRFER
LRSVVSAGEPLNPEVIKIWKDKFNLTIRDFYGQTETTAMVGNFPFLKVKPGSMGKPHPLYDIRLLDDEGKEITKPYEVGH
ITVKLNPRPIGLFLGYSDEKKNMESFREGYYYTGDKAYFDEEGYFYFVGRGDDVIKTSDYRVGPFEVESALLEHPAVAEA
AVVGVPDTVRWQLVKAYIVLKKGYMPSKELAEEIREKMKTLLSPYKVPRIIEFVDELPKTISGKIRRVELRKREEEKRKK
GEVGQNEYVF
;
_entity_poly.pdbx_strand_id   D,A,B,C
#
loop_
_chem_comp.id
_chem_comp.type
_chem_comp.name
_chem_comp.formula
6R9 non-polymer '[[(2~{R},3~{S},4~{R},5~{R})-5-(6-aminopurin-9-yl)-3,4-bis(oxidanyl)oxolan-2-yl]methoxy-oxidanyl-phosphoryl] ethanoate' 'C12 H16 N5 O8 P'
AMP non-polymer 'ADENOSINE MONOPHOSPHATE' 'C10 H14 N5 O7 P'
#
# COMPACT_ATOMS: atom_id res chain seq x y z
N VAL A 10 10.19 -2.46 39.92
CA VAL A 10 11.07 -2.64 38.72
C VAL A 10 12.46 -3.18 39.13
N GLN A 11 13.00 -2.50 40.11
CA GLN A 11 14.14 -2.92 40.89
C GLN A 11 13.66 -4.04 41.80
N ASP A 12 12.46 -3.89 42.37
CA ASP A 12 11.89 -4.83 43.33
C ASP A 12 11.73 -6.20 42.68
N PHE A 13 11.49 -6.19 41.36
CA PHE A 13 11.30 -7.42 40.60
C PHE A 13 12.52 -8.31 40.72
N PHE A 14 13.69 -7.72 40.47
CA PHE A 14 14.92 -8.52 40.41
C PHE A 14 15.32 -9.00 41.80
N ARG A 15 14.96 -8.23 42.82
CA ARG A 15 15.25 -8.62 44.18
C ARG A 15 14.37 -9.83 44.51
N LYS A 16 13.12 -9.88 44.02
CA LYS A 16 12.26 -11.05 44.19
C LYS A 16 12.80 -12.22 43.36
N PHE A 17 13.28 -11.89 42.16
CA PHE A 17 13.86 -12.92 41.32
C PHE A 17 15.06 -13.56 42.01
N ILE A 18 16.01 -12.75 42.46
CA ILE A 18 17.23 -13.19 43.13
C ILE A 18 16.92 -14.13 44.30
N GLU A 19 15.83 -13.86 45.02
CA GLU A 19 15.40 -14.74 46.09
C GLU A 19 14.88 -16.07 45.53
N PHE A 20 13.98 -16.00 44.54
CA PHE A 20 13.49 -17.19 43.87
C PHE A 20 14.64 -18.17 43.60
N GLN A 21 15.79 -17.61 43.18
CA GLN A 21 16.94 -18.41 42.83
C GLN A 21 17.52 -19.20 44.00
N ASN A 22 17.43 -18.66 45.22
CA ASN A 22 18.11 -19.25 46.37
C ASN A 22 17.39 -20.52 46.82
N SER A 23 16.13 -20.66 46.42
CA SER A 23 15.47 -21.96 46.48
C SER A 23 14.27 -21.93 45.54
N PRO A 24 14.44 -22.40 44.31
CA PRO A 24 13.36 -22.31 43.32
C PRO A 24 12.47 -23.54 43.28
N ASN A 25 11.23 -23.32 42.85
CA ASN A 25 10.32 -24.41 42.54
C ASN A 25 9.26 -23.93 41.57
N GLU A 26 8.52 -24.94 41.07
CA GLU A 26 7.51 -24.78 40.05
C GLU A 26 6.59 -23.60 40.36
N LYS A 27 6.00 -23.65 41.56
CA LYS A 27 4.98 -22.71 42.00
C LYS A 27 5.53 -21.29 42.02
N SER A 28 6.69 -21.11 42.67
CA SER A 28 7.28 -19.79 42.85
C SER A 28 7.76 -19.24 41.50
N LEU A 29 8.09 -20.14 40.58
CA LEU A 29 8.42 -19.73 39.23
C LEU A 29 7.26 -18.98 38.59
N GLN A 30 6.06 -19.57 38.69
CA GLN A 30 4.84 -19.03 38.10
C GLN A 30 4.55 -17.60 38.60
N GLU A 31 4.81 -17.33 39.89
CA GLU A 31 4.71 -15.98 40.44
C GLU A 31 5.67 -15.05 39.69
N ILE A 32 6.93 -15.48 39.53
CA ILE A 32 7.94 -14.68 38.85
C ILE A 32 7.41 -14.29 37.48
N VAL A 33 6.96 -15.30 36.72
CA VAL A 33 6.32 -15.16 35.42
C VAL A 33 5.29 -14.04 35.38
N LYS A 34 4.37 -14.08 36.33
CA LYS A 34 3.28 -13.13 36.38
C LYS A 34 3.81 -11.70 36.57
N LEU A 35 4.84 -11.60 37.42
CA LEU A 35 5.41 -10.31 37.78
C LEU A 35 6.13 -9.65 36.61
N VAL A 36 6.73 -10.46 35.74
CA VAL A 36 7.43 -9.92 34.58
C VAL A 36 6.43 -9.23 33.66
N GLY A 37 5.24 -9.84 33.53
CA GLY A 37 4.21 -9.32 32.66
C GLY A 37 3.76 -7.92 33.05
N GLN A 38 3.93 -7.61 34.34
CA GLN A 38 3.48 -6.34 34.92
C GLN A 38 4.63 -5.33 35.07
N LEU A 39 5.83 -5.63 34.56
CA LEU A 39 6.87 -4.61 34.51
C LEU A 39 6.48 -3.52 33.51
N ASP A 40 6.88 -2.25 33.77
CA ASP A 40 6.74 -1.20 32.77
C ASP A 40 8.07 -0.99 32.05
N LEU A 41 8.09 -1.39 30.77
CA LEU A 41 9.34 -1.56 30.06
C LEU A 41 9.41 -0.64 28.85
N ARG A 42 8.57 0.39 28.82
CA ARG A 42 8.58 1.42 27.80
C ARG A 42 9.93 2.12 27.68
N ARG A 43 10.49 2.59 28.80
CA ARG A 43 11.82 3.15 28.87
C ARG A 43 12.67 2.30 29.81
N PHE A 44 13.67 1.62 29.27
CA PHE A 44 14.43 0.67 30.08
C PHE A 44 15.88 0.66 29.61
N ASN A 45 16.77 0.37 30.57
CA ASN A 45 18.21 0.36 30.33
C ASN A 45 18.80 -0.53 31.40
N TRP A 46 19.14 -1.75 31.04
CA TRP A 46 19.49 -2.74 32.03
C TRP A 46 20.73 -2.35 32.85
N VAL A 47 21.68 -1.59 32.26
CA VAL A 47 22.86 -1.18 33.00
C VAL A 47 22.47 -0.23 34.13
N ARG A 48 21.87 0.91 33.78
CA ARG A 48 21.33 1.86 34.75
C ARG A 48 20.45 1.16 35.78
N ASP A 49 19.42 0.45 35.29
CA ASP A 49 18.30 -0.01 36.11
C ASP A 49 18.63 -1.24 36.97
N VAL A 50 19.59 -2.08 36.52
CA VAL A 50 19.87 -3.35 37.19
C VAL A 50 21.33 -3.37 37.64
N PHE A 51 22.23 -3.13 36.69
CA PHE A 51 23.64 -3.22 37.02
C PHE A 51 23.96 -2.16 38.07
N GLU A 52 23.74 -0.90 37.71
CA GLU A 52 24.13 0.23 38.51
C GLU A 52 23.20 0.42 39.72
N ASP A 53 21.92 0.04 39.62
CA ASP A 53 20.96 0.40 40.64
C ASP A 53 20.56 -0.80 41.50
N ILE A 54 21.13 -1.98 41.27
CA ILE A 54 20.84 -3.10 42.16
C ILE A 54 22.12 -3.87 42.49
N HIS A 55 23.29 -3.45 41.94
CA HIS A 55 24.51 -4.22 42.13
C HIS A 55 25.70 -3.31 42.40
N VAL A 56 25.88 -2.29 41.58
CA VAL A 56 26.92 -1.31 41.84
C VAL A 56 26.60 -0.58 43.14
N LYS A 57 25.30 -0.43 43.40
CA LYS A 57 24.82 0.23 44.60
C LYS A 57 24.75 -0.73 45.76
N GLU A 58 24.33 -1.99 45.57
CA GLU A 58 24.18 -2.88 46.72
C GLU A 58 25.41 -3.74 47.02
N ARG A 59 26.26 -4.00 46.01
CA ARG A 59 27.41 -4.88 46.16
C ARG A 59 28.58 -4.36 45.34
N GLY A 60 28.63 -3.04 45.13
CA GLY A 60 29.64 -2.36 44.35
C GLY A 60 31.06 -2.87 44.56
N SER A 61 31.41 -3.36 45.74
CA SER A 61 32.78 -3.79 45.93
C SER A 61 32.85 -5.29 46.21
N LYS A 62 31.78 -6.01 45.85
CA LYS A 62 31.86 -7.45 45.60
C LYS A 62 32.59 -7.68 44.28
N THR A 63 33.29 -8.81 44.14
CA THR A 63 33.88 -9.22 42.86
C THR A 63 32.78 -9.55 41.85
N ALA A 64 32.72 -8.73 40.78
CA ALA A 64 31.89 -8.95 39.60
C ALA A 64 32.50 -10.02 38.68
N LEU A 65 33.83 -9.88 38.47
CA LEU A 65 34.55 -10.72 37.52
C LEU A 65 35.90 -11.16 38.10
N ILE A 66 36.13 -12.46 37.97
CA ILE A 66 37.46 -13.07 38.09
C ILE A 66 37.83 -13.62 36.71
N TRP A 67 38.94 -13.13 36.14
CA TRP A 67 39.41 -13.50 34.82
C TRP A 67 40.75 -14.24 34.91
N ARG A 68 40.98 -15.15 33.94
CA ARG A 68 42.23 -15.90 33.89
C ARG A 68 42.49 -16.40 32.47
N ASP A 69 43.73 -16.21 31.98
CA ASP A 69 44.21 -16.67 30.70
C ASP A 69 45.10 -17.88 30.96
N ILE A 70 44.68 -19.06 30.51
CA ILE A 70 45.39 -20.26 30.92
C ILE A 70 46.68 -20.39 30.11
N ASN A 71 46.85 -19.60 29.05
CA ASN A 71 48.10 -19.61 28.29
C ASN A 71 49.08 -18.70 29.04
N THR A 72 48.80 -17.39 29.09
CA THR A 72 49.70 -16.37 29.66
C THR A 72 49.84 -16.55 31.17
N GLY A 73 48.76 -16.98 31.85
CA GLY A 73 48.80 -17.10 33.30
C GLY A 73 48.14 -15.92 34.04
N GLU A 74 48.11 -14.75 33.36
CA GLU A 74 47.46 -13.54 33.85
C GLU A 74 46.13 -13.86 34.52
N GLU A 75 45.87 -13.13 35.61
CA GLU A 75 44.61 -13.09 36.33
C GLU A 75 44.27 -11.61 36.51
N ALA A 76 42.98 -11.31 36.61
CA ALA A 76 42.51 -9.98 36.96
C ALA A 76 41.16 -10.11 37.64
N LYS A 77 40.91 -9.22 38.62
CA LYS A 77 39.73 -9.30 39.46
C LYS A 77 39.09 -7.93 39.50
N LEU A 78 37.78 -7.86 39.17
CA LEU A 78 37.09 -6.58 39.05
C LEU A 78 35.81 -6.64 39.86
N SER A 79 35.65 -5.60 40.70
CA SER A 79 34.44 -5.41 41.46
C SER A 79 33.37 -4.78 40.56
N TYR A 80 32.11 -4.90 41.00
CA TYR A 80 30.99 -4.28 40.30
C TYR A 80 31.25 -2.79 40.06
N HIS A 81 31.93 -2.15 41.01
CA HIS A 81 32.33 -0.75 40.90
C HIS A 81 33.34 -0.58 39.76
N GLU A 82 34.55 -1.15 39.93
CA GLU A 82 35.64 -0.92 38.97
C GLU A 82 35.12 -1.21 37.56
N LEU A 83 34.25 -2.21 37.43
CA LEU A 83 33.71 -2.63 36.14
C LEU A 83 32.79 -1.57 35.56
N SER A 84 31.95 -1.00 36.43
CA SER A 84 31.04 0.06 36.00
C SER A 84 31.84 1.30 35.56
N LEU A 85 32.97 1.56 36.23
CA LEU A 85 33.81 2.70 35.93
C LEU A 85 34.49 2.46 34.60
N MET A 86 35.08 1.29 34.49
CA MET A 86 35.84 0.89 33.32
C MET A 86 34.97 0.97 32.06
N SER A 87 33.71 0.53 32.20
CA SER A 87 32.72 0.58 31.13
C SER A 87 32.38 2.04 30.79
N ASN A 88 32.30 2.93 31.80
CA ASN A 88 31.99 4.33 31.51
C ASN A 88 33.12 4.97 30.71
N ARG A 89 34.38 4.59 30.98
CA ARG A 89 35.53 5.08 30.23
C ARG A 89 35.43 4.64 28.77
N VAL A 90 34.94 3.43 28.55
CA VAL A 90 34.64 2.95 27.20
C VAL A 90 33.63 3.90 26.55
N LEU A 91 32.47 4.02 27.17
CA LEU A 91 31.35 4.79 26.65
C LEU A 91 31.72 6.26 26.51
N SER A 92 32.52 6.81 27.44
CA SER A 92 33.02 8.17 27.28
C SER A 92 33.93 8.27 26.07
N THR A 93 34.85 7.30 25.91
CA THR A 93 35.77 7.26 24.77
C THR A 93 34.97 7.13 23.45
N LEU A 94 33.92 6.29 23.40
CA LEU A 94 33.12 6.10 22.20
C LEU A 94 32.43 7.39 21.79
N ARG A 95 31.77 8.00 22.79
CA ARG A 95 31.01 9.25 22.66
C ARG A 95 31.93 10.37 22.19
N LYS A 96 33.18 10.32 22.67
CA LYS A 96 34.22 11.29 22.37
C LYS A 96 34.58 11.19 20.89
N HIS A 97 34.49 9.98 20.32
CA HIS A 97 34.71 9.73 18.90
C HIS A 97 33.39 9.83 18.11
N GLY A 98 32.39 10.49 18.70
CA GLY A 98 31.18 10.91 18.02
C GLY A 98 30.21 9.76 17.77
N LEU A 99 30.00 8.88 18.75
CA LEU A 99 29.07 7.77 18.60
C LEU A 99 27.74 8.10 19.28
N LYS A 100 26.71 8.24 18.42
CA LYS A 100 25.34 8.46 18.83
C LYS A 100 24.69 7.09 19.07
N LYS A 101 23.49 7.11 19.65
CA LYS A 101 22.66 5.94 19.89
C LYS A 101 22.35 5.29 18.56
N GLY A 102 22.36 3.94 18.54
CA GLY A 102 21.96 3.18 17.37
C GLY A 102 23.13 2.89 16.42
N ASP A 103 24.29 3.54 16.65
CA ASP A 103 25.50 3.35 15.88
C ASP A 103 26.09 1.95 16.06
N VAL A 104 26.68 1.45 14.98
CA VAL A 104 27.11 0.07 14.93
C VAL A 104 28.55 -0.08 15.45
N VAL A 105 28.70 -1.08 16.33
CA VAL A 105 29.98 -1.37 16.95
C VAL A 105 30.29 -2.86 16.84
N TYR A 106 31.30 -3.18 16.04
CA TYR A 106 31.75 -4.55 15.95
C TYR A 106 32.71 -4.78 17.10
N LEU A 107 32.57 -5.95 17.72
CA LEU A 107 33.41 -6.30 18.86
C LEU A 107 33.97 -7.71 18.68
N MET A 108 35.29 -7.70 18.46
CA MET A 108 36.04 -8.91 18.25
C MET A 108 37.17 -8.92 19.27
N THR A 109 36.96 -9.56 20.42
CA THR A 109 38.10 -9.73 21.31
C THR A 109 38.01 -11.08 21.98
N LYS A 110 39.16 -11.51 22.47
CA LYS A 110 39.29 -12.65 23.35
C LYS A 110 38.51 -12.39 24.63
N VAL A 111 38.37 -13.45 25.43
CA VAL A 111 37.83 -13.36 26.76
C VAL A 111 38.81 -12.51 27.58
N HIS A 112 38.29 -11.43 28.18
CA HIS A 112 39.05 -10.38 28.84
C HIS A 112 38.07 -9.47 29.56
N PRO A 113 38.44 -8.85 30.70
CA PRO A 113 37.52 -7.96 31.41
C PRO A 113 36.93 -6.90 30.50
N MET A 114 37.79 -6.34 29.64
CA MET A 114 37.42 -5.24 28.76
C MET A 114 36.29 -5.66 27.79
N HIS A 115 36.07 -6.98 27.66
CA HIS A 115 34.96 -7.47 26.88
C HIS A 115 33.66 -7.11 27.59
N TRP A 116 33.57 -7.50 28.86
CA TRP A 116 32.41 -7.16 29.68
C TRP A 116 32.22 -5.66 29.67
N ALA A 117 33.33 -4.96 29.86
CA ALA A 117 33.32 -3.51 29.82
C ALA A 117 32.61 -2.97 28.58
N VAL A 118 32.99 -3.49 27.42
CA VAL A 118 32.44 -2.95 26.20
C VAL A 118 30.95 -3.28 26.13
N PHE A 119 30.60 -4.53 26.46
CA PHE A 119 29.20 -4.92 26.54
C PHE A 119 28.37 -3.87 27.27
N LEU A 120 28.83 -3.55 28.48
CA LEU A 120 28.13 -2.61 29.34
C LEU A 120 28.05 -1.25 28.65
N ALA A 121 29.17 -0.79 28.09
CA ALA A 121 29.22 0.56 27.55
C ALA A 121 28.20 0.71 26.44
N VAL A 122 28.09 -0.35 25.61
CA VAL A 122 27.14 -0.44 24.50
C VAL A 122 25.70 -0.40 25.00
N ILE A 123 25.36 -1.28 25.96
CA ILE A 123 24.00 -1.39 26.47
C ILE A 123 23.57 -0.04 27.05
N LYS A 124 24.50 0.60 27.77
CA LYS A 124 24.23 1.82 28.51
C LYS A 124 24.05 2.96 27.52
N GLY A 125 24.90 2.94 26.47
CA GLY A 125 24.97 4.02 25.51
C GLY A 125 23.97 3.85 24.38
N GLY A 126 23.22 2.73 24.38
CA GLY A 126 22.18 2.51 23.38
C GLY A 126 22.72 2.29 21.97
N PHE A 127 23.91 1.72 21.89
CA PHE A 127 24.55 1.42 20.63
C PHE A 127 24.08 0.03 20.22
N VAL A 128 24.31 -0.28 18.93
CA VAL A 128 24.11 -1.60 18.36
C VAL A 128 25.48 -2.28 18.29
N MET A 129 25.61 -3.33 19.07
CA MET A 129 26.83 -4.10 19.08
C MET A 129 26.61 -5.32 18.19
N VAL A 130 27.68 -5.65 17.45
CA VAL A 130 27.75 -6.86 16.66
C VAL A 130 28.89 -7.69 17.21
N PRO A 131 28.58 -8.71 18.04
CA PRO A 131 29.58 -9.67 18.48
C PRO A 131 30.20 -10.35 17.27
N SER A 132 31.52 -10.29 17.21
CA SER A 132 32.29 -10.89 16.12
C SER A 132 33.32 -11.86 16.71
N ALA A 133 33.32 -13.09 16.21
CA ALA A 133 34.18 -14.11 16.76
C ALA A 133 35.64 -13.89 16.33
N THR A 134 36.59 -14.41 17.13
CA THR A 134 38.01 -14.19 16.88
C THR A 134 38.58 -15.14 15.81
N ASN A 135 37.83 -16.17 15.39
CA ASN A 135 38.31 -17.09 14.35
C ASN A 135 37.70 -16.76 12.99
N LEU A 136 36.99 -15.63 12.89
CA LEU A 136 36.41 -15.16 11.62
C LEU A 136 37.51 -14.68 10.69
N THR A 137 37.34 -15.05 9.42
CA THR A 137 38.27 -14.76 8.34
C THR A 137 37.99 -13.37 7.78
N VAL A 138 39.01 -12.81 7.12
CA VAL A 138 38.92 -11.53 6.44
C VAL A 138 37.67 -11.50 5.55
N ALA A 139 37.43 -12.62 4.87
CA ALA A 139 36.30 -12.80 3.96
C ALA A 139 34.95 -12.68 4.68
N GLU A 140 34.81 -13.47 5.75
CA GLU A 140 33.60 -13.45 6.54
C GLU A 140 33.36 -12.03 7.07
N MET A 141 34.44 -11.33 7.48
CA MET A 141 34.26 -10.02 8.07
C MET A 141 33.83 -8.97 7.03
N LYS A 142 34.40 -9.06 5.82
CA LYS A 142 33.99 -8.21 4.71
C LYS A 142 32.52 -8.44 4.35
N TYR A 143 32.04 -9.70 4.45
CA TYR A 143 30.63 -10.01 4.21
C TYR A 143 29.76 -9.21 5.17
N ARG A 144 30.17 -9.25 6.45
CA ARG A 144 29.47 -8.56 7.52
C ARG A 144 29.39 -7.06 7.22
N PHE A 145 30.50 -6.47 6.78
CA PHE A 145 30.57 -5.04 6.51
C PHE A 145 29.67 -4.65 5.34
N SER A 146 29.56 -5.52 4.33
CA SER A 146 28.66 -5.28 3.22
C SER A 146 27.22 -5.17 3.76
N ASP A 147 26.90 -6.01 4.77
CA ASP A 147 25.54 -6.19 5.22
C ASP A 147 25.18 -5.11 6.25
N LEU A 148 26.14 -4.76 7.13
CA LEU A 148 25.96 -3.70 8.10
C LEU A 148 27.27 -2.95 8.31
N LYS A 149 27.28 -1.69 7.84
CA LYS A 149 28.47 -0.85 7.88
C LYS A 149 28.80 -0.43 9.31
N PRO A 150 30.08 -0.54 9.72
CA PRO A 150 30.50 -0.17 11.08
C PRO A 150 30.78 1.32 11.29
N SER A 151 30.30 1.85 12.44
CA SER A 151 30.61 3.20 12.91
C SER A 151 31.89 3.15 13.76
N ALA A 152 32.03 2.05 14.49
CA ALA A 152 33.24 1.79 15.22
C ALA A 152 33.51 0.28 15.29
N ILE A 153 34.80 -0.06 15.40
CA ILE A 153 35.17 -1.44 15.62
C ILE A 153 36.25 -1.52 16.70
N ILE A 154 36.20 -2.64 17.43
CA ILE A 154 36.95 -2.82 18.66
C ILE A 154 37.51 -4.23 18.68
N SER A 155 38.84 -4.31 18.83
CA SER A 155 39.53 -5.58 18.73
C SER A 155 40.62 -5.67 19.77
N ASP A 156 41.16 -6.89 19.94
CA ASP A 156 42.44 -7.08 20.62
C ASP A 156 43.55 -6.98 19.59
N SER A 157 44.81 -6.97 20.05
CA SER A 157 45.92 -6.68 19.14
C SER A 157 46.22 -7.92 18.28
N LEU A 158 45.75 -9.07 18.78
CA LEU A 158 45.93 -10.36 18.15
C LEU A 158 45.10 -10.48 16.89
N ARG A 159 44.04 -9.68 16.70
CA ARG A 159 43.17 -9.83 15.55
C ARG A 159 42.91 -8.51 14.86
N ALA A 160 43.87 -7.60 15.00
CA ALA A 160 43.71 -6.24 14.52
C ALA A 160 43.95 -6.21 13.01
N SER A 161 44.94 -6.97 12.57
CA SER A 161 45.26 -7.13 11.15
C SER A 161 44.04 -7.60 10.35
N VAL A 162 43.31 -8.59 10.88
CA VAL A 162 42.11 -9.16 10.24
C VAL A 162 41.05 -8.06 10.07
N MET A 163 40.85 -7.25 11.10
CA MET A 163 39.88 -6.18 10.99
C MET A 163 40.41 -5.12 10.02
N GLU A 164 41.70 -4.80 10.12
CA GLU A 164 42.34 -3.77 9.33
C GLU A 164 42.22 -4.08 7.84
N GLU A 165 42.44 -5.37 7.50
CA GLU A 165 42.36 -5.89 6.14
C GLU A 165 40.90 -5.93 5.67
N ALA A 166 39.97 -6.39 6.50
CA ALA A 166 38.58 -6.52 6.09
C ALA A 166 37.95 -5.15 5.86
N LEU A 167 38.45 -4.17 6.61
CA LEU A 167 38.00 -2.80 6.54
C LEU A 167 38.42 -2.19 5.22
N GLY A 168 39.69 -2.34 4.89
CA GLY A 168 40.16 -1.87 3.61
C GLY A 168 40.31 -0.37 3.58
N SER A 169 39.28 0.38 3.14
CA SER A 169 39.37 1.83 3.00
C SER A 169 38.13 2.55 3.57
N LEU A 170 37.42 1.95 4.54
CA LEU A 170 36.29 2.59 5.18
C LEU A 170 36.85 3.48 6.30
N LYS A 171 36.32 4.71 6.49
CA LYS A 171 36.44 5.41 7.78
C LYS A 171 35.68 4.67 8.87
N VAL A 172 36.39 4.26 9.93
CA VAL A 172 35.76 3.96 11.21
C VAL A 172 36.72 4.33 12.33
N GLU A 173 36.14 4.45 13.53
CA GLU A 173 36.91 4.58 14.75
C GLU A 173 37.28 3.19 15.27
N LYS A 174 38.59 2.99 15.49
CA LYS A 174 39.10 1.67 15.85
C LYS A 174 39.65 1.70 17.27
N PHE A 175 39.55 0.58 17.99
CA PHE A 175 39.97 0.55 19.37
C PHE A 175 40.55 -0.80 19.79
N LEU A 176 41.64 -0.72 20.57
CA LEU A 176 42.35 -1.88 21.12
C LEU A 176 42.12 -1.97 22.63
N ILE A 177 41.88 -3.20 23.06
CA ILE A 177 41.64 -3.51 24.46
C ILE A 177 42.93 -3.89 25.18
N ASP A 178 44.00 -4.19 24.44
CA ASP A 178 45.26 -4.65 24.98
C ASP A 178 46.39 -4.29 24.02
N GLY A 179 47.19 -3.28 24.35
CA GLY A 179 48.32 -2.90 23.53
C GLY A 179 47.96 -1.77 22.56
N LYS A 180 49.03 -1.27 21.92
CA LYS A 180 49.01 -0.18 20.96
C LYS A 180 49.22 -0.70 19.53
N ARG A 181 48.69 0.07 18.59
CA ARG A 181 48.85 -0.22 17.18
C ARG A 181 48.52 1.03 16.39
N GLU A 182 49.22 1.22 15.27
CA GLU A 182 49.14 2.46 14.51
C GLU A 182 47.69 2.67 14.05
N THR A 183 47.13 3.86 14.38
CA THR A 183 45.79 4.32 14.01
C THR A 183 44.68 3.56 14.76
N TRP A 184 45.05 2.81 15.81
CA TRP A 184 44.11 2.32 16.83
C TRP A 184 44.18 3.15 18.11
N ASN A 185 43.03 3.25 18.81
CA ASN A 185 42.93 4.06 20.01
C ASN A 185 42.72 3.18 21.25
N SER A 186 43.06 3.75 22.41
CA SER A 186 42.79 3.21 23.72
C SER A 186 41.33 3.44 24.14
N LEU A 187 40.86 2.64 25.11
CA LEU A 187 39.49 2.72 25.61
C LEU A 187 39.36 3.21 27.07
N GLU A 188 40.50 3.42 27.76
CA GLU A 188 40.46 3.76 29.17
C GLU A 188 41.01 5.16 29.42
N ASP A 189 41.06 6.02 28.40
CA ASP A 189 41.82 7.26 28.53
C ASP A 189 40.87 8.44 28.71
N GLU A 190 39.53 8.28 28.62
CA GLU A 190 38.61 9.37 28.95
C GLU A 190 37.97 9.15 30.33
N SER A 191 37.10 10.10 30.78
CA SER A 191 36.60 10.11 32.15
C SER A 191 35.58 8.98 32.36
N SER A 192 35.55 8.39 33.57
CA SER A 192 34.73 7.24 33.90
C SER A 192 33.36 7.70 34.41
N ASN A 193 32.87 8.83 33.87
CA ASN A 193 31.54 9.35 34.11
C ASN A 193 30.96 9.77 32.76
N ALA A 194 30.11 8.91 32.16
CA ALA A 194 29.08 9.40 31.21
C ALA A 194 27.68 8.88 31.60
N GLU A 195 26.64 9.56 31.11
CA GLU A 195 25.27 9.31 31.55
C GLU A 195 24.59 8.20 30.74
N PRO A 196 23.56 7.50 31.28
CA PRO A 196 22.72 6.57 30.50
C PRO A 196 22.11 7.23 29.25
N GLU A 197 21.94 6.42 28.18
CA GLU A 197 21.03 6.72 27.08
C GLU A 197 19.65 6.19 27.48
N ASP A 198 18.64 7.08 27.48
CA ASP A 198 17.31 6.63 27.86
C ASP A 198 16.71 5.78 26.74
N THR A 199 16.93 4.47 26.82
CA THR A 199 16.55 3.58 25.73
C THR A 199 15.10 3.19 25.96
N ARG A 200 14.38 3.05 24.83
CA ARG A 200 13.15 2.27 24.78
C ARG A 200 13.51 0.80 24.96
N GLY A 201 12.64 0.01 25.59
CA GLY A 201 12.92 -1.39 25.88
C GLY A 201 13.00 -2.23 24.60
N GLU A 202 12.31 -1.76 23.55
CA GLU A 202 12.23 -2.38 22.23
C GLU A 202 13.34 -1.85 21.33
N ASP A 203 14.15 -0.87 21.80
CA ASP A 203 15.29 -0.40 21.03
C ASP A 203 16.32 -1.51 20.83
N VAL A 204 16.95 -1.49 19.64
CA VAL A 204 17.99 -2.47 19.31
C VAL A 204 19.31 -2.13 20.00
N ILE A 205 19.92 -3.19 20.58
CA ILE A 205 21.26 -3.09 21.14
C ILE A 205 22.19 -4.18 20.58
N ILE A 206 21.65 -5.32 20.11
CA ILE A 206 22.51 -6.42 19.67
C ILE A 206 22.07 -6.91 18.28
N ASN A 207 23.06 -7.18 17.41
CA ASN A 207 22.84 -7.95 16.19
C ASN A 207 23.83 -9.11 16.14
N TYR A 208 23.25 -10.31 15.98
CA TYR A 208 23.98 -11.56 15.83
C TYR A 208 23.85 -12.10 14.39
N PHE A 209 24.96 -12.17 13.64
CA PHE A 209 24.98 -12.84 12.33
C PHE A 209 24.84 -14.35 12.55
N THR A 210 23.71 -14.96 12.14
CA THR A 210 23.53 -16.39 12.34
C THR A 210 23.18 -17.09 11.02
N SER A 211 23.62 -18.34 10.96
CA SER A 211 23.49 -19.15 9.76
C SER A 211 22.04 -19.65 9.63
N GLY A 212 21.54 -19.74 8.39
CA GLY A 212 20.24 -20.31 8.07
C GLY A 212 20.40 -21.48 7.09
N THR A 213 19.30 -22.09 6.67
CA THR A 213 19.37 -23.25 5.78
C THR A 213 19.38 -22.82 4.32
N THR A 214 19.09 -21.56 4.03
CA THR A 214 18.85 -21.15 2.67
C THR A 214 19.97 -20.28 2.14
N GLY A 215 20.31 -19.19 2.82
CA GLY A 215 21.21 -18.25 2.18
C GLY A 215 22.45 -18.00 3.02
N MET A 216 23.07 -16.84 2.75
CA MET A 216 24.16 -16.37 3.59
C MET A 216 23.63 -15.98 5.00
N PRO A 217 24.53 -15.87 6.01
CA PRO A 217 24.08 -15.54 7.37
C PRO A 217 23.52 -14.12 7.51
N LYS A 218 22.41 -14.01 8.28
CA LYS A 218 21.70 -12.76 8.45
C LYS A 218 21.77 -12.34 9.92
N ARG A 219 21.38 -11.09 10.20
CA ARG A 219 21.43 -10.56 11.54
C ARG A 219 20.13 -10.92 12.24
N VAL A 220 20.28 -11.47 13.46
CA VAL A 220 19.21 -11.66 14.43
C VAL A 220 19.19 -10.40 15.30
N ILE A 221 17.99 -9.79 15.50
CA ILE A 221 17.93 -8.49 16.15
C ILE A 221 17.36 -8.62 17.56
N HIS A 222 18.19 -8.28 18.57
CA HIS A 222 17.79 -8.24 19.98
C HIS A 222 17.76 -6.82 20.58
N THR A 223 16.82 -6.65 21.52
CA THR A 223 16.48 -5.35 22.11
C THR A 223 17.00 -5.22 23.56
N ALA A 224 16.73 -4.05 24.14
CA ALA A 224 17.19 -3.67 25.47
C ALA A 224 16.47 -4.44 26.57
N VAL A 225 15.46 -5.28 26.21
CA VAL A 225 14.75 -6.18 27.12
C VAL A 225 14.81 -7.64 26.67
N SER A 226 14.88 -7.92 25.36
CA SER A 226 14.73 -9.29 24.89
C SER A 226 15.82 -10.15 25.53
N TYR A 227 17.10 -9.73 25.43
CA TYR A 227 18.19 -10.44 26.08
C TYR A 227 18.29 -10.00 27.55
N PRO A 228 18.41 -8.69 27.83
CA PRO A 228 18.63 -8.24 29.21
C PRO A 228 17.57 -8.72 30.21
N VAL A 229 16.36 -9.02 29.73
CA VAL A 229 15.26 -9.46 30.59
C VAL A 229 14.82 -10.88 30.20
N GLY A 230 14.81 -11.25 28.90
CA GLY A 230 14.59 -12.64 28.52
C GLY A 230 15.48 -13.57 29.32
N SER A 231 16.78 -13.20 29.52
CA SER A 231 17.79 -14.10 30.08
C SER A 231 17.36 -14.65 31.44
N ILE A 232 16.41 -14.00 32.11
CA ILE A 232 15.64 -14.59 33.21
C ILE A 232 15.37 -16.07 32.94
N THR A 233 14.73 -16.37 31.81
CA THR A 233 14.38 -17.73 31.50
C THR A 233 15.63 -18.62 31.59
N THR A 234 16.72 -18.11 31.02
CA THR A 234 18.00 -18.80 31.03
C THR A 234 18.48 -18.99 32.48
N ALA A 235 18.65 -17.85 33.16
CA ALA A 235 19.11 -17.80 34.54
C ALA A 235 18.34 -18.76 35.42
N SER A 236 17.01 -18.84 35.17
CA SER A 236 16.09 -19.67 35.93
C SER A 236 16.30 -21.15 35.65
N ILE A 237 16.49 -21.51 34.41
CA ILE A 237 16.83 -22.89 34.16
C ILE A 237 18.20 -23.23 34.73
N VAL A 238 19.16 -22.33 34.48
CA VAL A 238 20.55 -22.57 34.88
C VAL A 238 20.65 -22.75 36.40
N GLY A 239 19.89 -21.93 37.13
CA GLY A 239 19.90 -21.97 38.58
C GLY A 239 21.07 -21.20 39.19
N VAL A 240 21.53 -20.13 38.50
CA VAL A 240 22.56 -19.23 39.02
C VAL A 240 22.02 -18.29 40.10
N ARG A 241 22.79 -18.16 41.20
CA ARG A 241 22.40 -17.39 42.37
C ARG A 241 23.36 -16.23 42.55
N GLU A 242 23.03 -15.37 43.53
CA GLU A 242 23.93 -14.30 43.94
C GLU A 242 25.21 -14.85 44.57
N SER A 243 25.08 -15.95 45.33
CA SER A 243 26.17 -16.57 46.06
C SER A 243 27.20 -17.14 45.09
N ASP A 244 26.85 -17.39 43.82
CA ASP A 244 27.62 -18.27 42.94
C ASP A 244 28.87 -17.62 42.33
N LEU A 245 29.88 -18.47 42.09
CA LEU A 245 30.93 -18.19 41.14
C LEU A 245 30.67 -18.99 39.87
N HIS A 246 30.29 -18.26 38.82
CA HIS A 246 29.72 -18.85 37.62
C HIS A 246 30.63 -18.69 36.41
N LEU A 247 30.96 -19.84 35.79
CA LEU A 247 31.76 -19.89 34.56
C LEU A 247 30.97 -20.52 33.39
N ASN A 248 31.07 -19.91 32.19
CA ASN A 248 30.55 -20.52 30.96
C ASN A 248 31.69 -20.73 29.98
N LEU A 249 32.01 -21.99 29.63
CA LEU A 249 32.95 -22.31 28.55
C LEU A 249 32.32 -22.02 27.21
N SER A 250 32.69 -20.88 26.61
CA SER A 250 32.01 -20.39 25.43
C SER A 250 32.81 -19.19 24.89
N ALA A 251 32.64 -18.88 23.61
CA ALA A 251 33.55 -17.98 22.91
C ALA A 251 32.87 -16.64 22.67
N THR A 252 33.63 -15.67 22.14
CA THR A 252 33.30 -14.26 22.33
C THR A 252 32.28 -13.73 21.33
N GLY A 253 32.05 -14.42 20.22
CA GLY A 253 31.24 -13.75 19.20
C GLY A 253 29.80 -14.27 19.13
N TRP A 254 29.32 -14.96 20.17
CA TRP A 254 28.12 -15.78 20.05
C TRP A 254 27.12 -15.47 21.18
N ALA A 255 25.92 -16.03 21.02
CA ALA A 255 24.80 -15.82 21.90
C ALA A 255 25.05 -16.43 23.27
N LYS A 256 25.67 -17.63 23.36
CA LYS A 256 25.78 -18.31 24.65
C LYS A 256 26.60 -17.48 25.61
N PHE A 257 27.43 -16.57 25.09
CA PHE A 257 28.24 -15.72 25.95
C PHE A 257 27.33 -14.69 26.60
N ALA A 258 26.56 -13.98 25.76
CA ALA A 258 25.54 -13.07 26.29
C ALA A 258 24.73 -13.81 27.33
N TRP A 259 24.28 -15.01 26.97
CA TRP A 259 23.43 -15.82 27.83
C TRP A 259 24.01 -16.01 29.22
N SER A 260 25.21 -16.62 29.33
CA SER A 260 25.66 -17.18 30.59
C SER A 260 27.00 -16.62 31.05
N SER A 261 27.75 -15.97 30.16
CA SER A 261 28.99 -15.34 30.58
C SER A 261 28.74 -13.90 31.06
N PHE A 262 27.54 -13.39 30.73
CA PHE A 262 27.21 -11.99 30.95
C PHE A 262 25.89 -11.82 31.68
N PHE A 263 24.75 -11.96 30.97
CA PHE A 263 23.47 -11.55 31.51
C PHE A 263 23.08 -12.41 32.71
N SER A 264 22.97 -13.73 32.53
CA SER A 264 22.40 -14.60 33.57
C SER A 264 23.13 -14.40 34.92
N PRO A 265 24.48 -14.35 34.99
CA PRO A 265 25.16 -14.07 36.25
C PRO A 265 25.01 -12.64 36.83
N LEU A 266 25.04 -11.63 35.96
CA LEU A 266 24.98 -10.24 36.42
C LEU A 266 23.54 -9.86 36.79
N LEU A 267 22.54 -10.54 36.23
CA LEU A 267 21.16 -10.38 36.69
C LEU A 267 21.04 -10.63 38.20
N VAL A 268 21.65 -11.72 38.69
CA VAL A 268 21.47 -12.17 40.06
C VAL A 268 22.61 -11.71 40.97
N GLY A 269 23.54 -10.86 40.47
CA GLY A 269 24.58 -10.27 41.28
C GLY A 269 25.68 -11.26 41.69
N ALA A 270 25.88 -12.29 40.86
CA ALA A 270 26.86 -13.32 41.15
C ALA A 270 28.28 -12.85 40.76
N THR A 271 29.29 -13.66 41.07
CA THR A 271 30.65 -13.44 40.57
C THR A 271 30.83 -14.23 39.28
N VAL A 272 31.10 -13.52 38.17
CA VAL A 272 31.40 -14.14 36.89
C VAL A 272 32.83 -14.64 36.95
N VAL A 273 33.04 -15.84 36.40
CA VAL A 273 34.39 -16.35 36.21
C VAL A 273 34.60 -16.48 34.70
N GLY A 274 35.66 -15.88 34.17
CA GLY A 274 35.94 -15.91 32.75
C GLY A 274 37.35 -16.46 32.51
N ILE A 275 37.49 -17.48 31.62
CA ILE A 275 38.77 -18.08 31.24
C ILE A 275 38.96 -18.00 29.74
N ASN A 276 40.11 -17.44 29.37
CA ASN A 276 40.58 -17.22 28.01
C ASN A 276 41.65 -18.26 27.67
N TYR A 277 41.56 -18.78 26.45
CA TYR A 277 42.61 -19.63 25.89
C TYR A 277 42.66 -19.42 24.39
N GLU A 278 43.85 -19.44 23.83
CA GLU A 278 44.05 -19.45 22.40
C GLU A 278 44.24 -20.89 21.94
N GLY A 279 43.73 -21.10 20.73
CA GLY A 279 43.93 -22.36 20.07
C GLY A 279 43.13 -23.44 20.77
N LYS A 280 43.78 -24.60 20.86
CA LYS A 280 43.07 -25.80 21.23
C LYS A 280 42.87 -25.76 22.74
N LEU A 281 41.70 -26.25 23.13
CA LEU A 281 41.34 -26.41 24.52
C LEU A 281 42.20 -27.51 25.14
N ASP A 282 42.83 -27.15 26.26
CA ASP A 282 43.50 -28.10 27.09
C ASP A 282 42.49 -28.62 28.10
N THR A 283 41.85 -29.78 27.86
CA THR A 283 40.80 -30.22 28.78
C THR A 283 41.26 -30.17 30.25
N ARG A 284 42.41 -30.78 30.56
CA ARG A 284 42.84 -30.90 31.95
C ARG A 284 43.09 -29.52 32.57
N ARG A 285 43.80 -28.66 31.84
CA ARG A 285 44.20 -27.36 32.35
C ARG A 285 42.98 -26.50 32.73
N TYR A 286 41.93 -26.56 31.86
CA TYR A 286 40.70 -25.80 32.06
C TYR A 286 39.99 -26.31 33.32
N LEU A 287 39.95 -27.63 33.48
CA LEU A 287 39.22 -28.20 34.60
C LEU A 287 39.96 -27.96 35.88
N GLY A 288 41.30 -27.95 35.82
CA GLY A 288 42.14 -27.54 36.94
C GLY A 288 41.83 -26.11 37.38
N GLU A 289 41.65 -25.20 36.42
CA GLU A 289 41.32 -23.81 36.70
C GLU A 289 39.90 -23.62 37.23
N VAL A 290 38.99 -24.52 36.81
CA VAL A 290 37.67 -24.53 37.43
C VAL A 290 37.76 -24.80 38.94
N GLU A 291 38.39 -25.93 39.32
CA GLU A 291 38.55 -26.36 40.69
C GLU A 291 39.36 -25.33 41.48
N ASN A 292 40.47 -24.88 40.89
CA ASN A 292 41.41 -23.95 41.50
C ASN A 292 40.75 -22.61 41.83
N LEU A 293 39.72 -22.19 41.07
CA LEU A 293 39.07 -20.91 41.31
C LEU A 293 37.74 -21.13 42.02
N GLY A 294 37.44 -22.38 42.38
CA GLY A 294 36.25 -22.75 43.13
C GLY A 294 34.96 -22.26 42.48
N VAL A 295 34.86 -22.48 41.19
CA VAL A 295 33.60 -22.22 40.54
C VAL A 295 32.55 -23.10 41.21
N THR A 296 31.30 -22.58 41.23
CA THR A 296 30.16 -23.27 41.81
C THR A 296 29.11 -23.61 40.75
N SER A 297 28.94 -22.73 39.75
CA SER A 297 28.04 -22.97 38.64
C SER A 297 28.86 -22.94 37.36
N PHE A 298 28.76 -24.02 36.55
CA PHE A 298 29.50 -24.17 35.31
C PHE A 298 28.58 -24.62 34.17
N CYS A 299 28.51 -23.82 33.10
CA CYS A 299 27.85 -24.21 31.86
C CYS A 299 28.91 -24.50 30.83
N ALA A 300 28.87 -25.70 30.25
CA ALA A 300 29.74 -26.05 29.11
C ALA A 300 28.92 -26.76 28.04
N PRO A 301 29.31 -26.71 26.74
CA PRO A 301 28.62 -27.45 25.68
C PRO A 301 28.92 -28.96 25.68
N PRO A 302 28.00 -29.84 25.21
CA PRO A 302 28.22 -31.28 25.21
C PRO A 302 29.56 -31.67 24.56
N THR A 303 30.00 -30.87 23.59
CA THR A 303 31.31 -31.06 22.97
C THR A 303 32.42 -31.06 24.02
N ALA A 304 32.40 -30.02 24.84
CA ALA A 304 33.31 -29.94 25.96
C ALA A 304 33.09 -31.11 26.92
N TRP A 305 31.84 -31.40 27.26
CA TRP A 305 31.52 -32.41 28.26
C TRP A 305 32.03 -33.76 27.82
N ARG A 306 31.86 -34.05 26.51
CA ARG A 306 32.30 -35.30 25.93
C ARG A 306 33.81 -35.44 26.14
N GLN A 307 34.54 -34.33 26.01
CA GLN A 307 36.00 -34.36 26.14
C GLN A 307 36.44 -34.47 27.61
N PHE A 308 35.61 -33.97 28.53
CA PHE A 308 36.00 -33.90 29.92
C PHE A 308 35.98 -35.30 30.49
N ILE A 309 34.97 -36.09 30.10
CA ILE A 309 34.69 -37.37 30.74
C ILE A 309 35.72 -38.40 30.33
N THR A 310 36.60 -38.03 29.39
CA THR A 310 37.66 -38.91 28.90
C THR A 310 38.93 -38.65 29.72
N LEU A 311 38.87 -37.67 30.60
CA LEU A 311 40.01 -37.42 31.47
C LEU A 311 39.99 -38.47 32.56
N ASP A 312 41.13 -38.60 33.26
CA ASP A 312 41.18 -39.29 34.53
C ASP A 312 40.61 -38.33 35.54
N LEU A 313 39.38 -38.59 36.01
CA LEU A 313 38.63 -37.61 36.77
C LEU A 313 38.85 -37.75 38.29
N ASP A 314 39.76 -38.66 38.67
CA ASP A 314 40.13 -38.87 40.06
C ASP A 314 41.13 -37.81 40.49
N GLN A 315 41.66 -37.04 39.52
CA GLN A 315 42.56 -35.94 39.79
C GLN A 315 41.79 -34.73 40.32
N PHE A 316 40.45 -34.79 40.49
CA PHE A 316 39.66 -33.62 40.89
C PHE A 316 38.69 -33.97 42.01
N ARG A 317 38.44 -33.00 42.91
CA ARG A 317 37.43 -33.09 43.95
C ARG A 317 36.18 -32.28 43.56
N PHE A 318 36.37 -31.03 43.12
CA PHE A 318 35.31 -30.08 42.83
C PHE A 318 34.39 -29.92 44.05
N GLU A 319 34.95 -29.68 45.24
CA GLU A 319 34.13 -29.69 46.46
C GLU A 319 33.19 -28.49 46.43
N ARG A 320 33.53 -27.48 45.62
CA ARG A 320 32.94 -26.16 45.64
C ARG A 320 31.91 -26.02 44.52
N LEU A 321 31.93 -26.98 43.57
CA LEU A 321 31.05 -26.98 42.42
C LEU A 321 29.71 -27.60 42.82
N ARG A 322 28.62 -26.85 42.55
CA ARG A 322 27.28 -27.24 42.95
C ARG A 322 26.33 -27.41 41.75
N SER A 323 26.48 -26.61 40.66
CA SER A 323 25.60 -26.63 39.48
C SER A 323 26.42 -26.90 38.21
N VAL A 324 25.96 -27.84 37.36
CA VAL A 324 26.58 -28.11 36.07
C VAL A 324 25.50 -28.24 34.99
N VAL A 325 25.71 -27.53 33.87
CA VAL A 325 24.69 -27.39 32.83
C VAL A 325 25.30 -27.47 31.43
N SER A 326 24.47 -27.85 30.43
CA SER A 326 24.89 -28.02 29.03
C SER A 326 23.83 -27.41 28.11
N ALA A 327 24.25 -26.92 26.94
CA ALA A 327 23.32 -26.36 25.98
C ALA A 327 23.89 -26.27 24.56
N GLY A 328 23.01 -26.40 23.55
CA GLY A 328 23.35 -26.14 22.16
C GLY A 328 23.31 -27.39 21.27
N GLU A 329 23.40 -28.56 21.90
CA GLU A 329 23.33 -29.86 21.27
C GLU A 329 22.81 -30.84 22.31
N PRO A 330 22.40 -32.06 21.92
CA PRO A 330 21.90 -33.00 22.91
C PRO A 330 23.03 -33.54 23.78
N LEU A 331 22.61 -34.06 24.94
CA LEU A 331 23.52 -34.49 25.98
C LEU A 331 23.29 -35.97 26.20
N ASN A 332 24.27 -36.70 25.70
CA ASN A 332 24.35 -38.15 25.78
C ASN A 332 24.03 -38.58 27.21
N PRO A 333 23.06 -39.48 27.43
CA PRO A 333 22.80 -40.05 28.76
C PRO A 333 24.02 -40.63 29.47
N GLU A 334 25.02 -41.04 28.67
CA GLU A 334 26.15 -41.75 29.24
C GLU A 334 27.15 -40.74 29.82
N VAL A 335 27.17 -39.54 29.22
CA VAL A 335 27.97 -38.44 29.72
C VAL A 335 27.45 -38.04 31.08
N ILE A 336 26.12 -37.85 31.14
CA ILE A 336 25.46 -37.36 32.34
C ILE A 336 25.81 -38.26 33.52
N LYS A 337 25.74 -39.58 33.25
CA LYS A 337 25.90 -40.63 34.23
C LYS A 337 27.34 -40.71 34.75
N ILE A 338 28.32 -40.63 33.87
CA ILE A 338 29.70 -40.76 34.29
C ILE A 338 30.06 -39.63 35.24
N TRP A 339 29.59 -38.42 34.92
CA TRP A 339 29.95 -37.23 35.70
C TRP A 339 29.25 -37.27 37.06
N LYS A 340 28.01 -37.76 37.06
CA LYS A 340 27.25 -37.95 38.27
C LYS A 340 27.92 -38.99 39.17
N ASP A 341 28.22 -40.18 38.65
CA ASP A 341 28.77 -41.27 39.44
C ASP A 341 30.04 -40.79 40.16
N LYS A 342 30.78 -39.88 39.51
CA LYS A 342 32.06 -39.41 40.03
C LYS A 342 31.88 -38.27 41.02
N PHE A 343 31.28 -37.14 40.58
CA PHE A 343 31.26 -35.91 41.36
C PHE A 343 29.91 -35.62 42.03
N ASN A 344 28.93 -36.47 41.73
CA ASN A 344 27.60 -36.45 42.35
C ASN A 344 26.85 -35.17 41.96
N LEU A 345 26.86 -34.88 40.66
CA LEU A 345 26.25 -33.72 40.06
C LEU A 345 25.58 -34.15 38.76
N THR A 346 24.41 -33.60 38.47
CA THR A 346 23.69 -33.89 37.23
C THR A 346 23.95 -32.74 36.25
N ILE A 347 24.41 -33.07 35.04
CA ILE A 347 24.59 -32.07 33.99
C ILE A 347 23.25 -31.82 33.32
N ARG A 348 22.69 -30.63 33.60
CA ARG A 348 21.31 -30.33 33.27
C ARG A 348 21.29 -29.66 31.91
N ASP A 349 20.74 -30.39 30.94
CA ASP A 349 20.68 -29.93 29.57
C ASP A 349 19.51 -28.95 29.43
N PHE A 350 19.67 -27.97 28.51
CA PHE A 350 18.61 -27.02 28.22
C PHE A 350 18.77 -26.42 26.83
N TYR A 351 17.72 -25.77 26.32
CA TYR A 351 17.51 -25.54 24.88
C TYR A 351 17.19 -24.07 24.58
N GLY A 352 17.68 -23.62 23.43
CA GLY A 352 17.42 -22.27 22.96
C GLY A 352 18.24 -21.98 21.70
N GLN A 353 18.03 -20.78 21.12
CA GLN A 353 18.67 -20.34 19.89
C GLN A 353 19.09 -18.87 20.02
N THR A 354 19.92 -18.44 19.07
CA THR A 354 20.34 -17.05 19.01
C THR A 354 19.07 -16.18 18.98
N GLU A 355 18.06 -16.62 18.22
CA GLU A 355 16.81 -15.90 18.07
C GLU A 355 16.05 -15.72 19.41
N THR A 356 16.35 -16.57 20.39
CA THR A 356 15.60 -16.56 21.64
C THR A 356 16.54 -16.46 22.85
N THR A 357 15.93 -16.55 24.03
CA THR A 357 16.59 -17.00 25.25
C THR A 357 16.24 -18.47 25.46
N ALA A 358 16.60 -18.99 26.63
CA ALA A 358 16.32 -20.39 26.91
C ALA A 358 14.82 -20.59 26.91
N MET A 359 14.38 -21.64 26.18
CA MET A 359 12.97 -21.86 25.98
C MET A 359 12.50 -23.12 26.69
N VAL A 360 13.41 -24.08 26.85
CA VAL A 360 13.08 -25.35 27.46
C VAL A 360 14.31 -25.81 28.22
N GLY A 361 14.13 -26.49 29.35
CA GLY A 361 15.27 -26.80 30.18
C GLY A 361 14.92 -27.67 31.39
N ASN A 362 15.91 -28.50 31.82
CA ASN A 362 15.85 -29.18 33.12
C ASN A 362 16.33 -28.18 34.19
N PHE A 363 15.35 -27.59 34.88
CA PHE A 363 15.57 -26.69 35.99
C PHE A 363 16.16 -27.47 37.15
N PRO A 364 16.71 -26.75 38.16
CA PRO A 364 17.34 -27.36 39.34
C PRO A 364 16.44 -28.38 40.04
N PHE A 365 15.14 -28.05 40.12
CA PHE A 365 14.14 -28.78 40.90
C PHE A 365 13.41 -29.85 40.09
N LEU A 366 13.84 -30.05 38.83
CA LEU A 366 13.15 -30.92 37.89
C LEU A 366 13.92 -32.23 37.77
N LYS A 367 13.22 -33.35 37.99
CA LYS A 367 13.79 -34.69 37.85
C LYS A 367 14.18 -34.90 36.40
N VAL A 368 15.44 -35.26 36.15
CA VAL A 368 15.96 -35.34 34.80
C VAL A 368 15.57 -36.69 34.20
N LYS A 369 14.98 -36.67 33.00
CA LYS A 369 14.85 -37.90 32.20
C LYS A 369 15.93 -37.82 31.12
N PRO A 370 16.92 -38.75 31.06
CA PRO A 370 18.09 -38.58 30.20
C PRO A 370 17.75 -38.51 28.71
N GLY A 371 18.47 -37.63 28.01
CA GLY A 371 18.20 -37.29 26.62
C GLY A 371 16.91 -36.48 26.43
N SER A 372 16.44 -35.81 27.48
CA SER A 372 15.36 -34.85 27.39
C SER A 372 15.85 -33.49 27.88
N MET A 373 15.55 -32.45 27.10
CA MET A 373 15.91 -31.07 27.38
C MET A 373 14.95 -30.46 28.41
N GLY A 374 14.04 -31.28 28.94
CA GLY A 374 13.15 -30.91 30.03
C GLY A 374 11.82 -30.40 29.54
N LYS A 375 11.31 -29.40 30.27
CA LYS A 375 10.00 -28.84 30.01
C LYS A 375 10.12 -27.38 29.61
N PRO A 376 9.08 -26.83 28.93
CA PRO A 376 9.09 -25.43 28.57
C PRO A 376 9.12 -24.46 29.77
N HIS A 377 9.89 -23.38 29.59
CA HIS A 377 9.85 -22.27 30.53
C HIS A 377 8.51 -21.54 30.36
N PRO A 378 7.80 -21.25 31.46
CA PRO A 378 6.45 -20.70 31.34
C PRO A 378 6.35 -19.31 30.69
N LEU A 379 7.49 -18.65 30.49
CA LEU A 379 7.50 -17.36 29.82
C LEU A 379 7.47 -17.48 28.28
N TYR A 380 7.66 -18.71 27.75
CA TYR A 380 7.41 -19.04 26.34
C TYR A 380 6.19 -19.97 26.24
N ASP A 381 5.31 -19.70 25.26
CA ASP A 381 4.22 -20.61 24.95
C ASP A 381 4.70 -21.57 23.85
N ILE A 382 5.26 -22.72 24.28
CA ILE A 382 5.91 -23.67 23.38
C ILE A 382 4.89 -24.70 22.88
N ARG A 383 4.81 -24.86 21.54
CA ARG A 383 3.92 -25.83 20.94
C ARG A 383 4.59 -26.67 19.84
N LEU A 384 4.34 -27.98 19.86
CA LEU A 384 4.64 -28.83 18.71
C LEU A 384 3.51 -28.70 17.69
N LEU A 385 3.87 -28.29 16.49
CA LEU A 385 2.93 -28.27 15.38
C LEU A 385 3.33 -29.33 14.36
N ASP A 386 2.32 -29.90 13.66
CA ASP A 386 2.58 -30.83 12.57
C ASP A 386 2.78 -30.01 11.29
N ASP A 387 2.88 -30.73 10.16
CA ASP A 387 3.19 -30.16 8.84
C ASP A 387 2.10 -29.19 8.38
N GLU A 388 0.85 -29.46 8.78
CA GLU A 388 -0.27 -28.62 8.39
C GLU A 388 -0.37 -27.43 9.34
N GLY A 389 0.39 -27.45 10.45
CA GLY A 389 0.39 -26.33 11.38
C GLY A 389 -0.67 -26.41 12.46
N LYS A 390 -1.31 -27.59 12.59
CA LYS A 390 -2.22 -27.93 13.69
C LYS A 390 -1.41 -28.40 14.90
N GLU A 391 -1.91 -28.10 16.09
CA GLU A 391 -1.14 -28.33 17.31
C GLU A 391 -1.12 -29.82 17.68
N ILE A 392 0.08 -30.33 18.01
CA ILE A 392 0.23 -31.73 18.39
C ILE A 392 -0.10 -31.90 19.87
N THR A 393 -1.06 -32.77 20.19
CA THR A 393 -1.44 -33.08 21.57
C THR A 393 -1.48 -34.61 21.70
N LYS A 394 -0.42 -35.25 21.21
CA LYS A 394 -0.21 -36.68 21.40
C LYS A 394 1.25 -36.95 21.77
N PRO A 395 1.52 -37.70 22.87
CA PRO A 395 2.87 -38.19 23.17
C PRO A 395 3.55 -38.95 22.04
N TYR A 396 4.86 -38.74 21.90
CA TYR A 396 5.76 -39.54 21.06
C TYR A 396 5.53 -39.20 19.59
N GLU A 397 4.82 -38.10 19.31
CA GLU A 397 4.61 -37.63 17.96
C GLU A 397 5.50 -36.42 17.74
N VAL A 398 6.30 -36.52 16.68
CA VAL A 398 7.28 -35.51 16.35
C VAL A 398 6.63 -34.33 15.63
N GLY A 399 7.21 -33.16 15.80
CA GLY A 399 6.68 -31.97 15.17
C GLY A 399 7.70 -30.85 15.25
N HIS A 400 7.27 -29.66 14.78
CA HIS A 400 8.07 -28.46 14.80
C HIS A 400 7.92 -27.78 16.17
N ILE A 401 9.07 -27.45 16.77
CA ILE A 401 9.05 -26.59 17.95
C ILE A 401 8.72 -25.16 17.50
N THR A 402 7.67 -24.58 18.12
CA THR A 402 7.21 -23.24 17.81
C THR A 402 6.93 -22.46 19.08
N VAL A 403 6.90 -21.13 18.91
CA VAL A 403 6.65 -20.18 19.97
C VAL A 403 5.41 -19.41 19.58
N LYS A 404 4.43 -19.36 20.47
CA LYS A 404 3.20 -18.62 20.22
C LYS A 404 3.45 -17.11 20.41
N LEU A 405 2.92 -16.29 19.48
CA LEU A 405 3.30 -14.89 19.30
C LEU A 405 2.26 -13.93 19.85
N ASN A 406 1.03 -14.37 20.11
CA ASN A 406 0.09 -13.54 20.87
C ASN A 406 -0.16 -14.24 22.21
N PRO A 407 0.19 -13.65 23.38
CA PRO A 407 1.11 -12.50 23.48
C PRO A 407 2.54 -12.82 23.12
N ARG A 408 3.24 -11.79 22.66
CA ARG A 408 4.59 -11.97 22.13
C ARG A 408 5.58 -12.11 23.27
N PRO A 409 6.24 -13.29 23.49
CA PRO A 409 7.14 -13.46 24.64
C PRO A 409 8.25 -12.43 24.61
N ILE A 410 8.88 -12.22 25.77
CA ILE A 410 9.74 -11.07 25.93
C ILE A 410 11.13 -11.33 25.33
N GLY A 411 11.65 -12.55 25.52
CA GLY A 411 13.02 -12.88 25.11
C GLY A 411 13.20 -13.16 23.60
N LEU A 412 12.12 -13.11 22.80
CA LEU A 412 12.16 -13.42 21.37
C LEU A 412 12.69 -12.23 20.57
N PHE A 413 13.63 -12.49 19.64
CA PHE A 413 14.22 -11.45 18.82
C PHE A 413 13.12 -10.72 18.06
N LEU A 414 13.48 -9.55 17.54
CA LEU A 414 12.54 -8.71 16.82
C LEU A 414 12.22 -9.35 15.48
N GLY A 415 13.27 -9.93 14.89
CA GLY A 415 13.23 -10.59 13.60
C GLY A 415 14.63 -10.62 13.00
N TYR A 416 14.75 -11.10 11.75
CA TYR A 416 15.97 -11.06 10.99
C TYR A 416 16.05 -9.74 10.24
N SER A 417 17.26 -9.35 9.81
CA SER A 417 17.49 -8.28 8.85
C SER A 417 17.06 -8.69 7.44
N ASP A 418 16.48 -9.88 7.30
CA ASP A 418 15.99 -10.37 6.04
C ASP A 418 14.48 -10.60 6.11
N GLU A 419 13.74 -9.82 5.30
CA GLU A 419 12.29 -9.78 5.42
C GLU A 419 11.67 -11.05 4.85
N LYS A 420 12.38 -11.70 3.92
CA LYS A 420 11.87 -12.94 3.35
C LYS A 420 11.95 -14.03 4.42
N LYS A 421 13.03 -14.01 5.22
CA LYS A 421 13.30 -15.07 6.18
C LYS A 421 12.36 -14.93 7.37
N ASN A 422 11.91 -13.69 7.62
CA ASN A 422 10.86 -13.40 8.59
C ASN A 422 9.55 -14.02 8.12
N MET A 423 9.30 -13.99 6.81
CA MET A 423 8.03 -14.44 6.26
C MET A 423 7.93 -15.97 6.35
N GLU A 424 9.08 -16.65 6.26
CA GLU A 424 9.14 -18.10 6.41
C GLU A 424 9.06 -18.52 7.88
N SER A 425 9.71 -17.78 8.81
CA SER A 425 9.86 -18.22 10.19
C SER A 425 8.67 -17.83 11.08
N PHE A 426 8.08 -16.64 10.87
CA PHE A 426 6.94 -16.19 11.65
C PHE A 426 5.69 -16.26 10.77
N ARG A 427 4.73 -17.11 11.15
CA ARG A 427 3.54 -17.26 10.34
C ARG A 427 2.43 -18.02 11.05
N GLU A 428 1.20 -17.59 10.73
CA GLU A 428 -0.06 -18.01 11.34
C GLU A 428 0.08 -17.91 12.86
N GLY A 429 0.78 -16.85 13.29
CA GLY A 429 0.90 -16.47 14.68
C GLY A 429 1.81 -17.41 15.45
N TYR A 430 2.82 -17.94 14.78
CA TYR A 430 3.87 -18.70 15.47
C TYR A 430 5.23 -18.39 14.86
N TYR A 431 6.26 -18.42 15.71
CA TYR A 431 7.62 -18.42 15.23
C TYR A 431 8.09 -19.86 15.23
N TYR A 432 8.59 -20.33 14.07
CA TYR A 432 9.13 -21.68 13.95
C TYR A 432 10.62 -21.65 14.26
N THR A 433 11.08 -22.51 15.17
CA THR A 433 12.48 -22.58 15.54
C THR A 433 13.29 -23.34 14.48
N GLY A 434 12.58 -24.13 13.65
CA GLY A 434 13.21 -25.06 12.73
C GLY A 434 13.86 -26.23 13.45
N ASP A 435 13.40 -26.55 14.67
CA ASP A 435 13.81 -27.74 15.39
C ASP A 435 12.60 -28.67 15.52
N LYS A 436 12.90 -29.96 15.61
CA LYS A 436 11.86 -30.97 15.69
C LYS A 436 12.07 -31.77 16.96
N ALA A 437 10.93 -32.20 17.52
CA ALA A 437 10.93 -32.82 18.83
C ALA A 437 9.67 -33.64 19.00
N TYR A 438 9.64 -34.49 20.03
CA TYR A 438 8.40 -35.04 20.56
C TYR A 438 8.35 -34.81 22.08
N PHE A 439 7.16 -34.85 22.69
CA PHE A 439 7.03 -34.77 24.15
C PHE A 439 6.47 -36.10 24.64
N ASP A 440 6.55 -36.34 25.96
CA ASP A 440 6.08 -37.58 26.56
C ASP A 440 4.85 -37.28 27.41
N GLU A 441 4.49 -38.26 28.26
CA GLU A 441 3.23 -38.27 28.97
C GLU A 441 3.27 -37.28 30.14
N GLU A 442 4.49 -36.86 30.53
CA GLU A 442 4.70 -35.89 31.57
C GLU A 442 5.19 -34.55 31.00
N GLY A 443 5.15 -34.38 29.67
CA GLY A 443 5.39 -33.08 29.06
C GLY A 443 6.89 -32.78 28.94
N TYR A 444 7.72 -33.82 29.01
CA TYR A 444 9.15 -33.66 28.78
C TYR A 444 9.44 -33.72 27.28
N PHE A 445 10.26 -32.77 26.81
CA PHE A 445 10.54 -32.62 25.40
C PHE A 445 11.84 -33.36 25.06
N TYR A 446 11.81 -34.00 23.89
CA TYR A 446 12.95 -34.73 23.34
C TYR A 446 13.33 -34.21 21.96
N PHE A 447 14.56 -33.68 21.84
CA PHE A 447 15.11 -33.18 20.59
C PHE A 447 15.33 -34.31 19.60
N VAL A 448 14.89 -34.09 18.36
CA VAL A 448 15.01 -35.10 17.32
C VAL A 448 16.10 -34.66 16.33
N GLY A 449 16.01 -33.41 15.87
CA GLY A 449 17.03 -32.77 15.06
C GLY A 449 16.46 -31.54 14.35
N ARG A 450 17.17 -31.11 13.32
CA ARG A 450 16.77 -29.99 12.49
C ARG A 450 15.78 -30.44 11.40
N GLY A 451 14.75 -29.63 11.15
CA GLY A 451 13.93 -29.78 9.95
C GLY A 451 14.60 -29.06 8.78
N ASP A 452 15.62 -28.26 9.12
CA ASP A 452 16.45 -27.53 8.19
C ASP A 452 17.57 -28.41 7.65
N ASP A 453 18.43 -27.73 6.87
CA ASP A 453 19.74 -28.25 6.51
C ASP A 453 20.84 -27.57 7.31
N VAL A 454 20.50 -26.99 8.45
CA VAL A 454 21.50 -26.27 9.20
C VAL A 454 22.25 -27.30 10.03
N ILE A 455 23.53 -27.04 10.22
CA ILE A 455 24.46 -28.02 10.74
C ILE A 455 24.97 -27.52 12.07
N LYS A 456 25.26 -28.46 12.99
CA LYS A 456 25.93 -28.12 14.23
C LYS A 456 27.13 -29.03 14.48
N THR A 457 28.30 -28.57 13.99
CA THR A 457 29.58 -29.18 14.28
C THR A 457 30.15 -28.49 15.50
N SER A 458 30.48 -29.23 16.57
CA SER A 458 31.26 -28.70 17.68
C SER A 458 30.56 -27.49 18.30
N ASP A 459 29.23 -27.56 18.43
CA ASP A 459 28.43 -26.48 19.00
C ASP A 459 28.62 -25.18 18.21
N TYR A 460 28.74 -25.32 16.88
CA TYR A 460 28.72 -24.18 16.00
C TYR A 460 27.66 -24.41 14.93
N ARG A 461 26.78 -23.42 14.85
CA ARG A 461 25.74 -23.37 13.84
C ARG A 461 26.38 -23.03 12.51
N VAL A 462 26.06 -23.83 11.48
CA VAL A 462 26.69 -23.70 10.18
C VAL A 462 25.62 -23.66 9.10
N GLY A 463 25.71 -22.64 8.23
CA GLY A 463 24.83 -22.49 7.09
C GLY A 463 25.37 -23.16 5.81
N PRO A 464 24.61 -24.05 5.10
CA PRO A 464 25.15 -24.72 3.91
C PRO A 464 25.65 -23.79 2.82
N PHE A 465 24.79 -22.84 2.41
CA PHE A 465 25.07 -21.97 1.29
C PHE A 465 26.40 -21.23 1.49
N GLU A 466 26.68 -20.87 2.71
CA GLU A 466 27.87 -20.13 3.00
C GLU A 466 29.13 -20.92 2.64
N VAL A 467 29.13 -22.24 2.90
CA VAL A 467 30.25 -23.13 2.55
C VAL A 467 30.25 -23.47 1.05
N GLU A 468 29.04 -23.76 0.52
CA GLU A 468 28.86 -23.96 -0.89
C GLU A 468 29.35 -22.75 -1.70
N SER A 469 29.06 -21.52 -1.22
CA SER A 469 29.49 -20.29 -1.86
C SER A 469 30.99 -20.24 -1.95
N ALA A 470 31.64 -20.43 -0.80
CA ALA A 470 33.09 -20.34 -0.70
C ALA A 470 33.72 -21.40 -1.59
N LEU A 471 33.05 -22.54 -1.74
CA LEU A 471 33.55 -23.61 -2.60
C LEU A 471 33.53 -23.19 -4.08
N LEU A 472 32.52 -22.44 -4.55
CA LEU A 472 32.43 -22.05 -5.95
C LEU A 472 33.52 -21.02 -6.28
N GLU A 473 34.19 -20.49 -5.26
CA GLU A 473 35.31 -19.60 -5.45
C GLU A 473 36.50 -20.33 -6.07
N HIS A 474 36.53 -21.65 -5.93
CA HIS A 474 37.64 -22.43 -6.47
C HIS A 474 37.38 -22.66 -7.95
N PRO A 475 38.34 -22.34 -8.85
CA PRO A 475 38.14 -22.51 -10.30
C PRO A 475 37.61 -23.87 -10.73
N ALA A 476 37.86 -24.92 -9.96
CA ALA A 476 37.56 -26.30 -10.33
C ALA A 476 36.11 -26.68 -10.05
N VAL A 477 35.47 -25.92 -9.15
CA VAL A 477 34.19 -26.26 -8.56
C VAL A 477 33.08 -25.63 -9.39
N ALA A 478 32.18 -26.53 -9.84
CA ALA A 478 31.03 -26.22 -10.69
C ALA A 478 29.79 -26.15 -9.82
N GLU A 479 29.60 -27.18 -9.00
CA GLU A 479 28.51 -27.31 -8.05
C GLU A 479 29.02 -27.86 -6.71
N ALA A 480 28.26 -27.58 -5.65
CA ALA A 480 28.59 -28.00 -4.29
C ALA A 480 27.31 -28.15 -3.45
N ALA A 481 27.27 -29.23 -2.65
CA ALA A 481 26.21 -29.41 -1.68
C ALA A 481 26.82 -29.82 -0.33
N VAL A 482 26.56 -29.01 0.72
CA VAL A 482 27.17 -29.21 2.03
C VAL A 482 26.12 -29.74 3.00
N VAL A 483 26.41 -30.92 3.59
CA VAL A 483 25.52 -31.54 4.55
C VAL A 483 26.35 -31.95 5.76
N GLY A 484 25.66 -32.22 6.87
CA GLY A 484 26.31 -32.67 8.07
C GLY A 484 26.13 -34.16 8.24
N VAL A 485 27.20 -34.82 8.65
CA VAL A 485 27.15 -36.25 8.82
C VAL A 485 27.44 -36.57 10.28
N PRO A 486 26.66 -37.47 10.88
CA PRO A 486 26.95 -37.97 12.23
C PRO A 486 28.42 -38.23 12.56
N ASP A 487 28.86 -37.68 13.68
CA ASP A 487 30.18 -37.89 14.25
C ASP A 487 30.00 -37.76 15.76
N THR A 488 30.38 -38.79 16.51
CA THR A 488 30.18 -38.89 17.94
C THR A 488 30.78 -37.69 18.70
N VAL A 489 31.96 -37.21 18.25
CA VAL A 489 32.71 -36.16 18.93
C VAL A 489 32.17 -34.78 18.56
N ARG A 490 31.96 -34.50 17.26
CA ARG A 490 31.53 -33.15 16.87
C ARG A 490 30.04 -33.08 16.59
N TRP A 491 29.29 -34.14 16.96
CA TRP A 491 27.86 -34.26 16.67
C TRP A 491 27.65 -34.43 15.17
N GLN A 492 28.00 -33.40 14.38
CA GLN A 492 27.94 -33.47 12.93
C GLN A 492 29.29 -33.03 12.33
N LEU A 493 29.64 -33.62 11.17
CA LEU A 493 30.76 -33.19 10.36
C LEU A 493 30.27 -32.54 9.08
N VAL A 494 30.93 -31.45 8.69
CA VAL A 494 30.68 -30.79 7.41
C VAL A 494 31.30 -31.63 6.31
N LYS A 495 30.45 -32.18 5.43
CA LYS A 495 30.88 -32.86 4.21
C LYS A 495 30.41 -32.05 3.00
N ALA A 496 31.27 -31.99 1.96
CA ALA A 496 30.92 -31.36 0.71
C ALA A 496 30.87 -32.40 -0.42
N TYR A 497 29.76 -32.39 -1.17
CA TYR A 497 29.68 -33.02 -2.48
C TYR A 497 30.07 -31.95 -3.49
N ILE A 498 31.08 -32.28 -4.33
CA ILE A 498 31.49 -31.41 -5.42
C ILE A 498 31.37 -32.11 -6.81
N VAL A 499 30.69 -31.38 -7.69
CA VAL A 499 30.71 -31.60 -9.12
C VAL A 499 31.80 -30.73 -9.70
N LEU A 500 32.60 -31.37 -10.58
CA LEU A 500 33.79 -30.71 -11.10
C LEU A 500 33.49 -30.11 -12.46
N LYS A 501 34.21 -29.03 -12.79
CA LYS A 501 34.15 -28.49 -14.12
C LYS A 501 34.83 -29.45 -15.07
N LYS A 502 34.42 -29.41 -16.33
CA LYS A 502 35.09 -30.14 -17.39
C LYS A 502 36.55 -29.65 -17.48
N GLY A 503 37.50 -30.58 -17.41
CA GLY A 503 38.89 -30.18 -17.40
C GLY A 503 39.63 -30.67 -16.16
N TYR A 504 38.99 -30.58 -14.99
CA TYR A 504 39.55 -31.14 -13.77
C TYR A 504 39.06 -32.57 -13.57
N MET A 505 39.88 -33.42 -12.94
CA MET A 505 39.46 -34.77 -12.57
C MET A 505 39.58 -34.96 -11.05
N PRO A 506 38.83 -35.94 -10.47
CA PRO A 506 38.85 -36.19 -9.04
C PRO A 506 40.14 -36.79 -8.50
N SER A 507 40.92 -36.01 -7.76
CA SER A 507 42.07 -36.53 -7.03
C SER A 507 42.04 -36.08 -5.59
N LYS A 508 42.71 -36.84 -4.74
CA LYS A 508 42.92 -36.38 -3.38
C LYS A 508 43.65 -35.04 -3.38
N GLU A 509 44.60 -34.83 -4.29
CA GLU A 509 45.43 -33.65 -4.35
C GLU A 509 44.54 -32.45 -4.67
N LEU A 510 43.46 -32.68 -5.42
CA LEU A 510 42.54 -31.60 -5.76
C LEU A 510 41.68 -31.27 -4.54
N ALA A 511 41.05 -32.32 -3.99
CA ALA A 511 40.30 -32.19 -2.74
C ALA A 511 41.04 -31.35 -1.70
N GLU A 512 42.32 -31.66 -1.44
CA GLU A 512 43.20 -30.93 -0.52
C GLU A 512 43.40 -29.50 -0.96
N GLU A 513 43.72 -29.29 -2.25
CA GLU A 513 43.99 -27.95 -2.71
C GLU A 513 42.81 -27.05 -2.42
N ILE A 514 41.59 -27.59 -2.62
CA ILE A 514 40.32 -26.90 -2.43
C ILE A 514 40.08 -26.65 -0.96
N ARG A 515 40.37 -27.65 -0.13
CA ARG A 515 40.24 -27.53 1.32
C ARG A 515 41.16 -26.43 1.86
N GLU A 516 42.41 -26.39 1.40
CA GLU A 516 43.36 -25.39 1.86
C GLU A 516 42.91 -23.99 1.44
N LYS A 517 42.35 -23.87 0.23
CA LYS A 517 41.72 -22.62 -0.15
C LYS A 517 40.63 -22.26 0.83
N MET A 518 39.73 -23.22 1.11
CA MET A 518 38.60 -22.97 2.00
C MET A 518 39.09 -22.47 3.38
N LYS A 519 40.27 -22.92 3.83
CA LYS A 519 40.82 -22.52 5.13
C LYS A 519 41.08 -21.02 5.22
N THR A 520 41.45 -20.37 4.10
CA THR A 520 41.64 -18.94 4.07
C THR A 520 40.31 -18.17 4.01
N LEU A 521 39.21 -18.82 3.58
CA LEU A 521 37.92 -18.14 3.39
C LEU A 521 36.96 -18.39 4.54
N LEU A 522 37.07 -19.57 5.18
CA LEU A 522 36.08 -20.02 6.15
C LEU A 522 36.72 -20.17 7.54
N SER A 523 35.89 -19.82 8.52
CA SER A 523 36.06 -20.30 9.86
C SER A 523 36.39 -21.80 9.89
N PRO A 524 37.40 -22.22 10.68
CA PRO A 524 37.76 -23.63 10.78
C PRO A 524 36.61 -24.62 10.90
N TYR A 525 35.58 -24.29 11.67
CA TYR A 525 34.53 -25.25 11.97
C TYR A 525 33.75 -25.53 10.68
N LYS A 526 33.78 -24.55 9.78
CA LYS A 526 33.06 -24.65 8.53
C LYS A 526 33.82 -25.39 7.42
N VAL A 527 35.15 -25.54 7.54
CA VAL A 527 35.99 -26.14 6.50
C VAL A 527 35.68 -27.64 6.41
N PRO A 528 35.12 -28.15 5.29
CA PRO A 528 34.66 -29.53 5.24
C PRO A 528 35.75 -30.51 5.70
N ARG A 529 35.34 -31.43 6.57
CA ARG A 529 36.20 -32.50 7.01
C ARG A 529 36.16 -33.64 5.99
N ILE A 530 35.11 -33.67 5.15
CA ILE A 530 35.06 -34.65 4.08
C ILE A 530 34.74 -33.95 2.75
N ILE A 531 35.34 -34.44 1.63
CA ILE A 531 35.03 -33.94 0.30
C ILE A 531 34.82 -35.14 -0.64
N GLU A 532 33.68 -35.19 -1.35
CA GLU A 532 33.39 -36.26 -2.28
C GLU A 532 33.01 -35.63 -3.62
N PHE A 533 33.69 -36.10 -4.69
CA PHE A 533 33.43 -35.65 -6.04
C PHE A 533 32.39 -36.59 -6.61
N VAL A 534 31.41 -35.95 -7.22
CA VAL A 534 30.32 -36.70 -7.80
C VAL A 534 29.99 -36.09 -9.15
N ASP A 535 29.37 -36.92 -10.00
CA ASP A 535 29.07 -36.46 -11.36
C ASP A 535 27.88 -35.50 -11.34
N GLU A 536 26.95 -35.66 -10.36
CA GLU A 536 25.77 -34.83 -10.23
C GLU A 536 25.16 -34.91 -8.82
N LEU A 537 24.30 -33.92 -8.53
CA LEU A 537 23.63 -33.75 -7.25
C LEU A 537 22.14 -34.08 -7.39
N PRO A 538 21.52 -34.81 -6.42
CA PRO A 538 20.11 -35.20 -6.51
C PRO A 538 19.30 -33.92 -6.44
N LYS A 539 18.38 -33.71 -7.38
CA LYS A 539 17.72 -32.43 -7.53
C LYS A 539 16.21 -32.65 -7.76
N THR A 540 15.42 -31.63 -7.42
CA THR A 540 13.99 -31.60 -7.71
C THR A 540 13.84 -31.15 -9.16
N ILE A 541 12.61 -31.08 -9.67
CA ILE A 541 12.40 -30.76 -11.10
C ILE A 541 12.90 -29.35 -11.44
N SER A 542 12.89 -28.45 -10.46
CA SER A 542 13.33 -27.07 -10.65
C SER A 542 14.86 -26.96 -10.66
N GLY A 543 15.52 -27.95 -10.05
CA GLY A 543 16.97 -27.91 -9.83
C GLY A 543 17.37 -27.56 -8.40
N LYS A 544 16.46 -27.65 -7.42
CA LYS A 544 16.90 -27.50 -6.05
C LYS A 544 17.55 -28.79 -5.53
N ILE A 545 18.71 -28.61 -4.89
CA ILE A 545 19.46 -29.70 -4.31
C ILE A 545 18.65 -30.33 -3.21
N ARG A 546 18.52 -31.65 -3.22
CA ARG A 546 17.85 -32.42 -2.19
C ARG A 546 18.91 -32.93 -1.21
N ARG A 547 19.30 -32.01 -0.30
CA ARG A 547 20.28 -32.29 0.74
C ARG A 547 19.76 -33.36 1.66
N VAL A 548 18.43 -33.45 1.72
CA VAL A 548 17.80 -34.56 2.41
C VAL A 548 18.33 -35.90 1.90
N GLU A 549 18.34 -36.09 0.56
CA GLU A 549 18.60 -37.41 0.04
C GLU A 549 20.11 -37.69 0.04
N LEU A 550 20.93 -36.64 -0.02
CA LEU A 550 22.36 -36.80 0.17
C LEU A 550 22.63 -37.43 1.53
N ARG A 551 21.91 -36.95 2.58
CA ARG A 551 22.00 -37.47 3.94
C ARG A 551 21.52 -38.91 4.02
N LYS A 552 20.31 -39.19 3.51
CA LYS A 552 19.76 -40.53 3.57
C LYS A 552 20.74 -41.54 2.96
N ARG A 553 21.39 -41.11 1.87
CA ARG A 553 22.27 -41.98 1.10
C ARG A 553 23.52 -42.30 1.90
N GLU A 554 24.03 -41.29 2.61
CA GLU A 554 25.18 -41.43 3.50
C GLU A 554 24.89 -42.50 4.57
N GLU A 555 23.64 -42.50 5.07
CA GLU A 555 23.22 -43.41 6.11
C GLU A 555 23.25 -44.86 5.65
N GLU A 556 22.75 -45.09 4.42
CA GLU A 556 22.63 -46.44 3.89
C GLU A 556 24.03 -46.95 3.58
N LYS A 557 24.92 -46.02 3.20
CA LYS A 557 26.32 -46.33 2.95
C LYS A 557 27.03 -46.69 4.25
N ARG A 558 26.70 -46.01 5.35
CA ARG A 558 27.29 -46.34 6.64
C ARG A 558 26.96 -47.77 7.08
N LYS A 559 25.73 -48.22 6.84
CA LYS A 559 25.24 -49.52 7.31
C LYS A 559 25.90 -50.69 6.58
N LYS A 560 26.59 -50.40 5.48
CA LYS A 560 27.34 -51.40 4.73
C LYS A 560 28.82 -51.00 4.71
N GLY A 561 29.24 -50.18 5.66
CA GLY A 561 30.61 -49.67 5.77
C GLY A 561 31.30 -49.41 4.43
N GLU A 562 30.60 -48.74 3.49
CA GLU A 562 31.16 -48.48 2.16
C GLU A 562 31.44 -46.99 1.98
N VAL A 563 32.65 -46.70 1.46
CA VAL A 563 33.10 -45.35 1.12
C VAL A 563 32.53 -45.01 -0.26
N GLY A 564 32.38 -43.70 -0.54
CA GLY A 564 32.10 -43.24 -1.89
C GLY A 564 33.36 -43.38 -2.77
N GLN A 565 33.14 -43.42 -4.09
CA GLN A 565 34.25 -43.78 -4.98
C GLN A 565 35.40 -42.76 -4.96
N ASN A 566 35.07 -41.48 -4.74
CA ASN A 566 36.02 -40.38 -4.65
C ASN A 566 35.71 -39.53 -3.44
N GLU A 567 35.42 -40.22 -2.33
CA GLU A 567 35.25 -39.62 -1.01
C GLU A 567 36.60 -39.59 -0.27
N TYR A 568 37.03 -38.37 0.08
CA TYR A 568 38.31 -38.09 0.72
C TYR A 568 38.04 -37.52 2.12
N VAL A 569 38.48 -38.28 3.14
CA VAL A 569 38.38 -37.93 4.55
C VAL A 569 39.66 -37.24 5.01
N PHE A 570 39.53 -36.19 5.81
CA PHE A 570 40.68 -35.56 6.44
C PHE A 570 40.59 -35.86 7.94
N THR B 9 37.54 -13.16 -43.13
CA THR B 9 36.24 -13.52 -42.53
C THR B 9 35.82 -12.24 -41.89
N VAL B 10 36.82 -11.40 -41.63
CA VAL B 10 36.69 -10.41 -40.57
C VAL B 10 36.03 -9.16 -41.15
N GLN B 11 36.50 -8.77 -42.33
CA GLN B 11 35.91 -7.70 -43.09
C GLN B 11 34.64 -8.28 -43.70
N ASP B 12 34.67 -9.54 -44.18
CA ASP B 12 33.56 -10.08 -44.95
C ASP B 12 32.29 -10.16 -44.13
N PHE B 13 32.46 -10.28 -42.80
CA PHE B 13 31.34 -10.26 -41.88
C PHE B 13 30.45 -9.05 -42.10
N PHE B 14 31.05 -7.85 -42.12
CA PHE B 14 30.31 -6.60 -42.12
C PHE B 14 29.59 -6.40 -43.46
N ARG B 15 30.22 -6.92 -44.50
CA ARG B 15 29.64 -6.80 -45.82
C ARG B 15 28.42 -7.70 -45.87
N LYS B 16 28.46 -8.89 -45.22
CA LYS B 16 27.30 -9.77 -45.11
C LYS B 16 26.24 -9.13 -44.21
N PHE B 17 26.73 -8.49 -43.15
CA PHE B 17 25.83 -7.85 -42.20
C PHE B 17 25.07 -6.72 -42.88
N ILE B 18 25.78 -5.84 -43.59
CA ILE B 18 25.15 -4.66 -44.18
C ILE B 18 24.00 -5.06 -45.10
N GLU B 19 24.06 -6.30 -45.60
CA GLU B 19 23.01 -6.80 -46.48
C GLU B 19 21.83 -7.28 -45.66
N PHE B 20 22.07 -8.07 -44.63
CA PHE B 20 21.01 -8.42 -43.67
C PHE B 20 20.16 -7.19 -43.32
N GLN B 21 20.81 -6.03 -43.21
CA GLN B 21 20.16 -4.78 -42.84
C GLN B 21 19.17 -4.28 -43.90
N ASN B 22 19.47 -4.52 -45.19
CA ASN B 22 18.70 -3.91 -46.26
C ASN B 22 17.38 -4.67 -46.44
N SER B 23 17.30 -5.84 -45.80
CA SER B 23 16.11 -6.66 -45.81
C SER B 23 16.33 -7.81 -44.85
N PRO B 24 15.96 -7.68 -43.57
CA PRO B 24 16.26 -8.69 -42.58
C PRO B 24 15.23 -9.77 -42.43
N ASN B 25 15.64 -10.90 -41.86
CA ASN B 25 14.67 -11.92 -41.49
C ASN B 25 15.25 -12.84 -40.43
N GLU B 26 14.32 -13.60 -39.81
CA GLU B 26 14.63 -14.53 -38.73
C GLU B 26 15.85 -15.36 -39.09
N LYS B 27 15.72 -16.05 -40.23
CA LYS B 27 16.67 -17.08 -40.61
C LYS B 27 18.05 -16.46 -40.87
N SER B 28 18.06 -15.34 -41.63
CA SER B 28 19.30 -14.68 -41.99
C SER B 28 19.94 -14.05 -40.74
N LEU B 29 19.14 -13.71 -39.75
CA LEU B 29 19.68 -13.24 -38.49
C LEU B 29 20.56 -14.29 -37.84
N GLN B 30 20.04 -15.51 -37.77
CA GLN B 30 20.71 -16.63 -37.13
C GLN B 30 22.09 -16.91 -37.73
N GLU B 31 22.19 -16.74 -39.06
CA GLU B 31 23.46 -16.86 -39.77
C GLU B 31 24.40 -15.75 -39.30
N ILE B 32 23.91 -14.50 -39.19
CA ILE B 32 24.75 -13.40 -38.72
C ILE B 32 25.33 -13.75 -37.35
N VAL B 33 24.46 -14.19 -36.45
CA VAL B 33 24.82 -14.70 -35.13
C VAL B 33 26.02 -15.66 -35.16
N LYS B 34 25.88 -16.69 -36.00
CA LYS B 34 26.87 -17.75 -36.09
C LYS B 34 28.21 -17.19 -36.58
N LEU B 35 28.14 -16.21 -37.49
CA LEU B 35 29.32 -15.61 -38.11
C LEU B 35 30.10 -14.75 -37.12
N VAL B 36 29.40 -14.11 -36.20
CA VAL B 36 30.07 -13.31 -35.18
C VAL B 36 30.92 -14.24 -34.31
N GLY B 37 30.37 -15.42 -34.00
CA GLY B 37 31.03 -16.40 -33.15
C GLY B 37 32.37 -16.85 -33.72
N GLN B 38 32.49 -16.78 -35.06
CA GLN B 38 33.68 -17.22 -35.75
C GLN B 38 34.60 -16.05 -36.13
N LEU B 39 34.33 -14.83 -35.66
CA LEU B 39 35.31 -13.76 -35.82
C LEU B 39 36.55 -14.05 -34.97
N ASP B 40 37.69 -13.53 -35.43
CA ASP B 40 38.89 -13.46 -34.61
C ASP B 40 39.02 -12.06 -34.05
N LEU B 41 38.75 -11.94 -32.74
CA LEU B 41 38.67 -10.65 -32.09
C LEU B 41 39.71 -10.56 -30.98
N ARG B 42 40.74 -11.42 -31.05
CA ARG B 42 41.83 -11.48 -30.10
C ARG B 42 42.61 -10.16 -30.06
N ARG B 43 43.00 -9.63 -31.22
CA ARG B 43 43.53 -8.28 -31.35
C ARG B 43 42.65 -7.55 -32.36
N PHE B 44 41.96 -6.51 -31.94
CA PHE B 44 40.94 -5.87 -32.79
C PHE B 44 40.89 -4.38 -32.41
N ASN B 45 40.49 -3.58 -33.40
CA ASN B 45 40.44 -2.15 -33.30
C ASN B 45 39.39 -1.68 -34.30
N TRP B 46 38.24 -1.29 -33.78
CA TRP B 46 37.11 -1.05 -34.64
C TRP B 46 37.35 0.08 -35.64
N VAL B 47 38.14 1.10 -35.26
CA VAL B 47 38.38 2.21 -36.18
C VAL B 47 39.16 1.73 -37.41
N ARG B 48 40.36 1.19 -37.16
CA ARG B 48 41.19 0.61 -38.19
C ARG B 48 40.40 -0.40 -39.01
N ASP B 49 39.82 -1.40 -38.32
CA ASP B 49 39.29 -2.61 -38.95
C ASP B 49 37.94 -2.41 -39.62
N VAL B 50 37.14 -1.43 -39.19
CA VAL B 50 35.80 -1.27 -39.73
C VAL B 50 35.67 0.13 -40.32
N PHE B 51 35.97 1.14 -39.51
CA PHE B 51 35.74 2.51 -39.92
C PHE B 51 36.59 2.78 -41.16
N GLU B 52 37.89 2.62 -40.99
CA GLU B 52 38.86 2.91 -42.02
C GLU B 52 38.79 1.87 -43.16
N ASP B 53 38.84 0.58 -42.79
CA ASP B 53 39.10 -0.49 -43.74
C ASP B 53 37.86 -0.79 -44.57
N ILE B 54 36.69 -0.53 -44.02
CA ILE B 54 35.49 -0.71 -44.80
C ILE B 54 34.97 0.64 -45.29
N HIS B 55 34.60 1.51 -44.36
CA HIS B 55 33.81 2.66 -44.75
C HIS B 55 34.67 3.71 -45.42
N VAL B 56 35.85 4.02 -44.86
CA VAL B 56 36.65 5.08 -45.44
C VAL B 56 37.14 4.65 -46.82
N LYS B 57 37.38 3.34 -46.93
CA LYS B 57 37.87 2.72 -48.15
C LYS B 57 36.79 2.68 -49.22
N GLU B 58 35.64 2.07 -48.89
CA GLU B 58 34.55 1.86 -49.86
C GLU B 58 33.64 3.08 -50.02
N ARG B 59 33.51 3.94 -49.00
CA ARG B 59 32.59 5.08 -49.09
C ARG B 59 33.13 6.27 -48.33
N GLY B 60 34.41 6.54 -48.58
CA GLY B 60 35.15 7.62 -47.98
C GLY B 60 34.49 8.98 -48.20
N SER B 61 33.77 9.17 -49.30
CA SER B 61 33.33 10.51 -49.61
C SER B 61 31.81 10.64 -49.54
N LYS B 62 31.15 9.59 -49.03
CA LYS B 62 29.78 9.68 -48.55
C LYS B 62 29.75 10.46 -47.24
N THR B 63 28.62 11.15 -46.98
CA THR B 63 28.40 11.87 -45.74
C THR B 63 28.28 10.90 -44.57
N ALA B 64 29.26 11.03 -43.66
CA ALA B 64 29.28 10.36 -42.37
C ALA B 64 28.42 11.10 -41.36
N LEU B 65 28.48 12.43 -41.35
CA LEU B 65 27.78 13.25 -40.36
C LEU B 65 27.16 14.49 -41.02
N ILE B 66 25.88 14.70 -40.71
CA ILE B 66 25.19 15.96 -40.88
C ILE B 66 24.83 16.46 -39.47
N TRP B 67 25.33 17.68 -39.14
CA TRP B 67 25.17 18.25 -37.80
C TRP B 67 24.39 19.56 -37.86
N ARG B 68 23.58 19.82 -36.81
CA ARG B 68 22.97 21.13 -36.64
C ARG B 68 22.71 21.40 -35.17
N ASP B 69 22.90 22.69 -34.79
CA ASP B 69 22.54 23.27 -33.50
C ASP B 69 21.30 24.12 -33.74
N ILE B 70 20.18 23.71 -33.12
CA ILE B 70 18.89 24.37 -33.32
C ILE B 70 18.91 25.77 -32.72
N ASN B 71 19.78 25.99 -31.73
CA ASN B 71 19.83 27.30 -31.08
C ASN B 71 20.64 28.25 -31.96
N THR B 72 21.91 27.92 -32.17
CA THR B 72 22.85 28.83 -32.83
C THR B 72 22.56 28.96 -34.33
N GLY B 73 22.09 27.88 -34.95
CA GLY B 73 21.96 27.88 -36.41
C GLY B 73 23.06 27.08 -37.10
N GLU B 74 24.27 27.10 -36.53
CA GLU B 74 25.45 26.40 -37.02
C GLU B 74 25.10 24.99 -37.50
N GLU B 75 25.75 24.61 -38.62
CA GLU B 75 25.55 23.35 -39.31
C GLU B 75 26.92 22.87 -39.78
N ALA B 76 27.07 21.58 -40.02
CA ALA B 76 28.29 21.00 -40.57
C ALA B 76 27.95 19.71 -41.35
N LYS B 77 28.82 19.37 -42.31
CA LYS B 77 28.72 18.13 -43.06
C LYS B 77 30.11 17.52 -43.12
N LEU B 78 30.27 16.26 -42.70
CA LEU B 78 31.54 15.56 -42.79
C LEU B 78 31.37 14.22 -43.48
N SER B 79 32.29 13.95 -44.41
CA SER B 79 32.36 12.66 -45.06
C SER B 79 33.16 11.72 -44.17
N TYR B 80 33.03 10.41 -44.42
CA TYR B 80 33.79 9.39 -43.71
C TYR B 80 35.29 9.69 -43.77
N HIS B 81 35.75 10.27 -44.89
CA HIS B 81 37.13 10.71 -45.05
C HIS B 81 37.42 11.86 -44.09
N GLU B 82 36.78 13.02 -44.28
CA GLU B 82 37.10 14.22 -43.52
C GLU B 82 37.10 13.89 -42.03
N LEU B 83 36.16 13.02 -41.62
CA LEU B 83 35.98 12.60 -40.24
C LEU B 83 37.18 11.76 -39.78
N SER B 84 37.65 10.85 -40.65
CA SER B 84 38.80 10.05 -40.29
C SER B 84 40.06 10.92 -40.17
N LEU B 85 40.15 11.99 -40.98
CA LEU B 85 41.27 12.90 -40.95
C LEU B 85 41.24 13.68 -39.66
N MET B 86 40.07 14.25 -39.42
CA MET B 86 39.80 15.07 -38.25
C MET B 86 40.14 14.32 -36.98
N SER B 87 39.72 13.06 -36.91
CA SER B 87 39.98 12.16 -35.80
C SER B 87 41.48 11.88 -35.65
N ASN B 88 42.22 11.75 -36.76
CA ASN B 88 43.64 11.48 -36.65
C ASN B 88 44.39 12.68 -36.08
N ARG B 89 43.96 13.90 -36.42
CA ARG B 89 44.56 15.11 -35.88
C ARG B 89 44.32 15.18 -34.37
N VAL B 90 43.15 14.71 -33.93
CA VAL B 90 42.85 14.56 -32.52
C VAL B 90 43.89 13.66 -31.89
N LEU B 91 43.97 12.42 -32.39
CA LEU B 91 44.81 11.39 -31.83
C LEU B 91 46.28 11.80 -31.86
N SER B 92 46.72 12.46 -32.93
CA SER B 92 48.05 13.03 -33.01
C SER B 92 48.27 14.08 -31.93
N THR B 93 47.30 15.00 -31.74
CA THR B 93 47.39 16.05 -30.75
C THR B 93 47.41 15.45 -29.33
N LEU B 94 46.59 14.42 -29.05
CA LEU B 94 46.57 13.77 -27.75
C LEU B 94 47.93 13.13 -27.42
N ARG B 95 48.46 12.39 -28.39
CA ARG B 95 49.73 11.68 -28.31
C ARG B 95 50.86 12.66 -28.05
N LYS B 96 50.72 13.85 -28.66
CA LYS B 96 51.69 14.93 -28.54
C LYS B 96 51.73 15.42 -27.09
N HIS B 97 50.59 15.36 -26.39
CA HIS B 97 50.46 15.72 -24.99
C HIS B 97 50.65 14.48 -24.10
N GLY B 98 51.26 13.44 -24.66
CA GLY B 98 51.80 12.33 -23.90
C GLY B 98 50.73 11.35 -23.45
N LEU B 99 49.80 11.00 -24.36
CA LEU B 99 48.75 10.05 -24.02
C LEU B 99 49.08 8.67 -24.57
N LYS B 100 49.37 7.75 -23.66
CA LYS B 100 49.61 6.36 -23.99
C LYS B 100 48.29 5.61 -23.89
N LYS B 101 48.32 4.33 -24.28
CA LYS B 101 47.18 3.43 -24.23
C LYS B 101 46.71 3.29 -22.79
N GLY B 102 45.39 3.25 -22.59
CA GLY B 102 44.79 3.04 -21.28
C GLY B 102 44.60 4.31 -20.43
N ASP B 103 45.15 5.45 -20.89
CA ASP B 103 45.04 6.73 -20.23
C ASP B 103 43.62 7.28 -20.24
N VAL B 104 43.24 7.94 -19.13
CA VAL B 104 41.85 8.31 -18.92
C VAL B 104 41.57 9.69 -19.49
N VAL B 105 40.47 9.73 -20.24
CA VAL B 105 40.07 10.95 -20.93
C VAL B 105 38.60 11.22 -20.64
N TYR B 106 38.37 12.28 -19.87
CA TYR B 106 37.00 12.73 -19.65
C TYR B 106 36.60 13.53 -20.87
N LEU B 107 35.37 13.25 -21.34
CA LEU B 107 34.80 13.99 -22.44
C LEU B 107 33.42 14.54 -22.08
N MET B 108 33.39 15.87 -22.01
CA MET B 108 32.20 16.59 -21.60
C MET B 108 31.92 17.66 -22.65
N THR B 109 31.06 17.29 -23.63
CA THR B 109 30.72 18.29 -24.64
C THR B 109 29.27 18.10 -25.10
N LYS B 110 28.82 19.17 -25.74
CA LYS B 110 27.60 19.18 -26.50
C LYS B 110 27.74 18.26 -27.71
N VAL B 111 26.60 18.00 -28.36
CA VAL B 111 26.55 17.31 -29.62
C VAL B 111 27.24 18.21 -30.65
N HIS B 112 28.26 17.66 -31.33
CA HIS B 112 29.19 18.43 -32.14
C HIS B 112 30.06 17.45 -32.91
N PRO B 113 30.49 17.78 -34.14
CA PRO B 113 31.30 16.85 -34.93
C PRO B 113 32.51 16.35 -34.15
N MET B 114 33.17 17.30 -33.48
CA MET B 114 34.43 17.02 -32.79
C MET B 114 34.23 15.96 -31.70
N HIS B 115 32.98 15.73 -31.30
CA HIS B 115 32.64 14.68 -30.35
C HIS B 115 32.91 13.33 -31.02
N TRP B 116 32.33 13.12 -32.21
CA TRP B 116 32.57 11.91 -32.98
C TRP B 116 34.07 11.76 -33.22
N ALA B 117 34.67 12.86 -33.64
CA ALA B 117 36.10 12.87 -33.88
C ALA B 117 36.88 12.28 -32.69
N VAL B 118 36.56 12.76 -31.51
CA VAL B 118 37.29 12.35 -30.33
C VAL B 118 36.99 10.89 -30.05
N PHE B 119 35.72 10.48 -30.12
CA PHE B 119 35.37 9.07 -29.99
C PHE B 119 36.33 8.20 -30.78
N LEU B 120 36.45 8.54 -32.07
CA LEU B 120 37.28 7.78 -32.97
C LEU B 120 38.71 7.78 -32.49
N ALA B 121 39.22 8.95 -32.16
CA ALA B 121 40.62 9.09 -31.79
C ALA B 121 40.94 8.19 -30.59
N VAL B 122 40.02 8.16 -29.62
CA VAL B 122 40.09 7.35 -28.40
C VAL B 122 40.13 5.86 -28.75
N ILE B 123 39.15 5.40 -29.54
CA ILE B 123 39.01 3.97 -29.84
C ILE B 123 40.27 3.50 -30.57
N LYS B 124 40.76 4.37 -31.46
CA LYS B 124 41.88 4.05 -32.35
C LYS B 124 43.15 4.03 -31.52
N GLY B 125 43.24 4.99 -30.59
CA GLY B 125 44.43 5.19 -29.79
C GLY B 125 44.41 4.33 -28.54
N GLY B 126 43.33 3.57 -28.27
CA GLY B 126 43.31 2.61 -27.16
C GLY B 126 43.31 3.26 -25.77
N PHE B 127 42.76 4.48 -25.73
CA PHE B 127 42.58 5.25 -24.52
C PHE B 127 41.27 4.83 -23.88
N VAL B 128 41.09 5.23 -22.60
CA VAL B 128 39.90 5.00 -21.80
C VAL B 128 39.17 6.33 -21.78
N MET B 129 38.01 6.33 -22.40
CA MET B 129 37.20 7.52 -22.40
C MET B 129 36.14 7.35 -21.33
N VAL B 130 35.89 8.45 -20.62
CA VAL B 130 34.83 8.58 -19.64
C VAL B 130 33.85 9.65 -20.11
N PRO B 131 32.76 9.22 -20.76
CA PRO B 131 31.71 10.15 -21.19
C PRO B 131 31.12 10.84 -19.98
N SER B 132 31.16 12.17 -20.06
CA SER B 132 30.60 13.02 -19.02
C SER B 132 29.53 13.93 -19.63
N ALA B 133 28.34 13.90 -19.02
CA ALA B 133 27.24 14.73 -19.46
C ALA B 133 27.47 16.22 -19.15
N THR B 134 26.84 17.12 -19.91
CA THR B 134 27.05 18.56 -19.79
C THR B 134 26.32 19.18 -18.61
N ASN B 135 25.38 18.46 -17.98
CA ASN B 135 24.57 18.99 -16.89
C ASN B 135 25.14 18.55 -15.54
N LEU B 136 26.32 17.87 -15.53
CA LEU B 136 27.01 17.48 -14.32
C LEU B 136 27.59 18.72 -13.63
N THR B 137 27.43 18.71 -12.28
CA THR B 137 27.85 19.79 -11.39
C THR B 137 29.31 19.61 -11.01
N VAL B 138 29.91 20.70 -10.51
CA VAL B 138 31.29 20.71 -10.02
C VAL B 138 31.49 19.56 -9.03
N ALA B 139 30.48 19.38 -8.17
CA ALA B 139 30.49 18.37 -7.12
C ALA B 139 30.54 16.97 -7.70
N GLU B 140 29.60 16.70 -8.62
CA GLU B 140 29.56 15.40 -9.27
C GLU B 140 30.89 15.11 -9.95
N MET B 141 31.50 16.13 -10.57
CA MET B 141 32.71 15.88 -11.35
C MET B 141 33.90 15.58 -10.43
N LYS B 142 33.97 16.27 -9.29
CA LYS B 142 34.98 16.00 -8.27
C LYS B 142 34.86 14.58 -7.74
N TYR B 143 33.61 14.08 -7.61
CA TYR B 143 33.38 12.72 -7.15
C TYR B 143 34.05 11.74 -8.12
N ARG B 144 33.81 12.00 -9.41
CA ARG B 144 34.34 11.20 -10.50
C ARG B 144 35.85 11.16 -10.43
N PHE B 145 36.49 12.31 -10.22
CA PHE B 145 37.94 12.40 -10.19
C PHE B 145 38.51 11.64 -8.97
N SER B 146 37.78 11.64 -7.83
CA SER B 146 38.20 10.84 -6.69
C SER B 146 38.25 9.36 -7.09
N ASP B 147 37.30 8.93 -7.93
CA ASP B 147 37.16 7.53 -8.26
C ASP B 147 38.10 7.11 -9.41
N LEU B 148 38.24 7.99 -10.41
CA LEU B 148 39.16 7.76 -11.50
C LEU B 148 39.82 9.06 -11.96
N LYS B 149 41.14 9.15 -11.75
CA LYS B 149 41.92 10.34 -11.98
C LYS B 149 42.07 10.55 -13.50
N PRO B 150 41.82 11.80 -13.98
CA PRO B 150 41.98 12.11 -15.40
C PRO B 150 43.43 12.38 -15.86
N SER B 151 43.81 11.79 -17.01
CA SER B 151 45.06 12.07 -17.67
C SER B 151 44.85 13.27 -18.61
N ALA B 152 43.66 13.31 -19.19
CA ALA B 152 43.30 14.46 -19.98
C ALA B 152 41.81 14.70 -19.89
N ILE B 153 41.43 15.96 -20.07
CA ILE B 153 40.02 16.28 -20.11
C ILE B 153 39.75 17.21 -21.28
N ILE B 154 38.52 17.04 -21.81
CA ILE B 154 38.12 17.65 -23.05
C ILE B 154 36.70 18.19 -22.89
N SER B 155 36.56 19.48 -23.17
CA SER B 155 35.29 20.14 -22.99
C SER B 155 35.00 21.09 -24.16
N ASP B 156 33.74 21.56 -24.21
CA ASP B 156 33.41 22.77 -24.96
C ASP B 156 33.60 23.97 -24.04
N SER B 157 33.51 25.17 -24.60
CA SER B 157 33.86 26.40 -23.90
C SER B 157 32.74 26.73 -22.91
N LEU B 158 31.57 26.15 -23.15
CA LEU B 158 30.39 26.38 -22.34
C LEU B 158 30.51 25.69 -20.99
N ARG B 159 31.38 24.69 -20.81
CA ARG B 159 31.44 23.93 -19.57
C ARG B 159 32.88 23.78 -19.09
N ALA B 160 33.71 24.77 -19.46
CA ALA B 160 35.14 24.69 -19.22
C ALA B 160 35.40 25.07 -17.76
N SER B 161 34.70 26.11 -17.31
CA SER B 161 34.79 26.57 -15.92
C SER B 161 34.44 25.45 -14.94
N VAL B 162 33.39 24.67 -15.24
CA VAL B 162 32.96 23.55 -14.41
C VAL B 162 34.06 22.49 -14.30
N MET B 163 34.72 22.17 -15.42
CA MET B 163 35.83 21.23 -15.38
C MET B 163 36.99 21.88 -14.60
N GLU B 164 37.28 23.14 -14.89
CA GLU B 164 38.41 23.85 -14.30
C GLU B 164 38.29 23.90 -12.76
N GLU B 165 37.07 24.15 -12.27
CA GLU B 165 36.76 24.19 -10.84
C GLU B 165 36.76 22.78 -10.21
N ALA B 166 36.22 21.76 -10.89
CA ALA B 166 36.17 20.43 -10.30
C ALA B 166 37.57 19.81 -10.27
N LEU B 167 38.43 20.24 -11.19
CA LEU B 167 39.82 19.82 -11.27
C LEU B 167 40.60 20.33 -10.09
N GLY B 168 40.41 21.63 -9.82
CA GLY B 168 41.21 22.31 -8.82
C GLY B 168 42.61 22.51 -9.40
N SER B 169 43.55 21.71 -8.89
CA SER B 169 44.94 21.78 -9.33
C SER B 169 45.56 20.39 -9.53
N LEU B 170 44.80 19.47 -10.13
CA LEU B 170 45.35 18.27 -10.75
C LEU B 170 46.11 18.64 -12.02
N LYS B 171 47.30 18.03 -12.28
CA LYS B 171 47.88 18.02 -13.62
C LYS B 171 46.95 17.26 -14.57
N VAL B 172 46.47 17.98 -15.58
CA VAL B 172 45.89 17.34 -16.73
C VAL B 172 46.17 18.22 -17.93
N GLU B 173 46.13 17.53 -19.10
CA GLU B 173 46.03 18.19 -20.37
C GLU B 173 44.58 18.47 -20.67
N LYS B 174 44.29 19.72 -21.01
CA LYS B 174 42.92 20.16 -21.25
C LYS B 174 42.72 20.53 -22.71
N PHE B 175 41.49 20.37 -23.22
CA PHE B 175 41.23 20.63 -24.63
C PHE B 175 39.82 21.16 -24.88
N LEU B 176 39.75 22.18 -25.76
CA LEU B 176 38.52 22.85 -26.15
C LEU B 176 38.22 22.54 -27.60
N ILE B 177 36.94 22.18 -27.83
CA ILE B 177 36.44 21.79 -29.14
C ILE B 177 35.93 23.01 -29.93
N ASP B 178 35.73 24.15 -29.25
CA ASP B 178 35.15 25.36 -29.83
C ASP B 178 35.66 26.60 -29.10
N GLY B 179 36.65 27.30 -29.66
CA GLY B 179 37.16 28.54 -29.08
C GLY B 179 38.46 28.36 -28.30
N LYS B 180 39.03 29.51 -27.88
CA LYS B 180 40.21 29.64 -27.07
C LYS B 180 39.91 29.85 -25.58
N ARG B 181 40.79 29.34 -24.72
CA ARG B 181 40.73 29.70 -23.31
C ARG B 181 42.09 29.46 -22.67
N GLU B 182 42.44 30.26 -21.67
CA GLU B 182 43.76 30.21 -21.11
C GLU B 182 44.05 28.82 -20.53
N THR B 183 45.18 28.23 -20.96
CA THR B 183 45.69 26.92 -20.54
C THR B 183 44.87 25.77 -21.12
N TRP B 184 43.95 26.05 -22.05
CA TRP B 184 43.30 25.03 -22.86
C TRP B 184 43.90 24.97 -24.26
N ASN B 185 43.94 23.74 -24.79
CA ASN B 185 44.57 23.48 -26.07
C ASN B 185 43.49 23.17 -27.10
N SER B 186 43.85 23.41 -28.36
CA SER B 186 43.16 22.97 -29.57
C SER B 186 43.43 21.48 -29.84
N LEU B 187 42.61 20.85 -30.70
CA LEU B 187 42.74 19.42 -31.05
C LEU B 187 43.14 19.19 -32.52
N GLU B 188 43.34 20.29 -33.29
CA GLU B 188 43.68 20.15 -34.70
C GLU B 188 45.09 20.71 -34.95
N ASP B 189 46.01 20.47 -34.01
CA ASP B 189 47.28 21.17 -34.06
C ASP B 189 48.33 20.31 -34.75
N GLU B 190 48.20 18.98 -34.66
CA GLU B 190 49.19 18.07 -35.24
C GLU B 190 48.64 17.42 -36.53
N SER B 191 49.49 16.61 -37.21
CA SER B 191 49.21 16.09 -38.55
C SER B 191 48.10 15.04 -38.48
N SER B 192 47.31 14.90 -39.57
CA SER B 192 46.11 14.05 -39.60
C SER B 192 46.46 12.61 -40.00
N ASN B 193 47.61 12.16 -39.46
CA ASN B 193 48.21 10.84 -39.67
C ASN B 193 48.98 10.42 -38.40
N ALA B 194 48.30 9.68 -37.48
CA ALA B 194 48.97 8.82 -36.51
C ALA B 194 48.23 7.49 -36.42
N GLU B 195 48.98 6.45 -36.07
CA GLU B 195 48.71 5.07 -36.41
C GLU B 195 47.82 4.40 -35.35
N PRO B 196 47.14 3.27 -35.68
CA PRO B 196 46.36 2.51 -34.69
C PRO B 196 47.19 2.07 -33.49
N GLU B 197 46.57 1.96 -32.31
CA GLU B 197 47.03 1.17 -31.19
C GLU B 197 46.51 -0.26 -31.38
N ASP B 198 47.40 -1.24 -31.41
CA ASP B 198 46.94 -2.61 -31.56
C ASP B 198 46.27 -3.08 -30.28
N THR B 199 44.95 -2.87 -30.18
CA THR B 199 44.25 -3.24 -28.98
C THR B 199 43.92 -4.73 -29.05
N ARG B 200 44.03 -5.41 -27.88
CA ARG B 200 43.31 -6.65 -27.62
C ARG B 200 41.82 -6.33 -27.59
N GLY B 201 40.99 -7.28 -28.03
CA GLY B 201 39.55 -7.10 -28.08
C GLY B 201 38.94 -6.87 -26.70
N GLU B 202 39.61 -7.42 -25.66
CA GLU B 202 39.21 -7.33 -24.28
C GLU B 202 39.84 -6.11 -23.58
N ASP B 203 40.69 -5.34 -24.29
CA ASP B 203 41.21 -4.09 -23.76
C ASP B 203 40.11 -3.06 -23.50
N VAL B 204 40.28 -2.28 -22.43
CA VAL B 204 39.29 -1.27 -22.08
C VAL B 204 39.43 -0.01 -22.92
N ILE B 205 38.29 0.50 -23.38
CA ILE B 205 38.24 1.80 -24.06
C ILE B 205 37.19 2.75 -23.46
N ILE B 206 36.16 2.24 -22.76
CA ILE B 206 35.11 3.11 -22.24
C ILE B 206 34.86 2.79 -20.76
N ASN B 207 34.67 3.84 -19.94
CA ASN B 207 34.12 3.72 -18.60
C ASN B 207 32.95 4.68 -18.41
N TYR B 208 31.83 4.09 -17.97
CA TYR B 208 30.56 4.78 -17.73
C TYR B 208 30.23 4.80 -16.23
N PHE B 209 30.14 6.02 -15.65
CA PHE B 209 29.69 6.15 -14.27
C PHE B 209 28.17 5.94 -14.22
N THR B 210 27.70 4.88 -13.55
CA THR B 210 26.26 4.66 -13.46
C THR B 210 25.78 4.51 -12.01
N SER B 211 24.55 4.98 -11.82
CA SER B 211 23.86 4.95 -10.55
C SER B 211 23.40 3.52 -10.26
N GLY B 212 23.39 3.19 -8.97
CA GLY B 212 22.89 1.92 -8.48
C GLY B 212 21.92 2.19 -7.34
N THR B 213 21.30 1.13 -6.82
CA THR B 213 20.34 1.30 -5.74
C THR B 213 21.05 1.54 -4.41
N THR B 214 22.31 1.14 -4.30
CA THR B 214 23.00 1.03 -3.02
C THR B 214 23.82 2.27 -2.70
N GLY B 215 24.66 2.75 -3.61
CA GLY B 215 25.55 3.80 -3.14
C GLY B 215 25.78 4.89 -4.16
N MET B 216 26.95 5.50 -4.07
CA MET B 216 27.42 6.45 -5.07
C MET B 216 27.73 5.72 -6.40
N PRO B 217 27.72 6.48 -7.52
CA PRO B 217 27.91 5.89 -8.85
C PRO B 217 29.30 5.30 -9.11
N LYS B 218 29.28 4.13 -9.78
CA LYS B 218 30.46 3.31 -10.04
C LYS B 218 30.68 3.21 -11.55
N ARG B 219 31.83 2.68 -11.96
CA ARG B 219 32.16 2.65 -13.38
C ARG B 219 31.75 1.28 -13.94
N VAL B 220 31.06 1.34 -15.10
CA VAL B 220 30.83 0.20 -15.99
C VAL B 220 32.00 0.12 -17.00
N ILE B 221 32.60 -1.06 -17.17
CA ILE B 221 33.81 -1.18 -17.99
C ILE B 221 33.52 -1.87 -19.32
N HIS B 222 33.70 -1.13 -20.44
CA HIS B 222 33.51 -1.66 -21.79
C HIS B 222 34.82 -1.74 -22.61
N THR B 223 34.90 -2.74 -23.51
CA THR B 223 36.12 -3.13 -24.22
C THR B 223 36.02 -2.74 -25.70
N ALA B 224 37.11 -3.05 -26.41
CA ALA B 224 37.29 -2.71 -27.81
C ALA B 224 36.44 -3.57 -28.74
N VAL B 225 35.69 -4.55 -28.17
CA VAL B 225 34.68 -5.37 -28.89
C VAL B 225 33.29 -5.29 -28.25
N SER B 226 33.19 -5.10 -26.92
CA SER B 226 31.90 -5.21 -26.25
C SER B 226 30.93 -4.21 -26.86
N TYR B 227 31.31 -2.93 -26.96
CA TYR B 227 30.47 -1.93 -27.61
C TYR B 227 30.68 -1.99 -29.14
N PRO B 228 31.92 -1.86 -29.62
CA PRO B 228 32.16 -1.79 -31.06
C PRO B 228 31.61 -2.97 -31.86
N VAL B 229 31.44 -4.12 -31.20
CA VAL B 229 30.92 -5.31 -31.88
C VAL B 229 29.58 -5.74 -31.25
N GLY B 230 29.39 -5.63 -29.93
CA GLY B 230 28.06 -5.84 -29.35
C GLY B 230 26.99 -5.05 -30.11
N SER B 231 27.28 -3.77 -30.46
CA SER B 231 26.27 -2.86 -31.04
C SER B 231 25.56 -3.47 -32.24
N ILE B 232 26.16 -4.48 -32.88
CA ILE B 232 25.48 -5.31 -33.87
C ILE B 232 24.05 -5.63 -33.42
N THR B 233 23.94 -6.21 -32.21
CA THR B 233 22.63 -6.58 -31.70
C THR B 233 21.70 -5.37 -31.79
N THR B 234 22.23 -4.22 -31.37
CA THR B 234 21.49 -2.97 -31.38
C THR B 234 21.12 -2.60 -32.82
N ALA B 235 22.13 -2.45 -33.66
CA ALA B 235 21.97 -2.08 -35.06
C ALA B 235 20.91 -2.96 -35.76
N SER B 236 20.93 -4.25 -35.40
CA SER B 236 20.02 -5.26 -35.93
C SER B 236 18.58 -5.03 -35.47
N ILE B 237 18.40 -4.76 -34.20
CA ILE B 237 17.06 -4.46 -33.74
C ILE B 237 16.59 -3.11 -34.30
N VAL B 238 17.47 -2.13 -34.30
CA VAL B 238 17.14 -0.78 -34.76
C VAL B 238 16.70 -0.82 -36.23
N GLY B 239 17.41 -1.64 -37.03
CA GLY B 239 17.14 -1.77 -38.45
C GLY B 239 17.77 -0.64 -39.27
N VAL B 240 18.93 -0.11 -38.80
CA VAL B 240 19.68 0.90 -39.53
C VAL B 240 20.46 0.31 -40.71
N ARG B 241 20.40 1.00 -41.87
CA ARG B 241 21.03 0.55 -43.10
C ARG B 241 22.07 1.57 -43.54
N GLU B 242 22.79 1.25 -44.61
CA GLU B 242 23.80 2.15 -45.15
C GLU B 242 23.13 3.37 -45.78
N SER B 243 21.99 3.15 -46.44
CA SER B 243 21.39 4.27 -47.16
C SER B 243 20.70 5.22 -46.20
N ASP B 244 20.54 4.86 -44.90
CA ASP B 244 19.82 5.69 -43.93
C ASP B 244 20.54 6.99 -43.54
N LEU B 245 19.75 8.02 -43.24
CA LEU B 245 20.12 9.18 -42.46
C LEU B 245 19.49 9.01 -41.08
N HIS B 246 20.37 8.69 -40.11
CA HIS B 246 19.96 8.18 -38.80
C HIS B 246 20.25 9.20 -37.70
N LEU B 247 19.16 9.60 -37.02
CA LEU B 247 19.19 10.55 -35.90
C LEU B 247 18.79 9.85 -34.61
N ASN B 248 19.63 10.03 -33.59
CA ASN B 248 19.36 9.55 -32.24
C ASN B 248 19.31 10.76 -31.36
N LEU B 249 18.18 10.91 -30.67
CA LEU B 249 17.90 12.01 -29.74
C LEU B 249 18.25 11.56 -28.34
N SER B 250 19.41 12.01 -27.96
CA SER B 250 20.10 11.52 -26.78
C SER B 250 21.21 12.56 -26.49
N ALA B 251 21.60 12.64 -25.21
CA ALA B 251 22.62 13.60 -24.83
C ALA B 251 23.95 12.86 -24.67
N THR B 252 25.04 13.61 -24.46
CA THR B 252 26.36 13.20 -24.93
C THR B 252 27.07 12.24 -23.97
N GLY B 253 26.66 12.18 -22.70
CA GLY B 253 27.53 11.53 -21.72
C GLY B 253 27.05 10.13 -21.33
N TRP B 254 26.21 9.49 -22.14
CA TRP B 254 25.50 8.27 -21.74
C TRP B 254 25.70 7.15 -22.76
N ALA B 255 25.29 5.93 -22.39
CA ALA B 255 25.38 4.75 -23.25
C ALA B 255 24.58 4.88 -24.55
N LYS B 256 23.38 5.50 -24.54
CA LYS B 256 22.60 5.62 -25.75
C LYS B 256 23.31 6.44 -26.83
N PHE B 257 24.15 7.43 -26.51
CA PHE B 257 24.90 8.13 -27.54
C PHE B 257 25.84 7.16 -28.28
N ALA B 258 26.49 6.31 -27.51
CA ALA B 258 27.39 5.32 -28.06
C ALA B 258 26.56 4.42 -28.95
N TRP B 259 25.54 3.77 -28.36
CA TRP B 259 24.66 2.87 -29.05
C TRP B 259 24.19 3.44 -30.39
N SER B 260 23.46 4.56 -30.40
CA SER B 260 22.75 4.95 -31.61
C SER B 260 23.28 6.20 -32.27
N SER B 261 24.07 7.02 -31.59
CA SER B 261 24.57 8.21 -32.25
C SER B 261 25.92 7.93 -32.92
N PHE B 262 26.51 6.80 -32.54
CA PHE B 262 27.86 6.47 -32.94
C PHE B 262 27.94 5.08 -33.56
N PHE B 263 27.98 4.01 -32.74
CA PHE B 263 28.30 2.68 -33.20
C PHE B 263 27.27 2.17 -34.22
N SER B 264 25.99 2.06 -33.82
CA SER B 264 24.99 1.42 -34.67
C SER B 264 24.95 2.02 -36.08
N PRO B 265 24.94 3.37 -36.27
CA PRO B 265 24.99 3.94 -37.63
C PRO B 265 26.31 3.74 -38.42
N LEU B 266 27.44 3.89 -37.73
CA LEU B 266 28.73 3.85 -38.39
C LEU B 266 29.14 2.42 -38.70
N LEU B 267 28.62 1.45 -37.91
CA LEU B 267 28.77 0.03 -38.28
C LEU B 267 28.31 -0.26 -39.70
N VAL B 268 27.15 0.24 -40.10
CA VAL B 268 26.53 -0.10 -41.38
C VAL B 268 26.77 0.98 -42.43
N GLY B 269 27.65 1.96 -42.14
CA GLY B 269 28.06 2.94 -43.12
C GLY B 269 26.97 3.96 -43.44
N ALA B 270 26.10 4.26 -42.47
CA ALA B 270 25.00 5.21 -42.66
C ALA B 270 25.50 6.65 -42.59
N THR B 271 24.64 7.60 -42.93
CA THR B 271 24.88 9.00 -42.60
C THR B 271 24.29 9.27 -41.19
N VAL B 272 25.14 9.67 -40.24
CA VAL B 272 24.67 10.05 -38.91
C VAL B 272 24.08 11.45 -39.02
N VAL B 273 22.95 11.67 -38.34
CA VAL B 273 22.44 13.01 -38.17
C VAL B 273 22.52 13.37 -36.69
N GLY B 274 23.13 14.51 -36.38
CA GLY B 274 23.32 14.94 -35.01
C GLY B 274 22.71 16.32 -34.81
N ILE B 275 21.84 16.45 -33.79
CA ILE B 275 21.21 17.71 -33.45
C ILE B 275 21.50 18.02 -31.97
N ASN B 276 22.06 19.21 -31.78
CA ASN B 276 22.41 19.82 -30.51
C ASN B 276 21.38 20.90 -30.18
N TYR B 277 20.98 20.93 -28.90
CA TYR B 277 20.17 22.02 -28.35
C TYR B 277 20.57 22.17 -26.88
N GLU B 278 20.56 23.42 -26.40
CA GLU B 278 20.76 23.69 -25.00
C GLU B 278 19.42 23.77 -24.30
N GLY B 279 19.46 23.25 -23.07
CA GLY B 279 18.35 23.36 -22.17
C GLY B 279 17.20 22.49 -22.63
N LYS B 280 16.01 23.08 -22.50
CA LYS B 280 14.78 22.34 -22.54
C LYS B 280 14.49 22.04 -24.00
N LEU B 281 14.00 20.81 -24.21
CA LEU B 281 13.64 20.32 -25.53
C LEU B 281 12.40 21.05 -26.03
N ASP B 282 12.54 21.63 -27.23
CA ASP B 282 11.46 22.27 -27.95
C ASP B 282 10.82 21.26 -28.88
N THR B 283 9.79 20.53 -28.46
CA THR B 283 9.36 19.39 -29.27
C THR B 283 9.02 19.80 -30.70
N ARG B 284 8.35 20.95 -30.88
CA ARG B 284 7.80 21.32 -32.18
C ARG B 284 8.93 21.65 -33.16
N ARG B 285 9.95 22.35 -32.68
CA ARG B 285 11.05 22.71 -33.54
C ARG B 285 11.98 21.53 -33.82
N TYR B 286 12.20 20.58 -32.88
CA TYR B 286 13.08 19.43 -33.08
C TYR B 286 12.49 18.51 -34.16
N LEU B 287 11.19 18.22 -34.08
CA LEU B 287 10.53 17.39 -35.07
C LEU B 287 10.48 18.11 -36.42
N GLY B 288 10.36 19.43 -36.45
CA GLY B 288 10.48 20.22 -37.67
C GLY B 288 11.86 20.04 -38.32
N GLU B 289 12.91 19.99 -37.48
CA GLU B 289 14.27 19.79 -37.95
C GLU B 289 14.51 18.35 -38.40
N VAL B 290 13.80 17.37 -37.81
CA VAL B 290 13.88 15.99 -38.23
C VAL B 290 13.37 15.88 -39.67
N GLU B 291 12.15 16.37 -39.91
CA GLU B 291 11.54 16.42 -41.23
C GLU B 291 12.41 17.22 -42.21
N ASN B 292 12.88 18.40 -41.77
CA ASN B 292 13.59 19.32 -42.63
C ASN B 292 14.94 18.73 -43.09
N LEU B 293 15.49 17.78 -42.34
CA LEU B 293 16.78 17.19 -42.66
C LEU B 293 16.59 15.82 -43.31
N GLY B 294 15.33 15.40 -43.48
CA GLY B 294 14.98 14.12 -44.05
C GLY B 294 15.70 12.96 -43.36
N VAL B 295 15.71 12.98 -42.06
CA VAL B 295 16.08 11.76 -41.37
C VAL B 295 15.13 10.64 -41.81
N THR B 296 15.66 9.41 -41.84
CA THR B 296 14.96 8.23 -42.32
C THR B 296 14.85 7.19 -41.20
N SER B 297 15.89 7.08 -40.33
CA SER B 297 15.81 6.31 -39.09
C SER B 297 15.92 7.26 -37.91
N PHE B 298 14.96 7.16 -36.97
CA PHE B 298 14.94 7.95 -35.75
C PHE B 298 14.76 7.10 -34.49
N CYS B 299 15.82 7.01 -33.64
CA CYS B 299 15.70 6.62 -32.23
C CYS B 299 15.41 7.85 -31.40
N ALA B 300 14.40 7.77 -30.55
CA ALA B 300 14.18 8.76 -29.50
C ALA B 300 13.68 8.03 -28.26
N PRO B 301 13.88 8.57 -27.02
CA PRO B 301 13.36 7.94 -25.79
C PRO B 301 11.85 8.17 -25.58
N PRO B 302 11.13 7.24 -24.89
CA PRO B 302 9.70 7.38 -24.67
C PRO B 302 9.31 8.75 -24.11
N THR B 303 10.21 9.36 -23.34
CA THR B 303 9.99 10.70 -22.82
C THR B 303 9.75 11.70 -23.96
N ALA B 304 10.67 11.66 -24.91
CA ALA B 304 10.50 12.45 -26.13
C ALA B 304 9.20 12.06 -26.86
N TRP B 305 8.98 10.75 -27.03
CA TRP B 305 7.86 10.27 -27.83
C TRP B 305 6.55 10.74 -27.23
N ARG B 306 6.48 10.67 -25.88
CA ARG B 306 5.30 11.07 -25.15
C ARG B 306 5.01 12.52 -25.44
N GLN B 307 6.04 13.35 -25.58
CA GLN B 307 5.82 14.77 -25.84
C GLN B 307 5.43 15.06 -27.28
N PHE B 308 5.87 14.21 -28.20
CA PHE B 308 5.68 14.48 -29.61
C PHE B 308 4.21 14.28 -29.98
N ILE B 309 3.61 13.26 -29.37
CA ILE B 309 2.27 12.81 -29.75
C ILE B 309 1.22 13.79 -29.26
N THR B 310 1.63 14.76 -28.45
CA THR B 310 0.70 15.73 -27.90
C THR B 310 0.62 16.90 -28.87
N LEU B 311 1.55 16.97 -29.82
CA LEU B 311 1.48 18.04 -30.81
C LEU B 311 0.25 17.83 -31.71
N ASP B 312 -0.02 18.86 -32.50
CA ASP B 312 -0.88 18.74 -33.67
C ASP B 312 -0.01 18.12 -34.76
N LEU B 313 -0.26 16.85 -35.10
CA LEU B 313 0.68 16.11 -35.95
C LEU B 313 0.36 16.24 -37.44
N ASP B 314 -0.65 17.05 -37.80
CA ASP B 314 -0.98 17.34 -39.17
C ASP B 314 -0.07 18.46 -39.70
N GLN B 315 0.81 18.99 -38.85
CA GLN B 315 1.86 19.92 -39.26
C GLN B 315 2.94 19.20 -40.08
N PHE B 316 3.06 17.87 -39.92
CA PHE B 316 4.18 17.12 -40.51
C PHE B 316 3.70 16.08 -41.53
N ARG B 317 4.56 15.83 -42.54
CA ARG B 317 4.40 14.76 -43.51
C ARG B 317 5.33 13.57 -43.20
N PHE B 318 6.60 13.86 -42.94
CA PHE B 318 7.64 12.87 -42.72
C PHE B 318 7.77 11.98 -43.95
N GLU B 319 7.98 12.69 -45.07
CA GLU B 319 8.11 12.14 -46.42
C GLU B 319 9.16 11.04 -46.43
N ARG B 320 10.23 11.18 -45.65
CA ARG B 320 11.47 10.44 -45.86
C ARG B 320 11.66 9.44 -44.73
N LEU B 321 10.77 9.43 -43.75
CA LEU B 321 11.05 8.68 -42.53
C LEU B 321 10.53 7.26 -42.67
N ARG B 322 11.37 6.25 -42.41
CA ARG B 322 10.90 4.87 -42.60
C ARG B 322 10.97 3.99 -41.35
N SER B 323 11.92 4.30 -40.44
CA SER B 323 12.14 3.58 -39.18
C SER B 323 12.04 4.57 -38.01
N VAL B 324 11.31 4.16 -36.95
CA VAL B 324 11.21 4.89 -35.68
C VAL B 324 11.30 3.89 -34.51
N VAL B 325 12.13 4.26 -33.51
CA VAL B 325 12.51 3.38 -32.44
C VAL B 325 12.62 4.10 -31.10
N SER B 326 12.48 3.35 -29.98
CA SER B 326 12.55 3.87 -28.62
C SER B 326 13.38 2.93 -27.74
N ALA B 327 14.02 3.50 -26.70
CA ALA B 327 14.77 2.72 -25.73
C ALA B 327 14.95 3.45 -24.38
N GLY B 328 15.00 2.68 -23.28
CA GLY B 328 15.43 3.22 -22.00
C GLY B 328 14.37 3.18 -20.91
N GLU B 329 13.10 3.19 -21.33
CA GLU B 329 11.93 3.07 -20.47
C GLU B 329 10.85 2.35 -21.28
N PRO B 330 9.73 1.93 -20.67
CA PRO B 330 8.62 1.38 -21.41
C PRO B 330 7.98 2.42 -22.34
N LEU B 331 7.32 1.90 -23.36
CA LEU B 331 6.71 2.68 -24.40
C LEU B 331 5.24 2.31 -24.36
N ASN B 332 4.50 3.30 -23.89
CA ASN B 332 3.06 3.22 -23.65
C ASN B 332 2.43 2.75 -24.96
N PRO B 333 1.58 1.70 -24.94
CA PRO B 333 0.80 1.31 -26.13
C PRO B 333 0.04 2.42 -26.84
N GLU B 334 -0.29 3.48 -26.10
CA GLU B 334 -1.15 4.51 -26.66
C GLU B 334 -0.30 5.47 -27.49
N VAL B 335 0.96 5.59 -27.10
CA VAL B 335 1.90 6.41 -27.83
C VAL B 335 2.16 5.77 -29.19
N ILE B 336 2.40 4.46 -29.15
CA ILE B 336 2.74 3.69 -30.34
C ILE B 336 1.65 3.88 -31.38
N LYS B 337 0.40 3.78 -30.91
CA LYS B 337 -0.81 3.81 -31.71
C LYS B 337 -1.05 5.19 -32.35
N ILE B 338 -0.86 6.25 -31.58
CA ILE B 338 -1.11 7.59 -32.11
C ILE B 338 -0.18 7.86 -33.29
N TRP B 339 1.07 7.45 -33.14
CA TRP B 339 2.08 7.78 -34.14
C TRP B 339 1.86 6.96 -35.41
N LYS B 340 1.44 5.71 -35.21
CA LYS B 340 1.10 4.81 -36.28
C LYS B 340 -0.11 5.36 -37.05
N ASP B 341 -1.22 5.66 -36.34
CA ASP B 341 -2.45 6.07 -37.00
C ASP B 341 -2.17 7.27 -37.91
N LYS B 342 -1.22 8.11 -37.52
CA LYS B 342 -0.95 9.34 -38.23
C LYS B 342 0.02 9.10 -39.37
N PHE B 343 1.24 8.63 -39.07
CA PHE B 343 2.34 8.59 -40.05
C PHE B 343 2.59 7.19 -40.65
N ASN B 344 1.89 6.19 -40.10
CA ASN B 344 1.89 4.83 -40.60
C ASN B 344 3.24 4.18 -40.34
N LEU B 345 3.77 4.37 -39.12
CA LEU B 345 5.03 3.84 -38.67
C LEU B 345 4.84 3.29 -37.26
N THR B 346 5.49 2.17 -36.95
CA THR B 346 5.47 1.60 -35.61
C THR B 346 6.75 2.03 -34.90
N ILE B 347 6.61 2.61 -33.70
CA ILE B 347 7.73 2.91 -32.85
C ILE B 347 8.09 1.64 -32.08
N ARG B 348 9.27 1.14 -32.45
CA ARG B 348 9.72 -0.17 -31.99
C ARG B 348 10.51 0.03 -30.70
N ASP B 349 9.97 -0.51 -29.59
CA ASP B 349 10.73 -0.40 -28.36
C ASP B 349 11.74 -1.53 -28.27
N PHE B 350 12.81 -1.26 -27.53
CA PHE B 350 13.82 -2.26 -27.29
C PHE B 350 14.64 -1.90 -26.04
N TYR B 351 15.38 -2.91 -25.55
CA TYR B 351 15.79 -2.99 -24.17
C TYR B 351 17.27 -3.28 -24.06
N GLY B 352 17.87 -2.68 -23.02
CA GLY B 352 19.26 -2.88 -22.66
C GLY B 352 19.66 -1.91 -21.55
N GLN B 353 20.93 -2.03 -21.13
CA GLN B 353 21.52 -1.23 -20.06
C GLN B 353 22.90 -0.72 -20.48
N THR B 354 23.42 0.25 -19.71
CA THR B 354 24.80 0.69 -19.87
C THR B 354 25.74 -0.53 -19.90
N GLU B 355 25.47 -1.49 -19.01
CA GLU B 355 26.24 -2.71 -18.86
C GLU B 355 26.25 -3.56 -20.14
N THR B 356 25.27 -3.37 -21.02
CA THR B 356 25.12 -4.21 -22.19
C THR B 356 24.97 -3.36 -23.46
N THR B 357 24.74 -4.08 -24.57
CA THR B 357 24.10 -3.54 -25.76
C THR B 357 22.63 -3.97 -25.73
N ALA B 358 21.93 -3.76 -26.85
CA ALA B 358 20.55 -4.17 -26.93
C ALA B 358 20.46 -5.68 -26.73
N MET B 359 19.57 -6.09 -25.83
CA MET B 359 19.45 -7.48 -25.45
C MET B 359 18.12 -8.06 -25.89
N VAL B 360 17.10 -7.22 -26.01
CA VAL B 360 15.77 -7.64 -26.39
C VAL B 360 15.14 -6.50 -27.20
N GLY B 361 14.30 -6.82 -28.18
CA GLY B 361 13.87 -5.77 -29.10
C GLY B 361 12.84 -6.23 -30.13
N ASN B 362 12.00 -5.27 -30.55
CA ASN B 362 11.13 -5.41 -31.71
C ASN B 362 11.97 -5.11 -32.97
N PHE B 363 12.42 -6.20 -33.62
CA PHE B 363 13.21 -6.12 -34.83
C PHE B 363 12.31 -5.67 -35.96
N PRO B 364 12.86 -5.18 -37.08
CA PRO B 364 12.01 -4.52 -38.09
C PRO B 364 11.01 -5.50 -38.69
N PHE B 365 11.37 -6.79 -38.77
CA PHE B 365 10.61 -7.86 -39.41
C PHE B 365 9.63 -8.56 -38.44
N LEU B 366 9.55 -8.07 -37.21
CA LEU B 366 8.86 -8.74 -36.13
C LEU B 366 7.56 -7.99 -35.85
N LYS B 367 6.44 -8.70 -35.84
CA LYS B 367 5.13 -8.13 -35.54
C LYS B 367 5.11 -7.59 -34.11
N VAL B 368 4.81 -6.29 -33.93
CA VAL B 368 4.87 -5.66 -32.62
C VAL B 368 3.58 -5.99 -31.85
N LYS B 369 3.75 -6.48 -30.63
CA LYS B 369 2.65 -6.53 -29.67
C LYS B 369 2.82 -5.38 -28.67
N PRO B 370 1.89 -4.38 -28.59
CA PRO B 370 2.16 -3.14 -27.85
C PRO B 370 2.37 -3.35 -26.35
N GLY B 371 3.32 -2.59 -25.81
CA GLY B 371 3.78 -2.78 -24.45
C GLY B 371 4.66 -4.01 -24.25
N SER B 372 5.23 -4.54 -25.34
CA SER B 372 6.26 -5.56 -25.26
C SER B 372 7.52 -5.07 -25.95
N MET B 373 8.67 -5.31 -25.30
CA MET B 373 9.99 -4.94 -25.82
C MET B 373 10.49 -5.97 -26.83
N GLY B 374 9.64 -6.95 -27.16
CA GLY B 374 9.90 -7.94 -28.18
C GLY B 374 10.55 -9.18 -27.59
N LYS B 375 11.47 -9.76 -28.37
CA LYS B 375 12.10 -11.03 -28.06
C LYS B 375 13.60 -10.86 -27.92
N PRO B 376 14.26 -11.79 -27.19
CA PRO B 376 15.71 -11.72 -26.99
C PRO B 376 16.52 -11.81 -28.29
N HIS B 377 17.59 -11.02 -28.35
CA HIS B 377 18.53 -11.14 -29.45
C HIS B 377 19.32 -12.43 -29.27
N PRO B 378 19.47 -13.27 -30.32
CA PRO B 378 20.04 -14.60 -30.12
C PRO B 378 21.52 -14.57 -29.74
N LEU B 379 22.14 -13.40 -29.81
CA LEU B 379 23.53 -13.24 -29.42
C LEU B 379 23.71 -13.02 -27.90
N TYR B 380 22.59 -12.85 -27.16
CA TYR B 380 22.56 -12.90 -25.69
C TYR B 380 21.75 -14.13 -25.25
N ASP B 381 22.19 -14.81 -24.18
CA ASP B 381 21.41 -15.90 -23.61
C ASP B 381 20.53 -15.35 -22.47
N ILE B 382 19.33 -14.86 -22.80
CA ILE B 382 18.42 -14.20 -21.86
C ILE B 382 17.53 -15.23 -21.18
N ARG B 383 17.51 -15.20 -19.84
CA ARG B 383 16.66 -16.09 -19.05
C ARG B 383 15.89 -15.35 -17.96
N LEU B 384 14.59 -15.60 -17.86
CA LEU B 384 13.85 -15.26 -16.67
C LEU B 384 14.12 -16.30 -15.60
N LEU B 385 14.61 -15.83 -14.46
CA LEU B 385 14.76 -16.70 -13.30
C LEU B 385 13.81 -16.22 -12.20
N ASP B 386 13.34 -17.16 -11.38
CA ASP B 386 12.50 -16.84 -10.23
C ASP B 386 13.41 -16.47 -9.05
N ASP B 387 12.79 -16.32 -7.86
CA ASP B 387 13.45 -15.85 -6.65
C ASP B 387 14.53 -16.82 -6.19
N GLU B 388 14.30 -18.12 -6.43
CA GLU B 388 15.25 -19.15 -6.03
C GLU B 388 16.34 -19.30 -7.09
N GLY B 389 16.20 -18.62 -8.23
CA GLY B 389 17.23 -18.56 -9.25
C GLY B 389 17.11 -19.69 -10.27
N LYS B 390 15.96 -20.39 -10.30
CA LYS B 390 15.69 -21.46 -11.26
C LYS B 390 15.00 -20.84 -12.47
N GLU B 391 15.26 -21.40 -13.65
CA GLU B 391 14.79 -20.83 -14.91
C GLU B 391 13.27 -21.05 -15.10
N ILE B 392 12.57 -19.96 -15.46
CA ILE B 392 11.12 -19.89 -15.60
C ILE B 392 10.69 -20.53 -16.93
N THR B 393 9.73 -21.49 -16.84
CA THR B 393 9.27 -22.25 -18.01
C THR B 393 7.75 -22.19 -18.17
N LYS B 394 7.18 -20.99 -17.97
CA LYS B 394 5.74 -20.80 -17.88
C LYS B 394 5.42 -19.36 -18.31
N PRO B 395 4.50 -19.17 -19.29
CA PRO B 395 3.98 -17.83 -19.61
C PRO B 395 3.35 -17.11 -18.41
N TYR B 396 3.52 -15.79 -18.40
CA TYR B 396 2.82 -14.85 -17.50
C TYR B 396 3.36 -15.00 -16.08
N GLU B 397 4.56 -15.59 -15.96
CA GLU B 397 5.24 -15.67 -14.68
C GLU B 397 6.38 -14.67 -14.69
N VAL B 398 6.35 -13.80 -13.69
CA VAL B 398 7.32 -12.72 -13.56
C VAL B 398 8.61 -13.24 -12.91
N GLY B 399 9.72 -12.61 -13.27
CA GLY B 399 10.99 -13.01 -12.71
C GLY B 399 12.09 -12.06 -13.17
N HIS B 400 13.34 -12.40 -12.84
CA HIS B 400 14.48 -11.53 -13.09
C HIS B 400 15.00 -11.78 -14.50
N ILE B 401 15.21 -10.68 -15.24
CA ILE B 401 15.94 -10.77 -16.49
C ILE B 401 17.43 -10.99 -16.17
N THR B 402 18.00 -12.07 -16.73
CA THR B 402 19.39 -12.44 -16.52
C THR B 402 20.06 -12.81 -17.86
N VAL B 403 21.40 -12.79 -17.82
CA VAL B 403 22.23 -13.15 -18.95
C VAL B 403 23.06 -14.34 -18.48
N LYS B 404 22.97 -15.42 -19.25
CA LYS B 404 23.74 -16.63 -18.96
C LYS B 404 25.16 -16.43 -19.46
N LEU B 405 26.14 -16.84 -18.64
CA LEU B 405 27.51 -16.35 -18.71
C LEU B 405 28.48 -17.30 -19.39
N ASN B 406 28.14 -18.58 -19.50
CA ASN B 406 28.92 -19.52 -20.30
C ASN B 406 28.10 -19.90 -21.54
N PRO B 407 28.57 -19.60 -22.77
CA PRO B 407 29.65 -18.63 -23.02
C PRO B 407 29.20 -17.19 -22.79
N ARG B 408 30.22 -16.37 -22.51
CA ARG B 408 30.01 -14.97 -22.15
C ARG B 408 29.68 -14.13 -23.39
N PRO B 409 28.45 -13.56 -23.49
CA PRO B 409 28.05 -12.75 -24.65
C PRO B 409 28.98 -11.59 -24.90
N ILE B 410 28.95 -11.03 -26.09
CA ILE B 410 30.05 -10.22 -26.56
C ILE B 410 29.87 -8.77 -26.12
N GLY B 411 28.63 -8.29 -26.16
CA GLY B 411 28.35 -6.90 -25.84
C GLY B 411 28.30 -6.59 -24.33
N LEU B 412 28.50 -7.61 -23.48
CA LEU B 412 28.44 -7.51 -22.02
C LEU B 412 29.72 -6.86 -21.46
N PHE B 413 29.56 -5.85 -20.58
CA PHE B 413 30.68 -5.16 -19.96
C PHE B 413 31.55 -6.17 -19.20
N LEU B 414 32.78 -5.76 -18.88
CA LEU B 414 33.74 -6.63 -18.20
C LEU B 414 33.29 -6.88 -16.78
N GLY B 415 32.74 -5.82 -16.20
CA GLY B 415 32.22 -5.78 -14.84
C GLY B 415 32.22 -4.33 -14.40
N TYR B 416 31.94 -4.12 -13.11
CA TYR B 416 32.05 -2.81 -12.50
C TYR B 416 33.46 -2.62 -11.97
N SER B 417 33.87 -1.36 -11.77
CA SER B 417 35.08 -1.03 -11.01
C SER B 417 34.91 -1.32 -9.53
N ASP B 418 33.74 -1.82 -9.12
CA ASP B 418 33.44 -2.10 -7.73
C ASP B 418 33.17 -3.58 -7.52
N GLU B 419 34.00 -4.25 -6.73
CA GLU B 419 33.98 -5.70 -6.59
C GLU B 419 32.77 -6.16 -5.76
N LYS B 420 32.24 -5.27 -4.90
CA LYS B 420 31.05 -5.62 -4.15
C LYS B 420 29.86 -5.68 -5.10
N LYS B 421 29.83 -4.74 -6.05
CA LYS B 421 28.70 -4.59 -6.96
C LYS B 421 28.71 -5.73 -7.99
N ASN B 422 29.92 -6.23 -8.29
CA ASN B 422 30.11 -7.38 -9.15
C ASN B 422 29.58 -8.63 -8.45
N MET B 423 29.73 -8.70 -7.13
CA MET B 423 29.31 -9.90 -6.41
C MET B 423 27.78 -10.02 -6.37
N GLU B 424 27.11 -8.87 -6.45
CA GLU B 424 25.66 -8.81 -6.46
C GLU B 424 25.12 -9.12 -7.85
N SER B 425 25.78 -8.57 -8.89
CA SER B 425 25.28 -8.63 -10.26
C SER B 425 25.64 -9.96 -10.94
N PHE B 426 26.76 -10.55 -10.57
CA PHE B 426 27.26 -11.79 -11.17
C PHE B 426 27.10 -12.88 -10.13
N ARG B 427 26.07 -13.73 -10.26
CA ARG B 427 25.78 -14.76 -9.28
C ARG B 427 25.36 -16.09 -9.92
N GLU B 428 25.91 -17.19 -9.37
CA GLU B 428 25.59 -18.57 -9.69
C GLU B 428 25.47 -18.76 -11.21
N GLY B 429 26.32 -18.05 -11.96
CA GLY B 429 26.48 -18.26 -13.39
C GLY B 429 25.63 -17.29 -14.20
N TYR B 430 25.17 -16.18 -13.61
CA TYR B 430 24.28 -15.29 -14.33
C TYR B 430 24.59 -13.86 -13.94
N TYR B 431 24.53 -12.95 -14.93
CA TYR B 431 24.55 -11.54 -14.64
C TYR B 431 23.11 -11.11 -14.55
N TYR B 432 22.74 -10.51 -13.41
CA TYR B 432 21.40 -10.05 -13.17
C TYR B 432 21.32 -8.60 -13.62
N THR B 433 20.33 -8.28 -14.45
CA THR B 433 20.08 -6.92 -14.90
C THR B 433 19.39 -6.14 -13.77
N GLY B 434 18.76 -6.88 -12.83
CA GLY B 434 17.92 -6.29 -11.80
C GLY B 434 16.65 -5.68 -12.37
N ASP B 435 16.19 -6.22 -13.51
CA ASP B 435 14.90 -5.89 -14.09
C ASP B 435 14.02 -7.13 -13.98
N LYS B 436 12.71 -6.89 -13.88
CA LYS B 436 11.74 -7.98 -13.81
C LYS B 436 10.81 -7.90 -15.02
N ALA B 437 10.31 -9.08 -15.45
CA ALA B 437 9.54 -9.21 -16.68
C ALA B 437 8.73 -10.50 -16.63
N TYR B 438 7.76 -10.62 -17.55
CA TYR B 438 7.18 -11.91 -17.89
C TYR B 438 7.20 -12.07 -19.43
N PHE B 439 7.16 -13.32 -19.91
CA PHE B 439 7.02 -13.58 -21.34
C PHE B 439 5.64 -14.21 -21.56
N ASP B 440 5.22 -14.23 -22.84
CA ASP B 440 3.93 -14.77 -23.23
C ASP B 440 4.14 -16.07 -24.00
N GLU B 441 3.06 -16.53 -24.66
CA GLU B 441 3.04 -17.86 -25.23
C GLU B 441 3.82 -17.88 -26.56
N GLU B 442 4.12 -16.69 -27.07
CA GLU B 442 4.91 -16.52 -28.29
C GLU B 442 6.32 -16.00 -27.94
N GLY B 443 6.69 -15.91 -26.65
CA GLY B 443 8.05 -15.58 -26.26
C GLY B 443 8.33 -14.08 -26.35
N TYR B 444 7.29 -13.26 -26.38
CA TYR B 444 7.44 -11.83 -26.27
C TYR B 444 7.56 -11.41 -24.79
N PHE B 445 8.51 -10.50 -24.53
CA PHE B 445 8.82 -10.04 -23.18
C PHE B 445 8.06 -8.78 -22.85
N TYR B 446 7.54 -8.72 -21.62
CA TYR B 446 6.91 -7.54 -21.04
C TYR B 446 7.64 -7.09 -19.76
N PHE B 447 8.19 -5.86 -19.77
CA PHE B 447 8.79 -5.21 -18.59
C PHE B 447 7.79 -4.99 -17.47
N VAL B 448 8.18 -5.37 -16.26
CA VAL B 448 7.32 -5.27 -15.07
C VAL B 448 7.81 -4.12 -14.17
N GLY B 449 9.10 -4.09 -13.88
CA GLY B 449 9.74 -3.00 -13.18
C GLY B 449 11.10 -3.43 -12.59
N ARG B 450 11.64 -2.58 -11.70
CA ARG B 450 12.94 -2.83 -11.09
C ARG B 450 12.77 -3.70 -9.84
N GLY B 451 13.73 -4.59 -9.59
CA GLY B 451 13.86 -5.27 -8.29
C GLY B 451 14.55 -4.35 -7.29
N ASP B 452 15.21 -3.33 -7.84
CA ASP B 452 15.93 -2.29 -7.15
C ASP B 452 15.02 -1.16 -6.71
N ASP B 453 15.69 -0.20 -6.04
CA ASP B 453 15.16 1.12 -5.76
C ASP B 453 15.72 2.16 -6.74
N VAL B 454 16.12 1.73 -7.93
CA VAL B 454 16.71 2.68 -8.84
C VAL B 454 15.57 3.38 -9.54
N ILE B 455 15.83 4.62 -9.93
CA ILE B 455 14.81 5.50 -10.45
C ILE B 455 15.16 5.87 -11.88
N LYS B 456 14.14 6.04 -12.75
CA LYS B 456 14.38 6.55 -14.08
C LYS B 456 13.40 7.67 -14.40
N THR B 457 13.82 8.90 -14.09
CA THR B 457 13.13 10.11 -14.51
C THR B 457 13.67 10.49 -15.86
N SER B 458 12.76 10.74 -16.81
CA SER B 458 13.09 11.41 -18.05
C SER B 458 14.23 10.69 -18.79
N ASP B 459 14.19 9.36 -18.70
CA ASP B 459 15.22 8.49 -19.25
C ASP B 459 16.59 8.80 -18.65
N TYR B 460 16.64 9.05 -17.35
CA TYR B 460 17.90 9.12 -16.63
C TYR B 460 17.81 8.31 -15.34
N ARG B 461 18.76 7.38 -15.26
CA ARG B 461 18.90 6.43 -14.16
C ARG B 461 19.46 7.20 -12.99
N VAL B 462 18.81 7.06 -11.83
CA VAL B 462 19.08 7.86 -10.64
C VAL B 462 19.18 6.97 -9.41
N GLY B 463 20.25 7.21 -8.62
CA GLY B 463 20.51 6.45 -7.40
C GLY B 463 19.92 7.11 -6.15
N PRO B 464 19.12 6.42 -5.30
CA PRO B 464 18.58 7.07 -4.11
C PRO B 464 19.64 7.67 -3.18
N PHE B 465 20.62 6.85 -2.76
CA PHE B 465 21.64 7.24 -1.79
C PHE B 465 22.39 8.48 -2.22
N GLU B 466 22.59 8.60 -3.52
CA GLU B 466 23.30 9.76 -4.03
C GLU B 466 22.58 11.06 -3.66
N VAL B 467 21.25 11.04 -3.80
CA VAL B 467 20.39 12.20 -3.53
C VAL B 467 20.14 12.35 -2.01
N GLU B 468 19.92 11.22 -1.32
CA GLU B 468 19.83 11.18 0.15
C GLU B 468 21.07 11.81 0.76
N SER B 469 22.25 11.44 0.23
CA SER B 469 23.52 11.99 0.68
C SER B 469 23.58 13.50 0.53
N ALA B 470 23.30 13.99 -0.68
CA ALA B 470 23.32 15.42 -0.96
C ALA B 470 22.34 16.17 -0.07
N LEU B 471 21.23 15.50 0.29
CA LEU B 471 20.24 16.11 1.14
C LEU B 471 20.78 16.31 2.57
N LEU B 472 21.59 15.38 3.10
CA LEU B 472 22.11 15.50 4.46
C LEU B 472 23.15 16.64 4.54
N GLU B 473 23.57 17.14 3.38
CA GLU B 473 24.43 18.31 3.30
C GLU B 473 23.72 19.57 3.79
N HIS B 474 22.38 19.55 3.74
CA HIS B 474 21.64 20.71 4.19
C HIS B 474 21.49 20.59 5.71
N PRO B 475 21.90 21.65 6.47
CA PRO B 475 21.87 21.59 7.93
C PRO B 475 20.57 21.05 8.53
N ALA B 476 19.43 21.31 7.84
CA ALA B 476 18.11 21.06 8.37
C ALA B 476 17.73 19.60 8.36
N VAL B 477 18.43 18.79 7.52
CA VAL B 477 18.01 17.45 7.15
C VAL B 477 18.70 16.44 8.05
N ALA B 478 17.83 15.66 8.72
CA ALA B 478 18.19 14.70 9.75
C ALA B 478 18.18 13.30 9.15
N GLU B 479 17.13 13.01 8.38
CA GLU B 479 17.05 11.81 7.53
C GLU B 479 16.39 12.14 6.20
N ALA B 480 16.65 11.25 5.21
CA ALA B 480 16.11 11.38 3.86
C ALA B 480 15.85 10.00 3.23
N ALA B 481 14.73 9.87 2.52
CA ALA B 481 14.47 8.72 1.67
C ALA B 481 13.98 9.22 0.32
N VAL B 482 14.67 8.85 -0.75
CA VAL B 482 14.35 9.27 -2.11
C VAL B 482 13.75 8.09 -2.86
N VAL B 483 12.50 8.29 -3.35
CA VAL B 483 11.82 7.29 -4.14
C VAL B 483 11.36 7.94 -5.43
N GLY B 484 11.06 7.06 -6.41
CA GLY B 484 10.39 7.45 -7.63
C GLY B 484 8.89 7.32 -7.50
N VAL B 485 8.18 8.36 -7.92
CA VAL B 485 6.73 8.30 -7.91
C VAL B 485 6.24 8.35 -9.34
N PRO B 486 5.28 7.46 -9.65
CA PRO B 486 4.64 7.48 -10.97
C PRO B 486 4.34 8.86 -11.56
N ASP B 487 4.75 9.08 -12.80
CA ASP B 487 4.54 10.34 -13.49
C ASP B 487 4.46 10.01 -14.99
N THR B 488 3.40 10.48 -15.66
CA THR B 488 3.13 10.06 -17.03
C THR B 488 4.18 10.65 -17.98
N VAL B 489 4.62 11.88 -17.72
CA VAL B 489 5.54 12.63 -18.54
C VAL B 489 6.96 12.06 -18.44
N ARG B 490 7.44 11.77 -17.23
CA ARG B 490 8.84 11.39 -17.02
C ARG B 490 8.99 9.98 -16.43
N TRP B 491 7.93 9.15 -16.50
CA TRP B 491 7.92 7.77 -16.02
C TRP B 491 7.92 7.79 -14.48
N GLN B 492 8.95 8.37 -13.87
CA GLN B 492 9.02 8.52 -12.42
C GLN B 492 9.46 9.94 -12.08
N LEU B 493 8.93 10.50 -10.94
CA LEU B 493 9.45 11.69 -10.30
C LEU B 493 10.34 11.31 -9.13
N VAL B 494 11.43 12.07 -8.98
CA VAL B 494 12.25 12.04 -7.77
C VAL B 494 11.51 12.80 -6.67
N LYS B 495 11.05 12.07 -5.66
CA LYS B 495 10.50 12.68 -4.46
C LYS B 495 11.41 12.37 -3.28
N ALA B 496 11.58 13.34 -2.36
CA ALA B 496 12.29 13.11 -1.11
C ALA B 496 11.33 13.21 0.07
N TYR B 497 11.36 12.18 0.92
CA TYR B 497 10.88 12.24 2.29
C TYR B 497 12.03 12.76 3.17
N ILE B 498 11.76 13.82 3.94
CA ILE B 498 12.71 14.42 4.86
C ILE B 498 12.15 14.49 6.30
N VAL B 499 12.92 13.94 7.24
CA VAL B 499 12.79 14.18 8.66
C VAL B 499 13.66 15.38 9.03
N LEU B 500 13.09 16.33 9.76
CA LEU B 500 13.77 17.57 10.06
C LEU B 500 14.46 17.54 11.43
N LYS B 501 15.58 18.27 11.51
CA LYS B 501 16.19 18.53 12.79
C LYS B 501 15.30 19.52 13.54
N LYS B 502 15.35 19.37 14.86
CA LYS B 502 14.62 20.22 15.76
C LYS B 502 15.16 21.63 15.60
N GLY B 503 14.26 22.59 15.44
CA GLY B 503 14.65 23.96 15.18
C GLY B 503 14.05 24.47 13.88
N TYR B 504 14.02 23.62 12.86
CA TYR B 504 13.56 24.02 11.55
C TYR B 504 12.12 23.53 11.43
N MET B 505 11.28 24.35 10.80
CA MET B 505 9.85 24.09 10.79
C MET B 505 9.47 23.87 9.33
N PRO B 506 8.57 22.90 9.09
CA PRO B 506 8.28 22.45 7.72
C PRO B 506 7.50 23.54 6.99
N SER B 507 8.15 24.26 6.06
CA SER B 507 7.55 25.36 5.33
C SER B 507 7.89 25.22 3.88
N LYS B 508 7.03 25.80 3.05
CA LYS B 508 7.35 25.90 1.65
C LYS B 508 8.73 26.55 1.44
N GLU B 509 9.04 27.60 2.20
CA GLU B 509 10.24 28.38 1.96
C GLU B 509 11.46 27.54 2.31
N LEU B 510 11.28 26.57 3.22
CA LEU B 510 12.37 25.71 3.64
C LEU B 510 12.61 24.67 2.56
N ALA B 511 11.53 23.99 2.18
CA ALA B 511 11.58 23.05 1.08
C ALA B 511 12.34 23.63 -0.13
N GLU B 512 12.01 24.87 -0.54
CA GLU B 512 12.68 25.58 -1.63
C GLU B 512 14.15 25.82 -1.32
N GLU B 513 14.45 26.31 -0.12
CA GLU B 513 15.83 26.60 0.20
C GLU B 513 16.69 25.34 0.05
N ILE B 514 16.15 24.18 0.47
CA ILE B 514 16.81 22.87 0.37
C ILE B 514 16.98 22.44 -1.09
N ARG B 515 15.91 22.65 -1.86
CA ARG B 515 15.89 22.31 -3.25
C ARG B 515 16.92 23.13 -4.02
N GLU B 516 16.98 24.44 -3.75
CA GLU B 516 17.91 25.31 -4.48
C GLU B 516 19.35 24.93 -4.16
N LYS B 517 19.60 24.55 -2.91
CA LYS B 517 20.88 23.98 -2.54
C LYS B 517 21.14 22.74 -3.39
N MET B 518 20.19 21.81 -3.43
CA MET B 518 20.41 20.58 -4.15
C MET B 518 20.71 20.85 -5.65
N LYS B 519 20.18 21.95 -6.22
CA LYS B 519 20.46 22.33 -7.61
C LYS B 519 21.94 22.63 -7.86
N THR B 520 22.67 23.15 -6.87
CA THR B 520 24.09 23.40 -7.02
C THR B 520 24.90 22.12 -6.84
N LEU B 521 24.34 21.08 -6.21
CA LEU B 521 25.08 19.82 -5.99
C LEU B 521 24.75 18.74 -7.04
N LEU B 522 23.51 18.73 -7.53
CA LEU B 522 22.97 17.63 -8.30
C LEU B 522 22.61 18.07 -9.73
N SER B 523 22.93 17.15 -10.65
CA SER B 523 22.40 17.21 -11.98
C SER B 523 20.89 17.41 -11.92
N PRO B 524 20.31 18.32 -12.73
CA PRO B 524 18.89 18.63 -12.66
C PRO B 524 17.94 17.46 -12.54
N TYR B 525 18.21 16.35 -13.20
CA TYR B 525 17.26 15.25 -13.27
C TYR B 525 17.20 14.64 -11.87
N LYS B 526 18.26 14.82 -11.08
CA LYS B 526 18.31 14.23 -9.76
C LYS B 526 17.64 15.07 -8.68
N VAL B 527 17.45 16.38 -8.94
CA VAL B 527 16.92 17.33 -7.97
C VAL B 527 15.44 17.03 -7.72
N PRO B 528 15.06 16.65 -6.48
CA PRO B 528 13.68 16.25 -6.19
C PRO B 528 12.68 17.30 -6.65
N ARG B 529 11.66 16.81 -7.36
CA ARG B 529 10.55 17.62 -7.81
C ARG B 529 9.50 17.75 -6.70
N ILE B 530 9.53 16.79 -5.77
CA ILE B 530 8.71 16.91 -4.56
C ILE B 530 9.59 16.75 -3.32
N ILE B 531 9.23 17.50 -2.27
CA ILE B 531 9.82 17.34 -0.95
C ILE B 531 8.69 17.29 0.09
N GLU B 532 8.66 16.20 0.85
CA GLU B 532 7.65 15.99 1.87
C GLU B 532 8.40 15.76 3.18
N PHE B 533 8.04 16.58 4.19
CA PHE B 533 8.63 16.54 5.50
C PHE B 533 7.74 15.63 6.30
N VAL B 534 8.36 14.71 7.02
CA VAL B 534 7.63 13.80 7.86
C VAL B 534 8.32 13.66 9.21
N ASP B 535 7.55 13.18 10.20
CA ASP B 535 8.05 12.92 11.53
C ASP B 535 9.02 11.75 11.52
N GLU B 536 8.69 10.71 10.75
CA GLU B 536 9.58 9.55 10.65
C GLU B 536 9.36 8.83 9.34
N LEU B 537 10.34 7.96 9.02
CA LEU B 537 10.31 7.11 7.85
C LEU B 537 9.93 5.69 8.29
N PRO B 538 9.02 5.00 7.57
CA PRO B 538 8.57 3.68 8.01
C PRO B 538 9.74 2.73 7.82
N LYS B 539 10.05 1.91 8.83
CA LYS B 539 11.29 1.14 8.84
C LYS B 539 11.01 -0.33 9.20
N THR B 540 11.90 -1.21 8.76
CA THR B 540 11.91 -2.59 9.19
C THR B 540 12.60 -2.63 10.55
N ILE B 541 12.55 -3.80 11.16
CA ILE B 541 13.33 -4.17 12.34
C ILE B 541 14.82 -3.85 12.17
N SER B 542 15.35 -3.90 10.92
CA SER B 542 16.76 -3.66 10.64
C SER B 542 17.12 -2.18 10.80
N GLY B 543 16.12 -1.32 10.65
CA GLY B 543 16.32 0.10 10.40
C GLY B 543 16.19 0.47 8.92
N LYS B 544 15.85 -0.47 8.04
CA LYS B 544 15.88 -0.18 6.62
C LYS B 544 14.53 0.40 6.18
N ILE B 545 14.62 1.41 5.31
CA ILE B 545 13.48 2.19 4.92
C ILE B 545 12.60 1.29 4.07
N ARG B 546 11.31 1.22 4.42
CA ARG B 546 10.29 0.52 3.65
C ARG B 546 9.77 1.42 2.54
N ARG B 547 10.59 1.55 1.47
CA ARG B 547 10.25 2.35 0.31
C ARG B 547 9.02 1.75 -0.37
N VAL B 548 8.84 0.44 -0.15
CA VAL B 548 7.59 -0.30 -0.37
C VAL B 548 6.38 0.51 0.10
N GLU B 549 6.35 0.81 1.41
CA GLU B 549 5.13 1.29 2.06
C GLU B 549 4.99 2.78 1.80
N LEU B 550 6.12 3.46 1.52
CA LEU B 550 6.09 4.84 1.08
C LEU B 550 5.28 4.93 -0.22
N ARG B 551 5.52 4.00 -1.14
CA ARG B 551 4.79 3.90 -2.40
C ARG B 551 3.33 3.52 -2.17
N LYS B 552 3.04 2.49 -1.40
CA LYS B 552 1.65 2.11 -1.17
C LYS B 552 0.85 3.30 -0.63
N ARG B 553 1.48 4.09 0.24
CA ARG B 553 0.81 5.19 0.91
C ARG B 553 0.53 6.31 -0.08
N GLU B 554 1.50 6.50 -1.01
CA GLU B 554 1.40 7.49 -2.07
C GLU B 554 0.19 7.17 -2.92
N GLU B 555 -0.06 5.88 -3.17
CA GLU B 555 -1.13 5.37 -4.02
C GLU B 555 -2.49 5.69 -3.42
N GLU B 556 -2.65 5.50 -2.09
CA GLU B 556 -3.94 5.70 -1.45
C GLU B 556 -4.23 7.19 -1.46
N LYS B 557 -3.16 7.99 -1.35
CA LYS B 557 -3.31 9.43 -1.37
C LYS B 557 -3.61 9.93 -2.78
N ARG B 558 -3.08 9.29 -3.80
CA ARG B 558 -3.40 9.65 -5.17
C ARG B 558 -4.89 9.48 -5.47
N LYS B 559 -5.51 8.41 -4.93
CA LYS B 559 -6.91 8.09 -5.18
C LYS B 559 -7.86 9.06 -4.48
N LYS B 560 -7.34 9.94 -3.62
CA LYS B 560 -8.12 11.00 -3.00
C LYS B 560 -7.56 12.36 -3.42
N GLY B 561 -6.76 12.39 -4.49
CA GLY B 561 -6.03 13.57 -4.95
C GLY B 561 -5.56 14.50 -3.83
N GLU B 562 -4.97 13.93 -2.76
CA GLU B 562 -4.48 14.72 -1.64
C GLU B 562 -2.95 14.63 -1.54
N VAL B 563 -2.32 15.77 -1.23
CA VAL B 563 -0.92 15.85 -0.80
C VAL B 563 -0.82 15.42 0.67
N GLY B 564 0.39 15.05 1.08
CA GLY B 564 0.77 14.85 2.47
C GLY B 564 0.76 16.18 3.24
N GLN B 565 0.73 16.13 4.57
CA GLN B 565 0.53 17.34 5.36
C GLN B 565 1.53 18.47 5.05
N ASN B 566 2.79 18.11 4.71
CA ASN B 566 3.85 19.06 4.40
C ASN B 566 4.60 18.56 3.16
N GLU B 567 3.82 18.16 2.15
CA GLU B 567 4.31 17.79 0.82
C GLU B 567 4.26 19.00 -0.09
N TYR B 568 5.43 19.37 -0.63
CA TYR B 568 5.57 20.55 -1.46
C TYR B 568 5.99 20.12 -2.87
N VAL B 569 5.12 20.42 -3.84
CA VAL B 569 5.34 20.05 -5.23
C VAL B 569 5.81 21.28 -5.99
N PHE B 570 6.87 21.11 -6.80
CA PHE B 570 7.47 22.16 -7.60
C PHE B 570 7.23 21.86 -9.11
N VAL C 10 -32.31 52.16 19.00
CA VAL C 10 -31.47 51.81 17.81
C VAL C 10 -30.13 51.19 18.27
N GLN C 11 -29.55 51.76 19.33
CA GLN C 11 -28.55 51.05 20.09
C GLN C 11 -29.27 50.00 20.94
N ASP C 12 -30.46 50.33 21.43
CA ASP C 12 -31.26 49.46 22.28
C ASP C 12 -31.62 48.17 21.57
N PHE C 13 -31.70 48.22 20.24
CA PHE C 13 -31.95 47.02 19.46
C PHE C 13 -30.93 45.92 19.77
N PHE C 14 -29.65 46.28 19.69
CA PHE C 14 -28.56 45.32 19.79
C PHE C 14 -28.44 44.81 21.22
N ARG C 15 -28.82 45.65 22.18
CA ARG C 15 -28.77 45.26 23.56
C ARG C 15 -29.88 44.24 23.80
N LYS C 16 -31.04 44.38 23.15
CA LYS C 16 -32.11 43.38 23.21
C LYS C 16 -31.66 42.12 22.47
N PHE C 17 -30.97 42.32 21.35
CA PHE C 17 -30.51 41.21 20.56
C PHE C 17 -29.56 40.35 21.38
N ILE C 18 -28.55 41.00 21.98
CA ILE C 18 -27.51 40.31 22.71
C ILE C 18 -28.10 39.44 23.83
N GLU C 19 -29.20 39.93 24.42
CA GLU C 19 -29.89 39.17 25.44
C GLU C 19 -30.63 37.98 24.84
N PHE C 20 -31.37 38.22 23.76
CA PHE C 20 -32.02 37.14 23.04
C PHE C 20 -31.09 35.94 22.91
N GLN C 21 -29.81 36.23 22.62
CA GLN C 21 -28.82 35.20 22.39
C GLN C 21 -28.54 34.34 23.60
N ASN C 22 -28.62 34.93 24.80
CA ASN C 22 -28.17 34.25 26.02
C ASN C 22 -29.17 33.18 26.40
N SER C 23 -30.36 33.28 25.81
CA SER C 23 -31.41 32.31 26.02
C SER C 23 -32.47 32.48 24.93
N PRO C 24 -32.30 31.91 23.72
CA PRO C 24 -33.23 32.20 22.62
C PRO C 24 -34.38 31.21 22.50
N ASN C 25 -35.48 31.70 21.94
CA ASN C 25 -36.59 30.84 21.57
C ASN C 25 -37.42 31.48 20.45
N GLU C 26 -38.30 30.63 19.90
CA GLU C 26 -39.19 30.95 18.80
C GLU C 26 -39.80 32.33 18.98
N LYS C 27 -40.51 32.48 20.11
CA LYS C 27 -41.35 33.63 20.38
C LYS C 27 -40.49 34.89 20.43
N SER C 28 -39.38 34.86 21.19
CA SER C 28 -38.53 36.02 21.38
C SER C 28 -37.80 36.34 20.09
N LEU C 29 -37.62 35.36 19.23
CA LEU C 29 -37.07 35.63 17.92
C LEU C 29 -37.97 36.60 17.14
N GLN C 30 -39.25 36.31 17.14
CA GLN C 30 -40.25 37.10 16.45
C GLN C 30 -40.26 38.57 16.89
N GLU C 31 -40.06 38.81 18.20
CA GLU C 31 -39.87 40.15 18.74
C GLU C 31 -38.66 40.82 18.07
N ILE C 32 -37.53 40.09 18.01
CA ILE C 32 -36.33 40.63 17.39
C ILE C 32 -36.63 41.08 15.98
N VAL C 33 -37.25 40.18 15.22
CA VAL C 33 -37.71 40.43 13.85
C VAL C 33 -38.46 41.74 13.70
N LYS C 34 -39.46 41.93 14.56
CA LYS C 34 -40.32 43.11 14.51
C LYS C 34 -39.49 44.36 14.76
N LEU C 35 -38.51 44.27 15.67
CA LEU C 35 -37.72 45.42 16.08
C LEU C 35 -36.77 45.87 14.98
N VAL C 36 -36.30 44.92 14.17
CA VAL C 36 -35.43 45.29 13.08
C VAL C 36 -36.20 46.13 12.07
N GLY C 37 -37.46 45.74 11.84
CA GLY C 37 -38.34 46.41 10.89
C GLY C 37 -38.57 47.87 11.25
N GLN C 38 -38.38 48.21 12.53
CA GLN C 38 -38.58 49.56 13.02
C GLN C 38 -37.27 50.34 13.13
N LEU C 39 -36.12 49.75 12.75
CA LEU C 39 -34.87 50.49 12.80
C LEU C 39 -34.88 51.56 11.72
N ASP C 40 -34.25 52.70 12.02
CA ASP C 40 -34.04 53.76 11.05
C ASP C 40 -32.61 53.66 10.54
N LEU C 41 -32.51 53.19 9.29
CA LEU C 41 -31.23 52.78 8.73
C LEU C 41 -30.93 53.61 7.50
N ARG C 42 -31.55 54.79 7.42
CA ARG C 42 -31.40 55.72 6.31
C ARG C 42 -29.96 56.22 6.23
N ARG C 43 -29.39 56.68 7.35
CA ARG C 43 -27.98 56.98 7.48
C ARG C 43 -27.38 56.09 8.58
N PHE C 44 -26.47 55.20 8.22
CA PHE C 44 -26.02 54.18 9.14
C PHE C 44 -24.58 53.82 8.78
N ASN C 45 -23.85 53.37 9.81
CA ASN C 45 -22.45 53.02 9.70
C ASN C 45 -22.16 52.09 10.87
N TRP C 46 -22.05 50.80 10.58
CA TRP C 46 -22.05 49.81 11.62
C TRP C 46 -20.84 49.96 12.55
N VAL C 47 -19.70 50.47 12.05
CA VAL C 47 -18.53 50.66 12.90
C VAL C 47 -18.80 51.71 14.00
N ARG C 48 -19.10 52.94 13.56
CA ARG C 48 -19.53 54.01 14.45
C ARG C 48 -20.64 53.52 15.39
N ASP C 49 -21.73 53.04 14.80
CA ASP C 49 -23.00 52.86 15.50
C ASP C 49 -23.07 51.58 16.35
N VAL C 50 -22.25 50.58 16.07
CA VAL C 50 -22.30 49.32 16.82
C VAL C 50 -20.93 49.07 17.42
N PHE C 51 -19.90 49.09 16.57
CA PHE C 51 -18.59 48.66 17.01
C PHE C 51 -18.13 49.63 18.10
N GLU C 52 -18.05 50.90 17.72
CA GLU C 52 -17.55 51.98 18.56
C GLU C 52 -18.55 52.22 19.67
N ASP C 53 -19.82 52.44 19.33
CA ASP C 53 -20.79 53.01 20.24
C ASP C 53 -21.29 52.00 21.24
N ILE C 54 -21.24 50.72 20.90
CA ILE C 54 -21.54 49.72 21.92
C ILE C 54 -20.23 49.12 22.44
N HIS C 55 -19.49 48.45 21.58
CA HIS C 55 -18.49 47.53 22.09
C HIS C 55 -17.26 48.30 22.58
N VAL C 56 -16.78 49.28 21.80
CA VAL C 56 -15.56 49.97 22.19
C VAL C 56 -15.86 50.79 23.43
N LYS C 57 -17.09 51.30 23.50
CA LYS C 57 -17.53 52.15 24.59
C LYS C 57 -17.77 51.30 25.86
N GLU C 58 -18.55 50.21 25.77
CA GLU C 58 -18.88 49.39 26.93
C GLU C 58 -17.80 48.35 27.28
N ARG C 59 -17.03 47.85 26.30
CA ARG C 59 -16.08 46.76 26.55
C ARG C 59 -14.79 46.96 25.78
N GLY C 60 -14.34 48.22 25.71
CA GLY C 60 -13.13 48.65 25.05
C GLY C 60 -11.91 47.78 25.35
N SER C 61 -11.82 47.20 26.54
CA SER C 61 -10.60 46.50 26.88
C SER C 61 -10.86 45.01 27.13
N LYS C 62 -12.04 44.52 26.72
CA LYS C 62 -12.24 43.10 26.47
C LYS C 62 -11.46 42.66 25.22
N THR C 63 -10.99 41.41 25.18
CA THR C 63 -10.42 40.81 23.98
C THR C 63 -11.48 40.66 22.88
N ALA C 64 -11.26 41.45 21.81
CA ALA C 64 -12.00 41.35 20.56
C ALA C 64 -11.51 40.18 19.70
N LEU C 65 -10.19 40.01 19.63
CA LEU C 65 -9.57 39.01 18.79
C LEU C 65 -8.43 38.28 19.50
N ILE C 66 -8.47 36.96 19.40
CA ILE C 66 -7.34 36.08 19.65
C ILE C 66 -6.96 35.42 18.33
N TRP C 67 -5.71 35.64 17.87
CA TRP C 67 -5.22 35.14 16.61
C TRP C 67 -4.04 34.17 16.82
N ARG C 68 -3.92 33.19 15.91
CA ARG C 68 -2.86 32.20 16.02
C ARG C 68 -2.57 31.62 14.64
N ASP C 69 -1.27 31.53 14.29
CA ASP C 69 -0.78 30.93 13.06
C ASP C 69 -0.24 29.56 13.41
N ILE C 70 -0.86 28.48 12.91
CA ILE C 70 -0.45 27.16 13.35
C ILE C 70 0.89 26.78 12.69
N ASN C 71 1.31 27.50 11.64
CA ASN C 71 2.60 27.21 11.01
C ASN C 71 3.70 27.93 11.81
N THR C 72 3.64 29.27 11.88
CA THR C 72 4.68 30.10 12.48
C THR C 72 4.69 29.94 14.00
N GLY C 73 3.52 29.75 14.60
CA GLY C 73 3.44 29.68 16.06
C GLY C 73 2.90 30.98 16.66
N GLU C 74 3.16 32.12 16.00
CA GLU C 74 2.70 33.45 16.41
C GLU C 74 1.29 33.42 17.00
N GLU C 75 1.10 34.15 18.11
CA GLU C 75 -0.19 34.44 18.72
C GLU C 75 -0.21 35.94 18.97
N ALA C 76 -1.37 36.55 18.78
CA ALA C 76 -1.53 37.98 18.99
C ALA C 76 -2.99 38.25 19.36
N LYS C 77 -3.18 39.23 20.26
CA LYS C 77 -4.43 39.46 20.94
C LYS C 77 -4.77 40.93 20.79
N LEU C 78 -6.01 41.24 20.39
CA LEU C 78 -6.44 42.62 20.33
C LEU C 78 -7.72 42.82 21.15
N SER C 79 -7.72 43.89 21.93
CA SER C 79 -8.93 44.37 22.56
C SER C 79 -9.74 45.17 21.54
N TYR C 80 -11.03 45.35 21.86
CA TYR C 80 -11.95 46.16 21.08
C TYR C 80 -11.35 47.55 20.83
N HIS C 81 -10.65 48.09 21.84
CA HIS C 81 -9.99 49.37 21.73
C HIS C 81 -8.84 49.29 20.73
N GLU C 82 -7.80 48.49 21.01
CA GLU C 82 -6.60 48.53 20.21
C GLU C 82 -6.98 48.32 18.75
N LEU C 83 -8.00 47.47 18.51
CA LEU C 83 -8.47 47.13 17.17
C LEU C 83 -9.14 48.35 16.52
N SER C 84 -9.93 49.10 17.30
CA SER C 84 -10.55 50.32 16.79
C SER C 84 -9.49 51.34 16.40
N LEU C 85 -8.38 51.39 17.15
CA LEU C 85 -7.32 52.35 16.92
C LEU C 85 -6.58 51.93 15.66
N MET C 86 -6.22 50.67 15.64
CA MET C 86 -5.48 50.07 14.53
C MET C 86 -6.22 50.26 13.20
N SER C 87 -7.55 50.08 13.24
CA SER C 87 -8.42 50.28 12.10
C SER C 87 -8.42 51.75 11.67
N ASN C 88 -8.39 52.68 12.63
CA ASN C 88 -8.40 54.09 12.27
C ASN C 88 -7.08 54.47 11.57
N ARG C 89 -5.97 53.86 11.97
CA ARG C 89 -4.68 54.10 11.32
C ARG C 89 -4.74 53.62 9.88
N VAL C 90 -5.43 52.50 9.63
CA VAL C 90 -5.70 52.03 8.28
C VAL C 90 -6.43 53.12 7.50
N LEU C 91 -7.60 53.51 8.02
CA LEU C 91 -8.47 54.47 7.35
C LEU C 91 -7.78 55.82 7.12
N SER C 92 -6.99 56.26 8.10
CA SER C 92 -6.17 57.45 7.97
C SER C 92 -5.13 57.27 6.86
N THR C 93 -4.46 56.12 6.82
CA THR C 93 -3.44 55.82 5.81
C THR C 93 -4.08 55.79 4.39
N LEU C 94 -5.28 55.17 4.25
CA LEU C 94 -5.96 55.12 2.97
C LEU C 94 -6.30 56.52 2.47
N ARG C 95 -6.90 57.30 3.37
CA ARG C 95 -7.36 58.67 3.16
C ARG C 95 -6.21 59.55 2.74
N LYS C 96 -5.04 59.26 3.36
CA LYS C 96 -3.79 59.97 3.14
C LYS C 96 -3.33 59.76 1.72
N HIS C 97 -3.62 58.57 1.17
CA HIS C 97 -3.32 58.21 -0.22
C HIS C 97 -4.52 58.53 -1.12
N GLY C 98 -5.41 59.40 -0.65
CA GLY C 98 -6.42 60.02 -1.48
C GLY C 98 -7.62 59.12 -1.76
N LEU C 99 -8.10 58.36 -0.78
CA LEU C 99 -9.23 57.47 -0.96
C LEU C 99 -10.50 58.11 -0.41
N LYS C 100 -11.41 58.43 -1.35
CA LYS C 100 -12.71 58.96 -1.02
C LYS C 100 -13.65 57.79 -0.89
N LYS C 101 -14.88 58.07 -0.42
CA LYS C 101 -15.95 57.09 -0.26
C LYS C 101 -16.24 56.45 -1.63
N GLY C 102 -16.52 55.14 -1.62
CA GLY C 102 -16.94 54.45 -2.82
C GLY C 102 -15.78 53.85 -3.61
N ASP C 103 -14.54 54.27 -3.32
CA ASP C 103 -13.33 53.79 -3.96
C ASP C 103 -13.07 52.32 -3.69
N VAL C 104 -12.47 51.67 -4.68
CA VAL C 104 -12.33 50.23 -4.67
C VAL C 104 -11.03 49.82 -4.00
N VAL C 105 -11.17 48.85 -3.08
CA VAL C 105 -10.05 48.32 -2.33
C VAL C 105 -10.08 46.79 -2.39
N TYR C 106 -9.07 46.23 -3.05
CA TYR C 106 -8.91 44.80 -3.07
C TYR C 106 -8.18 44.41 -1.80
N LEU C 107 -8.62 43.31 -1.21
CA LEU C 107 -8.00 42.79 0.00
C LEU C 107 -7.71 41.30 -0.14
N MET C 108 -6.40 41.04 -0.23
CA MET C 108 -5.91 39.68 -0.42
C MET C 108 -4.88 39.40 0.68
N THR C 109 -5.32 38.83 1.78
CA THR C 109 -4.39 38.48 2.84
C THR C 109 -4.81 37.19 3.51
N LYS C 110 -3.85 36.61 4.21
CA LYS C 110 -4.08 35.49 5.09
C LYS C 110 -4.95 35.93 6.27
N VAL C 111 -5.35 34.95 7.08
CA VAL C 111 -5.98 35.24 8.35
C VAL C 111 -4.97 35.95 9.25
N HIS C 112 -5.33 37.15 9.74
CA HIS C 112 -4.40 38.05 10.42
C HIS C 112 -5.20 39.20 11.02
N PRO C 113 -4.78 39.74 12.20
CA PRO C 113 -5.54 40.81 12.83
C PRO C 113 -5.81 41.96 11.87
N MET C 114 -4.77 42.31 11.09
CA MET C 114 -4.81 43.48 10.24
C MET C 114 -5.93 43.33 9.19
N HIS C 115 -6.42 42.10 8.99
CA HIS C 115 -7.52 41.83 8.08
C HIS C 115 -8.78 42.45 8.69
N TRP C 116 -9.07 42.12 9.96
CA TRP C 116 -10.20 42.69 10.67
C TRP C 116 -10.08 44.20 10.67
N ALA C 117 -8.88 44.66 10.97
CA ALA C 117 -8.58 46.08 10.92
C ALA C 117 -9.06 46.72 9.61
N VAL C 118 -8.69 46.09 8.49
CA VAL C 118 -8.99 46.68 7.21
C VAL C 118 -10.50 46.64 6.98
N PHE C 119 -11.14 45.50 7.28
CA PHE C 119 -12.59 45.41 7.22
C PHE C 119 -13.23 46.65 7.85
N LEU C 120 -12.81 46.93 9.09
CA LEU C 120 -13.36 48.03 9.86
C LEU C 120 -13.09 49.35 9.14
N ALA C 121 -11.86 49.53 8.67
CA ALA C 121 -11.47 50.80 8.10
C ALA C 121 -12.33 51.12 6.88
N VAL C 122 -12.60 50.06 6.09
CA VAL C 122 -13.42 50.14 4.89
C VAL C 122 -14.86 50.50 5.24
N ILE C 123 -15.46 49.75 6.18
CA ILE C 123 -16.87 49.95 6.53
C ILE C 123 -17.04 51.38 7.06
N LYS C 124 -16.06 51.84 7.86
CA LYS C 124 -16.13 53.13 8.52
C LYS C 124 -15.96 54.26 7.49
N GLY C 125 -15.07 54.00 6.54
CA GLY C 125 -14.72 55.01 5.55
C GLY C 125 -15.64 54.96 4.33
N GLY C 126 -16.58 54.01 4.27
CA GLY C 126 -17.55 53.96 3.17
C GLY C 126 -16.92 53.58 1.82
N PHE C 127 -15.84 52.80 1.88
CA PHE C 127 -15.14 52.31 0.72
C PHE C 127 -15.80 51.03 0.27
N VAL C 128 -15.48 50.60 -0.96
CA VAL C 128 -15.92 49.34 -1.55
C VAL C 128 -14.72 48.39 -1.48
N MET C 129 -14.89 47.38 -0.64
CA MET C 129 -13.88 46.37 -0.50
C MET C 129 -14.27 45.19 -1.38
N VAL C 130 -13.25 44.61 -2.00
CA VAL C 130 -13.37 43.37 -2.75
C VAL C 130 -12.50 42.31 -2.09
N PRO C 131 -13.09 41.44 -1.25
CA PRO C 131 -12.39 40.29 -0.68
C PRO C 131 -11.86 39.44 -1.82
N SER C 132 -10.54 39.21 -1.78
CA SER C 132 -9.88 38.35 -2.74
C SER C 132 -9.14 37.25 -1.98
N ALA C 133 -9.34 36.00 -2.40
CA ALA C 133 -8.75 34.86 -1.73
C ALA C 133 -7.25 34.76 -2.05
N THR C 134 -6.49 34.08 -1.18
CA THR C 134 -5.04 33.99 -1.32
C THR C 134 -4.61 32.94 -2.35
N ASN C 135 -5.54 32.09 -2.83
CA ASN C 135 -5.17 31.08 -3.83
C ASN C 135 -5.58 31.51 -5.23
N LEU C 136 -6.02 32.75 -5.41
CA LEU C 136 -6.32 33.32 -6.73
C LEU C 136 -5.04 33.54 -7.54
N THR C 137 -5.12 33.19 -8.85
CA THR C 137 -4.03 33.28 -9.80
C THR C 137 -3.95 34.68 -10.41
N VAL C 138 -2.79 34.96 -11.03
CA VAL C 138 -2.55 36.21 -11.75
C VAL C 138 -3.68 36.46 -12.75
N ALA C 139 -4.11 35.40 -13.41
CA ALA C 139 -5.14 35.46 -14.45
C ALA C 139 -6.47 35.85 -13.85
N GLU C 140 -6.86 35.14 -12.78
CA GLU C 140 -8.10 35.44 -12.09
C GLU C 140 -8.12 36.90 -11.65
N MET C 141 -6.97 37.38 -11.15
CA MET C 141 -6.93 38.73 -10.63
C MET C 141 -7.02 39.79 -11.71
N LYS C 142 -6.40 39.53 -12.88
CA LYS C 142 -6.48 40.41 -14.04
C LYS C 142 -7.91 40.53 -14.52
N TYR C 143 -8.67 39.41 -14.44
CA TYR C 143 -10.07 39.41 -14.86
C TYR C 143 -10.84 40.39 -13.98
N ARG C 144 -10.60 40.27 -12.67
CA ARG C 144 -11.22 41.12 -11.66
C ARG C 144 -10.95 42.59 -11.96
N PHE C 145 -9.70 42.93 -12.28
CA PHE C 145 -9.32 44.31 -12.53
C PHE C 145 -9.98 44.84 -13.80
N SER C 146 -10.16 43.99 -14.81
CA SER C 146 -10.87 44.41 -16.01
C SER C 146 -12.29 44.79 -15.63
N ASP C 147 -12.89 44.04 -14.69
CA ASP C 147 -14.30 44.20 -14.35
C ASP C 147 -14.53 45.36 -13.36
N LEU C 148 -13.61 45.50 -12.40
CA LEU C 148 -13.64 46.61 -11.47
C LEU C 148 -12.23 47.08 -11.14
N LYS C 149 -11.91 48.30 -11.60
CA LYS C 149 -10.57 48.87 -11.50
C LYS C 149 -10.29 49.28 -10.06
N PRO C 150 -9.12 48.86 -9.51
CA PRO C 150 -8.76 49.17 -8.14
C PRO C 150 -8.19 50.59 -7.94
N SER C 151 -8.64 51.23 -6.84
CA SER C 151 -8.09 52.50 -6.38
C SER C 151 -6.94 52.19 -5.42
N ALA C 152 -7.10 51.10 -4.67
CA ALA C 152 -6.06 50.63 -3.79
C ALA C 152 -6.13 49.12 -3.64
N ILE C 153 -4.97 48.52 -3.39
CA ILE C 153 -4.91 47.10 -3.13
C ILE C 153 -4.00 46.86 -1.93
N ILE C 154 -4.36 45.81 -1.19
CA ILE C 154 -3.79 45.50 0.11
C ILE C 154 -3.54 44.00 0.18
N SER C 155 -2.29 43.66 0.49
CA SER C 155 -1.87 42.27 0.48
C SER C 155 -0.93 41.99 1.65
N ASP C 156 -0.69 40.69 1.90
CA ASP C 156 0.44 40.25 2.70
C ASP C 156 1.64 40.04 1.75
N SER C 157 2.83 39.80 2.31
CA SER C 157 4.06 39.82 1.52
C SER C 157 4.14 38.53 0.71
N LEU C 158 3.43 37.52 1.21
CA LEU C 158 3.37 36.20 0.58
C LEU C 158 2.66 36.22 -0.76
N ARG C 159 1.81 37.23 -1.07
CA ARG C 159 1.02 37.24 -2.29
C ARG C 159 1.12 38.59 -2.99
N ALA C 160 2.23 39.30 -2.75
CA ALA C 160 2.40 40.66 -3.26
C ALA C 160 2.76 40.60 -4.74
N SER C 161 3.64 39.66 -5.08
CA SER C 161 4.05 39.39 -6.45
C SER C 161 2.86 39.13 -7.37
N VAL C 162 1.90 38.29 -6.92
CA VAL C 162 0.70 37.95 -7.70
C VAL C 162 -0.13 39.22 -7.97
N MET C 163 -0.27 40.08 -6.99
CA MET C 163 -0.99 41.33 -7.21
C MET C 163 -0.19 42.23 -8.15
N GLU C 164 1.13 42.31 -7.93
CA GLU C 164 2.03 43.17 -8.68
C GLU C 164 2.00 42.81 -10.17
N GLU C 165 1.99 41.49 -10.45
CA GLU C 165 1.93 40.94 -11.80
C GLU C 165 0.55 41.13 -12.43
N ALA C 166 -0.53 40.90 -11.69
CA ALA C 166 -1.86 41.04 -12.25
C ALA C 166 -2.17 42.51 -12.56
N LEU C 167 -1.56 43.40 -11.79
CA LEU C 167 -1.71 44.84 -11.92
C LEU C 167 -1.08 45.29 -13.21
N GLY C 168 0.14 44.83 -13.45
CA GLY C 168 0.85 45.28 -14.63
C GLY C 168 1.32 46.72 -14.46
N SER C 169 0.60 47.68 -15.07
CA SER C 169 0.93 49.09 -14.90
C SER C 169 -0.34 49.95 -14.78
N LEU C 170 -1.28 49.48 -13.95
CA LEU C 170 -2.40 50.31 -13.49
C LEU C 170 -1.86 51.18 -12.33
N LYS C 171 -2.23 52.47 -12.28
CA LYS C 171 -1.96 53.30 -11.11
C LYS C 171 -2.76 52.83 -9.89
N VAL C 172 -2.11 52.35 -8.81
CA VAL C 172 -2.82 52.15 -7.56
C VAL C 172 -1.90 52.38 -6.38
N GLU C 173 -2.53 52.63 -5.23
CA GLU C 173 -1.87 52.62 -3.94
C GLU C 173 -1.88 51.19 -3.41
N LYS C 174 -0.68 50.71 -3.06
CA LYS C 174 -0.51 49.34 -2.59
C LYS C 174 -0.08 49.33 -1.13
N PHE C 175 -0.48 48.27 -0.41
CA PHE C 175 -0.20 48.21 1.02
C PHE C 175 0.04 46.78 1.49
N LEU C 176 1.04 46.65 2.36
CA LEU C 176 1.43 45.41 3.01
C LEU C 176 1.05 45.45 4.50
N ILE C 177 0.47 44.33 4.94
CA ILE C 177 0.06 44.09 6.30
C ILE C 177 1.18 43.45 7.10
N ASP C 178 2.21 42.89 6.45
CA ASP C 178 3.25 42.15 7.16
C ASP C 178 4.59 42.18 6.40
N GLY C 179 5.51 43.05 6.77
CA GLY C 179 6.79 43.07 6.09
C GLY C 179 6.89 44.20 5.08
N LYS C 180 8.07 44.24 4.43
CA LYS C 180 8.58 45.32 3.60
C LYS C 180 8.53 44.91 2.13
N ARG C 181 8.38 45.89 1.23
CA ARG C 181 8.50 45.59 -0.18
C ARG C 181 8.50 46.89 -0.97
N GLU C 182 9.32 46.92 -2.02
CA GLU C 182 9.53 48.17 -2.73
C GLU C 182 8.22 48.64 -3.37
N THR C 183 7.86 49.92 -3.10
CA THR C 183 6.69 50.62 -3.63
C THR C 183 5.40 50.09 -3.02
N TRP C 184 5.51 49.28 -1.94
CA TRP C 184 4.40 49.00 -1.05
C TRP C 184 4.51 49.85 0.22
N ASN C 185 3.35 50.24 0.74
CA ASN C 185 3.26 51.11 1.90
C ASN C 185 2.77 50.31 3.11
N SER C 186 3.12 50.86 4.28
CA SER C 186 2.61 50.46 5.58
C SER C 186 1.18 50.96 5.79
N LEU C 187 0.44 50.34 6.73
CA LEU C 187 -0.92 50.77 7.06
C LEU C 187 -1.06 51.47 8.43
N GLU C 188 0.04 51.52 9.20
CA GLU C 188 -0.03 51.91 10.60
C GLU C 188 0.79 53.18 10.82
N ASP C 189 1.04 53.98 9.78
CA ASP C 189 1.99 55.07 9.89
C ASP C 189 1.29 56.41 10.05
N GLU C 190 -0.05 56.48 9.85
CA GLU C 190 -0.77 57.73 10.08
C GLU C 190 -1.52 57.65 11.42
N SER C 191 -2.13 58.78 11.86
CA SER C 191 -2.70 58.90 13.20
C SER C 191 -3.97 58.05 13.30
N SER C 192 -4.25 57.51 14.51
CA SER C 192 -5.33 56.54 14.74
C SER C 192 -6.64 57.27 15.03
N ASN C 193 -6.86 58.36 14.25
CA ASN C 193 -7.88 59.38 14.47
C ASN C 193 -8.28 59.93 13.09
N ALA C 194 -9.27 59.26 12.47
CA ALA C 194 -10.05 59.83 11.37
C ALA C 194 -11.52 59.44 11.56
N GLU C 195 -12.40 60.28 10.98
CA GLU C 195 -13.80 60.36 11.32
C GLU C 195 -14.63 59.37 10.51
N PRO C 196 -15.84 58.96 10.98
CA PRO C 196 -16.78 58.18 10.15
C PRO C 196 -17.14 58.89 8.84
N GLU C 197 -17.39 58.08 7.79
CA GLU C 197 -18.12 58.52 6.61
C GLU C 197 -19.61 58.30 6.87
N ASP C 198 -20.41 59.36 6.74
CA ASP C 198 -21.84 59.23 7.01
C ASP C 198 -22.51 58.50 5.85
N THR C 199 -22.55 57.17 5.96
CA THR C 199 -23.02 56.35 4.85
C THR C 199 -24.54 56.28 4.96
N ARG C 200 -25.20 56.28 3.79
CA ARG C 200 -26.56 55.74 3.65
C ARG C 200 -26.51 54.23 3.90
N GLY C 201 -27.56 53.67 4.48
CA GLY C 201 -27.58 52.24 4.83
C GLY C 201 -27.53 51.33 3.60
N GLU C 202 -27.98 51.88 2.47
CA GLU C 202 -28.04 51.21 1.17
C GLU C 202 -26.78 51.48 0.36
N ASP C 203 -25.84 52.27 0.91
CA ASP C 203 -24.55 52.48 0.25
C ASP C 203 -23.74 51.18 0.18
N VAL C 204 -23.00 51.03 -0.91
CA VAL C 204 -22.20 49.84 -1.14
C VAL C 204 -20.89 49.88 -0.35
N ILE C 205 -20.57 48.76 0.29
CA ILE C 205 -19.29 48.62 0.99
C ILE C 205 -18.55 47.35 0.57
N ILE C 206 -19.24 46.32 0.09
CA ILE C 206 -18.59 45.05 -0.24
C ILE C 206 -19.01 44.61 -1.63
N ASN C 207 -18.04 44.10 -2.42
CA ASN C 207 -18.31 43.36 -3.64
C ASN C 207 -17.60 42.01 -3.59
N TYR C 208 -18.40 40.97 -3.84
CA TYR C 208 -17.96 39.58 -3.89
C TYR C 208 -18.07 39.05 -5.34
N PHE C 209 -16.93 38.69 -5.97
CA PHE C 209 -16.93 37.99 -7.27
C PHE C 209 -17.40 36.56 -7.04
N THR C 210 -18.59 36.18 -7.55
CA THR C 210 -19.04 34.79 -7.38
C THR C 210 -19.36 34.14 -8.74
N SER C 211 -19.18 32.81 -8.78
CA SER C 211 -19.43 32.03 -9.98
C SER C 211 -20.94 31.88 -10.16
N GLY C 212 -21.36 31.81 -11.43
CA GLY C 212 -22.72 31.46 -11.80
C GLY C 212 -22.70 30.21 -12.68
N THR C 213 -23.86 29.87 -13.26
CA THR C 213 -23.94 28.73 -14.15
C THR C 213 -23.67 29.17 -15.58
N THR C 214 -23.58 30.48 -15.84
CA THR C 214 -23.56 30.94 -17.21
C THR C 214 -22.20 31.48 -17.61
N GLY C 215 -21.63 32.43 -16.87
CA GLY C 215 -20.48 33.11 -17.47
C GLY C 215 -19.25 33.17 -16.57
N MET C 216 -18.42 34.17 -16.82
CA MET C 216 -17.32 34.46 -15.89
C MET C 216 -17.88 35.09 -14.61
N PRO C 217 -17.16 35.02 -13.48
CA PRO C 217 -17.68 35.48 -12.19
C PRO C 217 -17.96 36.98 -12.10
N LYS C 218 -19.10 37.30 -11.45
CA LYS C 218 -19.67 38.64 -11.38
C LYS C 218 -19.74 39.11 -9.95
N ARG C 219 -19.97 40.41 -9.75
CA ARG C 219 -19.89 40.98 -8.41
C ARG C 219 -21.29 40.93 -7.80
N VAL C 220 -21.33 40.38 -6.57
CA VAL C 220 -22.47 40.45 -5.65
C VAL C 220 -22.31 41.73 -4.84
N ILE C 221 -23.36 42.55 -4.72
CA ILE C 221 -23.22 43.88 -4.15
C ILE C 221 -23.91 43.93 -2.79
N HIS C 222 -23.12 44.11 -1.71
CA HIS C 222 -23.62 44.24 -0.35
C HIS C 222 -23.39 45.65 0.26
N THR C 223 -24.36 46.08 1.11
CA THR C 223 -24.49 47.45 1.60
C THR C 223 -24.11 47.54 3.08
N ALA C 224 -24.21 48.76 3.59
CA ALA C 224 -23.84 49.12 4.95
C ALA C 224 -24.84 48.54 5.97
N VAL C 225 -25.93 47.89 5.51
CA VAL C 225 -26.92 47.19 6.34
C VAL C 225 -27.10 45.71 5.97
N SER C 226 -26.91 45.36 4.68
CA SER C 226 -27.30 44.04 4.22
C SER C 226 -26.51 43.01 5.02
N TYR C 227 -25.18 43.17 5.06
CA TYR C 227 -24.34 42.26 5.83
C TYR C 227 -24.28 42.72 7.28
N PRO C 228 -23.92 44.00 7.55
CA PRO C 228 -23.74 44.46 8.93
C PRO C 228 -24.94 44.24 9.84
N VAL C 229 -26.14 44.19 9.23
CA VAL C 229 -27.38 44.01 9.99
C VAL C 229 -28.07 42.69 9.61
N GLY C 230 -28.04 42.28 8.32
CA GLY C 230 -28.54 40.97 7.96
C GLY C 230 -27.94 39.87 8.85
N SER C 231 -26.63 39.99 9.18
CA SER C 231 -25.88 38.96 9.91
C SER C 231 -26.57 38.53 11.21
N ILE C 232 -27.48 39.37 11.73
CA ILE C 232 -28.43 38.94 12.75
C ILE C 232 -28.95 37.52 12.48
N THR C 233 -29.52 37.32 11.29
CA THR C 233 -30.09 36.02 10.95
C THR C 233 -29.04 34.95 11.21
N THR C 234 -27.80 35.22 10.74
CA THR C 234 -26.68 34.30 10.91
C THR C 234 -26.42 34.09 12.40
N ALA C 235 -26.13 35.20 13.09
CA ALA C 235 -25.79 35.22 14.51
C ALA C 235 -26.81 34.43 15.31
N SER C 236 -28.09 34.61 14.94
CA SER C 236 -29.24 34.00 15.62
C SER C 236 -29.27 32.49 15.40
N ILE C 237 -29.06 32.05 14.16
CA ILE C 237 -28.97 30.64 13.97
C ILE C 237 -27.73 30.06 14.68
N VAL C 238 -26.58 30.73 14.48
CA VAL C 238 -25.30 30.24 14.98
C VAL C 238 -25.34 30.10 16.50
N GLY C 239 -25.99 31.07 17.16
CA GLY C 239 -26.16 31.05 18.60
C GLY C 239 -24.92 31.59 19.33
N VAL C 240 -24.21 32.54 18.70
CA VAL C 240 -23.06 33.22 19.29
C VAL C 240 -23.51 34.30 20.28
N ARG C 241 -22.85 34.30 21.46
CA ARG C 241 -23.17 35.17 22.57
C ARG C 241 -22.02 36.12 22.85
N GLU C 242 -22.28 37.06 23.79
CA GLU C 242 -21.24 37.97 24.28
C GLU C 242 -20.16 37.20 25.03
N SER C 243 -20.56 36.17 25.78
CA SER C 243 -19.66 35.38 26.59
C SER C 243 -18.67 34.59 25.74
N ASP C 244 -18.99 34.33 24.45
CA ASP C 244 -18.34 33.25 23.69
C ASP C 244 -16.96 33.64 23.16
N LEU C 245 -16.10 32.61 23.01
CA LEU C 245 -14.94 32.64 22.15
C LEU C 245 -15.27 31.82 20.90
N HIS C 246 -15.45 32.56 19.78
CA HIS C 246 -15.99 32.01 18.56
C HIS C 246 -14.97 31.95 17.43
N LEU C 247 -14.83 30.73 16.86
CA LEU C 247 -13.89 30.44 15.78
C LEU C 247 -14.63 30.00 14.54
N ASN C 248 -14.28 30.58 13.37
CA ASN C 248 -14.83 30.11 12.10
C ASN C 248 -13.70 29.57 11.22
N LEU C 249 -13.75 28.26 10.90
CA LEU C 249 -12.87 27.65 9.90
C LEU C 249 -13.26 28.09 8.51
N SER C 250 -12.75 29.24 8.09
CA SER C 250 -13.03 29.69 6.75
C SER C 250 -11.85 30.52 6.26
N ALA C 251 -11.90 30.84 4.98
CA ALA C 251 -10.81 31.50 4.30
C ALA C 251 -11.17 32.95 4.10
N THR C 252 -10.17 33.74 3.70
CA THR C 252 -10.25 35.17 3.75
C THR C 252 -11.10 35.83 2.64
N GLY C 253 -11.26 35.19 1.50
CA GLY C 253 -11.78 35.97 0.37
C GLY C 253 -13.27 35.76 0.12
N TRP C 254 -13.98 35.15 1.09
CA TRP C 254 -15.36 34.71 0.91
C TRP C 254 -16.31 35.32 1.97
N ALA C 255 -17.59 34.95 1.84
CA ALA C 255 -18.67 35.49 2.61
C ALA C 255 -18.83 34.75 3.93
N LYS C 256 -18.47 33.45 4.02
CA LYS C 256 -18.52 32.77 5.31
C LYS C 256 -17.64 33.45 6.36
N PHE C 257 -16.69 34.23 5.91
CA PHE C 257 -15.78 34.92 6.81
C PHE C 257 -16.47 36.15 7.37
N ALA C 258 -17.03 36.97 6.45
CA ALA C 258 -17.75 38.12 6.94
C ALA C 258 -18.87 37.63 7.85
N TRP C 259 -19.32 36.40 7.64
CA TRP C 259 -20.45 35.84 8.35
C TRP C 259 -20.05 35.50 9.77
N SER C 260 -19.18 34.48 9.96
CA SER C 260 -18.92 34.01 11.32
C SER C 260 -17.55 34.43 11.87
N SER C 261 -16.73 35.08 11.05
CA SER C 261 -15.38 35.43 11.50
C SER C 261 -15.33 36.91 11.90
N PHE C 262 -16.35 37.65 11.47
CA PHE C 262 -16.39 39.09 11.59
C PHE C 262 -17.72 39.51 12.15
N PHE C 263 -18.78 39.55 11.34
CA PHE C 263 -20.01 40.23 11.75
C PHE C 263 -20.67 39.51 12.95
N SER C 264 -20.99 38.20 12.79
CA SER C 264 -21.78 37.51 13.80
C SER C 264 -21.17 37.64 15.21
N PRO C 265 -19.85 37.43 15.41
CA PRO C 265 -19.25 37.64 16.74
C PRO C 265 -19.17 39.08 17.29
N LEU C 266 -18.85 40.02 16.40
CA LEU C 266 -18.65 41.41 16.80
C LEU C 266 -19.99 42.10 16.99
N LEU C 267 -21.07 41.62 16.37
CA LEU C 267 -22.41 42.06 16.69
C LEU C 267 -22.72 41.95 18.21
N VAL C 268 -22.41 40.79 18.78
CA VAL C 268 -22.82 40.43 20.13
C VAL C 268 -21.69 40.70 21.14
N GLY C 269 -20.58 41.32 20.71
CA GLY C 269 -19.49 41.70 21.61
C GLY C 269 -18.71 40.50 22.16
N ALA C 270 -18.62 39.44 21.35
CA ALA C 270 -17.93 38.22 21.76
C ALA C 270 -16.43 38.38 21.50
N THR C 271 -15.63 37.37 21.88
CA THR C 271 -14.23 37.29 21.47
C THR C 271 -14.13 36.44 20.19
N VAL C 272 -13.63 37.05 19.10
CA VAL C 272 -13.34 36.34 17.87
C VAL C 272 -12.06 35.52 18.07
N VAL C 273 -12.06 34.29 17.55
CA VAL C 273 -10.84 33.49 17.49
C VAL C 273 -10.51 33.28 16.01
N GLY C 274 -9.29 33.63 15.58
CA GLY C 274 -8.87 33.46 14.20
C GLY C 274 -7.61 32.58 14.11
N ILE C 275 -7.63 31.56 13.21
CA ILE C 275 -6.47 30.68 12.98
C ILE C 275 -6.09 30.71 11.51
N ASN C 276 -4.80 31.01 11.28
CA ASN C 276 -4.17 31.03 9.97
C ASN C 276 -3.32 29.77 9.80
N TYR C 277 -3.42 29.20 8.60
CA TYR C 277 -2.55 28.11 8.16
C TYR C 277 -2.39 28.27 6.66
N GLU C 278 -1.18 27.97 6.19
CA GLU C 278 -0.92 27.86 4.79
C GLU C 278 -0.98 26.38 4.43
N GLY C 279 -1.35 26.18 3.15
CA GLY C 279 -1.44 24.87 2.58
C GLY C 279 -2.55 24.06 3.21
N LYS C 280 -2.19 22.82 3.49
CA LYS C 280 -3.17 21.82 3.80
C LYS C 280 -3.59 22.02 5.25
N LEU C 281 -4.88 21.84 5.51
CA LEU C 281 -5.42 21.81 6.85
C LEU C 281 -4.91 20.57 7.58
N ASP C 282 -4.30 20.83 8.74
CA ASP C 282 -3.77 19.81 9.60
C ASP C 282 -4.89 19.51 10.59
N THR C 283 -5.71 18.47 10.35
CA THR C 283 -6.94 18.40 11.16
C THR C 283 -6.58 18.29 12.65
N ARG C 284 -5.53 17.54 13.00
CA ARG C 284 -5.21 17.22 14.38
C ARG C 284 -4.64 18.44 15.10
N ARG C 285 -3.89 19.27 14.38
CA ARG C 285 -3.34 20.49 14.94
C ARG C 285 -4.42 21.55 15.13
N TYR C 286 -5.37 21.71 14.18
CA TYR C 286 -6.41 22.72 14.28
C TYR C 286 -7.36 22.41 15.43
N LEU C 287 -7.74 21.14 15.55
CA LEU C 287 -8.62 20.68 16.62
C LEU C 287 -7.92 20.83 17.96
N GLY C 288 -6.60 20.56 18.00
CA GLY C 288 -5.80 20.78 19.19
C GLY C 288 -5.82 22.23 19.60
N GLU C 289 -5.73 23.16 18.63
CA GLU C 289 -5.75 24.59 18.88
C GLU C 289 -7.12 25.09 19.31
N VAL C 290 -8.19 24.42 18.81
CA VAL C 290 -9.54 24.74 19.25
C VAL C 290 -9.65 24.48 20.76
N GLU C 291 -9.33 23.25 21.18
CA GLU C 291 -9.33 22.83 22.57
C GLU C 291 -8.39 23.69 23.41
N ASN C 292 -7.18 23.89 22.90
CA ASN C 292 -6.10 24.56 23.63
C ASN C 292 -6.48 26.03 23.88
N LEU C 293 -7.33 26.63 23.04
CA LEU C 293 -7.69 28.03 23.20
C LEU C 293 -9.06 28.15 23.86
N GLY C 294 -9.66 27.01 24.23
CA GLY C 294 -10.99 26.96 24.82
C GLY C 294 -12.04 27.73 24.03
N VAL C 295 -12.02 27.58 22.71
CA VAL C 295 -13.14 28.08 21.94
C VAL C 295 -14.43 27.45 22.49
N THR C 296 -15.51 28.25 22.41
CA THR C 296 -16.80 27.84 22.92
C THR C 296 -17.83 27.69 21.78
N SER C 297 -17.79 28.57 20.77
CA SER C 297 -18.59 28.42 19.55
C SER C 297 -17.67 28.19 18.36
N PHE C 298 -17.94 27.10 17.59
CA PHE C 298 -17.11 26.71 16.46
C PHE C 298 -17.94 26.43 15.19
N CYS C 299 -17.70 27.22 14.12
CA CYS C 299 -18.29 26.96 12.82
C CYS C 299 -17.24 26.50 11.82
N ALA C 300 -17.35 25.25 11.34
CA ALA C 300 -16.54 24.74 10.26
C ALA C 300 -17.43 24.17 9.15
N PRO C 301 -16.95 24.04 7.88
CA PRO C 301 -17.73 23.44 6.78
C PRO C 301 -17.73 21.91 6.78
N PRO C 302 -18.75 21.23 6.18
CA PRO C 302 -18.84 19.76 6.25
C PRO C 302 -17.57 19.07 5.78
N THR C 303 -16.85 19.73 4.85
CA THR C 303 -15.56 19.24 4.38
C THR C 303 -14.61 19.04 5.56
N ALA C 304 -14.48 20.09 6.36
CA ALA C 304 -13.71 20.02 7.58
C ALA C 304 -14.28 18.95 8.52
N TRP C 305 -15.60 18.95 8.71
CA TRP C 305 -16.21 18.08 9.70
C TRP C 305 -15.97 16.63 9.32
N ARG C 306 -16.07 16.35 8.01
CA ARG C 306 -15.86 15.01 7.49
C ARG C 306 -14.45 14.55 7.86
N GLN C 307 -13.48 15.46 7.81
CA GLN C 307 -12.09 15.11 8.08
C GLN C 307 -11.82 14.93 9.57
N PHE C 308 -12.60 15.64 10.40
CA PHE C 308 -12.32 15.66 11.82
C PHE C 308 -12.70 14.31 12.40
N ILE C 309 -13.81 13.75 11.90
CA ILE C 309 -14.42 12.58 12.51
C ILE C 309 -13.61 11.33 12.21
N THR C 310 -12.60 11.47 11.33
CA THR C 310 -11.75 10.35 10.97
C THR C 310 -10.63 10.24 11.99
N LEU C 311 -10.41 11.31 12.77
CA LEU C 311 -9.33 11.27 13.71
C LEU C 311 -9.67 10.27 14.82
N ASP C 312 -8.65 9.95 15.63
CA ASP C 312 -8.90 9.34 16.92
C ASP C 312 -9.31 10.48 17.84
N LEU C 313 -10.58 10.49 18.24
CA LEU C 313 -11.16 11.67 18.88
C LEU C 313 -11.11 11.57 20.42
N ASP C 314 -10.42 10.55 20.94
CA ASP C 314 -10.18 10.38 22.36
C ASP C 314 -8.97 11.21 22.79
N GLN C 315 -8.29 11.83 21.81
CA GLN C 315 -7.23 12.80 22.07
C GLN C 315 -7.79 14.09 22.66
N PHE C 316 -9.09 14.37 22.44
CA PHE C 316 -9.69 15.64 22.81
C PHE C 316 -10.79 15.51 23.87
N ARG C 317 -10.90 16.56 24.71
CA ARG C 317 -11.97 16.69 25.68
C ARG C 317 -13.03 17.69 25.22
N PHE C 318 -12.56 18.88 24.78
CA PHE C 318 -13.39 20.01 24.39
C PHE C 318 -14.29 20.42 25.56
N GLU C 319 -13.73 20.56 26.75
CA GLU C 319 -14.56 20.73 27.93
C GLU C 319 -15.22 22.10 27.87
N ARG C 320 -14.69 23.01 27.04
CA ARG C 320 -15.08 24.40 27.01
C ARG C 320 -15.95 24.70 25.79
N LEU C 321 -16.16 23.69 24.94
CA LEU C 321 -16.91 23.90 23.72
C LEU C 321 -18.38 23.65 23.98
N ARG C 322 -19.25 24.60 23.63
CA ARG C 322 -20.69 24.40 23.83
C ARG C 322 -21.56 24.42 22.56
N SER C 323 -21.10 25.10 21.49
CA SER C 323 -21.81 25.28 20.22
C SER C 323 -20.92 24.84 19.06
N VAL C 324 -21.46 24.03 18.14
CA VAL C 324 -20.78 23.58 16.92
C VAL C 324 -21.75 23.63 15.73
N VAL C 325 -21.29 24.25 14.62
CA VAL C 325 -22.14 24.61 13.50
C VAL C 325 -21.46 24.36 12.15
N SER C 326 -22.25 24.11 11.07
CA SER C 326 -21.75 23.84 9.72
C SER C 326 -22.55 24.63 8.69
N ALA C 327 -21.91 25.02 7.58
CA ALA C 327 -22.63 25.70 6.51
C ALA C 327 -21.87 25.62 5.17
N GLY C 328 -22.59 25.63 4.03
CA GLY C 328 -21.96 25.72 2.72
C GLY C 328 -22.23 24.50 1.83
N GLU C 329 -22.55 23.37 2.45
CA GLU C 329 -22.91 22.12 1.79
C GLU C 329 -23.71 21.29 2.79
N PRO C 330 -24.36 20.18 2.40
CA PRO C 330 -25.12 19.37 3.36
C PRO C 330 -24.22 18.68 4.37
N LEU C 331 -24.82 18.33 5.50
CA LEU C 331 -24.10 17.78 6.63
C LEU C 331 -24.66 16.39 6.87
N ASN C 332 -23.79 15.45 6.52
CA ASN C 332 -24.08 14.03 6.58
C ASN C 332 -24.60 13.73 7.98
N PRO C 333 -25.79 13.09 8.11
CA PRO C 333 -26.27 12.59 9.41
C PRO C 333 -25.26 11.79 10.23
N GLU C 334 -24.31 11.16 9.55
CA GLU C 334 -23.40 10.26 10.21
C GLU C 334 -22.27 11.05 10.87
N VAL C 335 -21.95 12.20 10.29
CA VAL C 335 -20.97 13.10 10.88
C VAL C 335 -21.53 13.62 12.19
N ILE C 336 -22.78 14.08 12.13
CA ILE C 336 -23.45 14.71 13.25
C ILE C 336 -23.44 13.75 14.44
N LYS C 337 -23.74 12.49 14.13
CA LYS C 337 -23.90 11.40 15.09
C LYS C 337 -22.59 11.05 15.78
N ILE C 338 -21.50 10.93 15.02
CA ILE C 338 -20.24 10.52 15.59
C ILE C 338 -19.79 11.58 16.58
N TRP C 339 -19.98 12.85 16.23
CA TRP C 339 -19.49 13.95 17.04
C TRP C 339 -20.30 14.09 18.32
N LYS C 340 -21.62 13.86 18.20
CA LYS C 340 -22.52 13.84 19.33
C LYS C 340 -22.14 12.72 20.29
N ASP C 341 -22.02 11.48 19.79
CA ASP C 341 -21.79 10.33 20.66
C ASP C 341 -20.54 10.55 21.50
N LYS C 342 -19.56 11.27 20.93
CA LYS C 342 -18.27 11.45 21.57
C LYS C 342 -18.31 12.66 22.51
N PHE C 343 -18.58 13.86 21.99
CA PHE C 343 -18.41 15.11 22.74
C PHE C 343 -19.72 15.71 23.27
N ASN C 344 -20.84 15.08 22.88
CA ASN C 344 -22.16 15.36 23.42
C ASN C 344 -22.65 16.73 22.96
N LEU C 345 -22.50 16.99 21.66
CA LEU C 345 -22.85 18.23 20.98
C LEU C 345 -23.44 17.89 19.59
N THR C 346 -24.42 18.68 19.15
CA THR C 346 -24.99 18.51 17.82
C THR C 346 -24.40 19.59 16.90
N ILE C 347 -23.89 19.16 15.75
CA ILE C 347 -23.41 20.08 14.72
C ILE C 347 -24.60 20.61 13.92
N ARG C 348 -24.91 21.88 14.13
CA ARG C 348 -26.13 22.47 13.65
C ARG C 348 -25.90 23.08 12.27
N ASP C 349 -26.58 22.48 11.28
CA ASP C 349 -26.44 22.90 9.90
C ASP C 349 -27.26 24.16 9.64
N PHE C 350 -26.77 25.02 8.74
CA PHE C 350 -27.47 26.24 8.34
C PHE C 350 -27.13 26.60 6.90
N TYR C 351 -27.98 27.40 6.25
CA TYR C 351 -27.97 27.57 4.79
C TYR C 351 -27.98 29.06 4.43
N GLY C 352 -27.27 29.37 3.34
CA GLY C 352 -27.27 30.72 2.79
C GLY C 352 -26.32 30.78 1.60
N GLN C 353 -26.13 31.98 1.06
CA GLN C 353 -25.24 32.18 -0.09
C GLN C 353 -24.68 33.57 -0.05
N THR C 354 -23.66 33.82 -0.89
CA THR C 354 -22.97 35.11 -0.91
C THR C 354 -23.99 36.23 -1.04
N GLU C 355 -25.00 36.01 -1.89
CA GLU C 355 -26.05 36.97 -2.18
C GLU C 355 -26.86 37.31 -0.92
N THR C 356 -26.85 36.42 0.09
CA THR C 356 -27.65 36.62 1.29
C THR C 356 -26.81 36.56 2.57
N THR C 357 -27.52 36.62 3.70
CA THR C 357 -27.07 36.07 4.98
C THR C 357 -27.73 34.70 5.17
N ALA C 358 -27.63 34.17 6.39
CA ALA C 358 -28.26 32.90 6.66
C ALA C 358 -29.77 33.02 6.48
N MET C 359 -30.34 32.09 5.73
CA MET C 359 -31.75 32.15 5.35
C MET C 359 -32.53 31.01 5.98
N VAL C 360 -31.87 29.88 6.24
CA VAL C 360 -32.52 28.73 6.84
C VAL C 360 -31.50 28.06 7.74
N GLY C 361 -31.92 27.45 8.85
CA GLY C 361 -30.94 27.01 9.83
C GLY C 361 -31.54 26.27 11.01
N ASN C 362 -30.81 25.29 11.58
CA ASN C 362 -31.19 24.67 12.85
C ASN C 362 -30.64 25.57 14.00
N PHE C 363 -31.58 26.38 14.53
CA PHE C 363 -31.30 27.31 15.60
C PHE C 363 -31.00 26.52 16.86
N PRO C 364 -30.47 27.20 17.90
CA PRO C 364 -30.05 26.52 19.12
C PRO C 364 -31.19 25.73 19.77
N PHE C 365 -32.40 26.30 19.70
CA PHE C 365 -33.58 25.79 20.40
C PHE C 365 -34.40 24.81 19.59
N LEU C 366 -33.90 24.47 18.38
CA LEU C 366 -34.65 23.75 17.37
C LEU C 366 -34.15 22.31 17.35
N LYS C 367 -35.09 21.37 17.50
CA LYS C 367 -34.80 19.95 17.46
C LYS C 367 -34.29 19.61 16.08
N VAL C 368 -33.07 19.03 16.01
CA VAL C 368 -32.38 18.82 14.76
C VAL C 368 -32.90 17.51 14.18
N LYS C 369 -33.34 17.56 12.93
CA LYS C 369 -33.60 16.36 12.17
C LYS C 369 -32.41 16.17 11.25
N PRO C 370 -31.66 15.04 11.30
CA PRO C 370 -30.44 14.91 10.51
C PRO C 370 -30.73 14.97 9.01
N GLY C 371 -29.78 15.61 8.29
CA GLY C 371 -29.91 15.89 6.88
C GLY C 371 -30.94 16.97 6.55
N SER C 372 -31.36 17.78 7.54
CA SER C 372 -32.20 18.94 7.29
C SER C 372 -31.47 20.20 7.74
N MET C 373 -31.50 21.23 6.91
CA MET C 373 -30.91 22.54 7.19
C MET C 373 -31.80 23.40 8.12
N GLY C 374 -32.90 22.80 8.57
CA GLY C 374 -33.79 23.41 9.54
C GLY C 374 -34.94 24.17 8.88
N LYS C 375 -35.33 25.28 9.53
CA LYS C 375 -36.45 26.06 9.10
C LYS C 375 -36.04 27.47 8.70
N PRO C 376 -36.86 28.15 7.89
CA PRO C 376 -36.54 29.51 7.45
C PRO C 376 -36.49 30.56 8.56
N HIS C 377 -35.52 31.46 8.46
CA HIS C 377 -35.42 32.59 9.39
C HIS C 377 -36.54 33.57 9.07
N PRO C 378 -37.31 34.03 10.09
CA PRO C 378 -38.46 34.88 9.82
C PRO C 378 -38.18 36.23 9.20
N LEU C 379 -36.93 36.62 9.09
CA LEU C 379 -36.59 37.88 8.42
C LEU C 379 -36.42 37.71 6.90
N TYR C 380 -36.45 36.46 6.39
CA TYR C 380 -36.59 36.14 4.96
C TYR C 380 -37.95 35.46 4.68
N ASP C 381 -38.67 35.87 3.62
CA ASP C 381 -39.90 35.17 3.25
C ASP C 381 -39.60 34.02 2.26
N ILE C 382 -39.29 32.82 2.76
CA ILE C 382 -38.74 31.72 1.96
C ILE C 382 -39.87 30.86 1.38
N ARG C 383 -39.85 30.65 0.06
CA ARG C 383 -40.89 29.88 -0.63
C ARG C 383 -40.31 28.89 -1.63
N LEU C 384 -40.83 27.67 -1.60
CA LEU C 384 -40.56 26.71 -2.65
C LEU C 384 -41.50 26.97 -3.80
N LEU C 385 -40.92 27.27 -4.97
CA LEU C 385 -41.70 27.41 -6.18
C LEU C 385 -41.35 26.27 -7.16
N ASP C 386 -42.34 25.89 -7.97
CA ASP C 386 -42.13 24.90 -9.02
C ASP C 386 -41.65 25.64 -10.27
N ASP C 387 -41.53 24.87 -11.40
CA ASP C 387 -40.86 25.33 -12.61
C ASP C 387 -41.67 26.46 -13.27
N GLU C 388 -42.99 26.39 -13.09
CA GLU C 388 -43.94 27.33 -13.63
C GLU C 388 -44.04 28.54 -12.73
N GLY C 389 -43.43 28.50 -11.53
CA GLY C 389 -43.32 29.67 -10.68
C GLY C 389 -44.45 29.77 -9.66
N LYS C 390 -45.30 28.75 -9.55
CA LYS C 390 -46.37 28.68 -8.56
C LYS C 390 -45.84 28.12 -7.25
N GLU C 391 -46.42 28.59 -6.14
CA GLU C 391 -45.92 28.21 -4.82
C GLU C 391 -46.29 26.77 -4.45
N ILE C 392 -45.31 26.01 -3.98
CA ILE C 392 -45.51 24.64 -3.55
C ILE C 392 -45.98 24.64 -2.11
N THR C 393 -47.10 23.99 -1.77
CA THR C 393 -47.56 23.94 -0.38
C THR C 393 -47.70 22.51 0.13
N LYS C 394 -47.03 21.54 -0.51
CA LYS C 394 -47.19 20.14 -0.21
C LYS C 394 -45.85 19.52 0.19
N PRO C 395 -45.81 18.79 1.34
CA PRO C 395 -44.61 18.06 1.76
C PRO C 395 -44.03 17.12 0.70
N TYR C 396 -42.68 17.05 0.68
CA TYR C 396 -41.91 16.07 -0.08
C TYR C 396 -41.96 16.40 -1.56
N GLU C 397 -42.37 17.62 -1.92
CA GLU C 397 -42.30 18.08 -3.28
C GLU C 397 -41.17 19.08 -3.39
N VAL C 398 -40.29 18.78 -4.33
CA VAL C 398 -39.07 19.53 -4.57
C VAL C 398 -39.38 20.79 -5.39
N GLY C 399 -38.60 21.85 -5.15
CA GLY C 399 -38.79 23.07 -5.89
C GLY C 399 -37.60 23.99 -5.69
N HIS C 400 -37.70 25.19 -6.28
CA HIS C 400 -36.68 26.22 -6.16
C HIS C 400 -36.86 26.99 -4.83
N ILE C 401 -35.75 27.14 -4.11
CA ILE C 401 -35.74 28.02 -2.96
C ILE C 401 -35.72 29.47 -3.46
N THR C 402 -36.69 30.26 -2.98
CA THR C 402 -36.84 31.66 -3.38
C THR C 402 -37.12 32.54 -2.16
N VAL C 403 -36.88 33.84 -2.34
CA VAL C 403 -37.03 34.86 -1.34
C VAL C 403 -38.02 35.84 -1.89
N LYS C 404 -39.12 36.07 -1.17
CA LYS C 404 -40.13 37.03 -1.61
C LYS C 404 -39.65 38.45 -1.33
N LEU C 405 -39.80 39.34 -2.32
CA LEU C 405 -39.07 40.60 -2.44
C LEU C 405 -39.90 41.83 -2.04
N ASN C 406 -41.22 41.70 -1.96
CA ASN C 406 -42.02 42.78 -1.40
C ASN C 406 -42.62 42.29 -0.09
N PRO C 407 -42.27 42.87 1.09
CA PRO C 407 -41.12 43.76 1.27
C PRO C 407 -39.76 43.07 1.17
N ARG C 408 -38.76 43.86 0.79
CA ARG C 408 -37.45 43.32 0.48
C ARG C 408 -36.65 43.01 1.76
N PRO C 409 -36.34 41.73 2.08
CA PRO C 409 -35.51 41.37 3.22
C PRO C 409 -34.17 42.11 3.26
N ILE C 410 -33.61 42.19 4.46
CA ILE C 410 -32.62 43.22 4.72
C ILE C 410 -31.23 42.75 4.37
N GLY C 411 -30.96 41.47 4.67
CA GLY C 411 -29.65 40.87 4.39
C GLY C 411 -29.40 40.51 2.91
N LEU C 412 -30.37 40.74 2.02
CA LEU C 412 -30.30 40.41 0.61
C LEU C 412 -29.48 41.43 -0.17
N PHE C 413 -28.53 40.97 -1.00
CA PHE C 413 -27.67 41.83 -1.79
C PHE C 413 -28.51 42.74 -2.67
N LEU C 414 -27.86 43.78 -3.21
CA LEU C 414 -28.54 44.81 -3.97
C LEU C 414 -28.93 44.25 -5.32
N GLY C 415 -28.05 43.37 -5.85
CA GLY C 415 -28.19 42.66 -7.12
C GLY C 415 -26.79 42.31 -7.59
N TYR C 416 -26.67 41.80 -8.82
CA TYR C 416 -25.37 41.59 -9.44
C TYR C 416 -24.98 42.84 -10.21
N SER C 417 -23.68 42.99 -10.48
CA SER C 417 -23.19 43.97 -11.43
C SER C 417 -23.51 43.55 -12.88
N ASP C 418 -24.24 42.45 -13.06
CA ASP C 418 -24.56 41.92 -14.38
C ASP C 418 -26.07 41.90 -14.59
N GLU C 419 -26.54 42.67 -15.58
CA GLU C 419 -27.96 42.87 -15.79
C GLU C 419 -28.66 41.62 -16.33
N LYS C 420 -27.91 40.76 -17.03
CA LYS C 420 -28.47 39.52 -17.53
C LYS C 420 -28.76 38.61 -16.35
N LYS C 421 -27.85 38.59 -15.38
CA LYS C 421 -27.91 37.64 -14.29
C LYS C 421 -28.99 38.06 -13.28
N ASN C 422 -29.26 39.38 -13.23
CA ASN C 422 -30.37 39.93 -12.47
C ASN C 422 -31.69 39.49 -13.12
N MET C 423 -31.72 39.45 -14.46
CA MET C 423 -32.93 39.09 -15.18
C MET C 423 -33.35 37.65 -14.87
N GLU C 424 -32.39 36.81 -14.51
CA GLU C 424 -32.62 35.39 -14.34
C GLU C 424 -32.92 35.11 -12.88
N SER C 425 -32.30 35.87 -11.97
CA SER C 425 -32.43 35.60 -10.54
C SER C 425 -33.64 36.31 -9.92
N PHE C 426 -33.92 37.55 -10.38
CA PHE C 426 -35.01 38.37 -9.85
C PHE C 426 -36.23 38.34 -10.78
N ARG C 427 -37.22 37.50 -10.46
CA ARG C 427 -38.34 37.26 -11.39
C ARG C 427 -39.69 37.23 -10.66
N GLU C 428 -40.68 38.00 -11.17
CA GLU C 428 -42.06 38.04 -10.70
C GLU C 428 -42.13 38.20 -9.18
N GLY C 429 -41.23 39.04 -8.64
CA GLY C 429 -41.27 39.39 -7.23
C GLY C 429 -40.69 38.27 -6.36
N TYR C 430 -39.76 37.49 -6.89
CA TYR C 430 -39.00 36.56 -6.09
C TYR C 430 -37.57 36.50 -6.59
N TYR C 431 -36.63 36.40 -5.65
CA TYR C 431 -35.25 36.13 -5.99
C TYR C 431 -35.08 34.62 -5.87
N TYR C 432 -34.53 34.03 -6.95
CA TYR C 432 -34.29 32.60 -7.03
C TYR C 432 -32.87 32.37 -6.56
N THR C 433 -32.68 31.47 -5.61
CA THR C 433 -31.35 31.11 -5.14
C THR C 433 -30.67 30.17 -6.14
N GLY C 434 -31.46 29.52 -7.00
CA GLY C 434 -30.94 28.43 -7.80
C GLY C 434 -30.59 27.19 -6.99
N ASP C 435 -31.20 27.01 -5.81
CA ASP C 435 -31.07 25.81 -5.00
C ASP C 435 -32.44 25.13 -4.96
N LYS C 436 -32.42 23.81 -4.88
CA LYS C 436 -33.65 23.03 -4.85
C LYS C 436 -33.71 22.29 -3.53
N ALA C 437 -34.95 22.12 -3.06
CA ALA C 437 -35.21 21.54 -1.76
C ALA C 437 -36.63 20.99 -1.72
N TYR C 438 -36.93 20.19 -0.69
CA TYR C 438 -38.29 19.93 -0.29
C TYR C 438 -38.44 20.22 1.21
N PHE C 439 -39.68 20.47 1.68
CA PHE C 439 -39.95 20.60 3.11
C PHE C 439 -40.80 19.42 3.53
N ASP C 440 -40.88 19.20 4.85
CA ASP C 440 -41.63 18.09 5.41
C ASP C 440 -42.85 18.63 6.15
N GLU C 441 -43.44 17.76 6.98
CA GLU C 441 -44.74 18.01 7.60
C GLU C 441 -44.60 19.02 8.74
N GLU C 442 -43.37 19.23 9.19
CA GLU C 442 -43.05 20.19 10.26
C GLU C 442 -42.33 21.42 9.69
N GLY C 443 -42.22 21.55 8.36
CA GLY C 443 -41.67 22.75 7.76
C GLY C 443 -40.14 22.77 7.78
N TYR C 444 -39.54 21.59 7.97
CA TYR C 444 -38.09 21.45 7.89
C TYR C 444 -37.67 21.27 6.43
N PHE C 445 -36.63 22.02 6.04
CA PHE C 445 -36.14 22.01 4.67
C PHE C 445 -35.01 20.98 4.50
N TYR C 446 -35.04 20.29 3.35
CA TYR C 446 -34.04 19.32 2.94
C TYR C 446 -33.46 19.66 1.56
N PHE C 447 -32.12 19.83 1.50
CA PHE C 447 -31.40 20.14 0.28
C PHE C 447 -31.46 18.99 -0.71
N VAL C 448 -31.70 19.35 -1.97
CA VAL C 448 -31.74 18.38 -3.05
C VAL C 448 -30.51 18.55 -3.93
N GLY C 449 -30.26 19.78 -4.39
CA GLY C 449 -29.04 20.16 -5.09
C GLY C 449 -29.25 21.46 -5.88
N ARG C 450 -28.39 21.70 -6.88
CA ARG C 450 -28.51 22.88 -7.71
C ARG C 450 -29.50 22.64 -8.86
N GLY C 451 -30.31 23.63 -9.22
CA GLY C 451 -31.05 23.56 -10.49
C GLY C 451 -30.21 24.18 -11.60
N ASP C 452 -29.09 24.76 -11.19
CA ASP C 452 -28.05 25.31 -12.04
C ASP C 452 -27.12 24.19 -12.47
N ASP C 453 -26.06 24.63 -13.15
CA ASP C 453 -24.87 23.84 -13.40
C ASP C 453 -23.72 24.34 -12.54
N VAL C 454 -24.02 24.95 -11.40
CA VAL C 454 -22.93 25.44 -10.58
C VAL C 454 -22.42 24.27 -9.77
N ILE C 455 -21.12 24.33 -9.49
CA ILE C 455 -20.40 23.22 -8.87
C ILE C 455 -19.89 23.67 -7.50
N LYS C 456 -19.86 22.72 -6.56
CA LYS C 456 -19.38 22.95 -5.24
C LYS C 456 -18.38 21.86 -4.86
N THR C 457 -17.10 22.07 -5.21
CA THR C 457 -16.00 21.25 -4.70
C THR C 457 -15.54 21.87 -3.40
N SER C 458 -15.46 21.05 -2.33
CA SER C 458 -14.70 21.37 -1.13
C SER C 458 -15.07 22.73 -0.58
N ASP C 459 -16.39 22.97 -0.59
CA ASP C 459 -16.98 24.21 -0.10
C ASP C 459 -16.46 25.43 -0.88
N TYR C 460 -16.30 25.28 -2.18
CA TYR C 460 -16.05 26.39 -3.08
C TYR C 460 -17.01 26.30 -4.27
N ARG C 461 -17.65 27.44 -4.52
CA ARG C 461 -18.60 27.57 -5.62
C ARG C 461 -17.79 27.85 -6.87
N VAL C 462 -18.10 27.06 -7.92
CA VAL C 462 -17.34 27.03 -9.18
C VAL C 462 -18.28 27.17 -10.36
N GLY C 463 -17.89 28.05 -11.30
CA GLY C 463 -18.65 28.30 -12.52
C GLY C 463 -18.17 27.45 -13.71
N PRO C 464 -19.04 26.73 -14.46
CA PRO C 464 -18.58 25.96 -15.62
C PRO C 464 -17.82 26.77 -16.67
N PHE C 465 -18.43 27.86 -17.13
CA PHE C 465 -17.90 28.64 -18.24
C PHE C 465 -16.51 29.15 -17.93
N GLU C 466 -16.26 29.41 -16.68
CA GLU C 466 -14.97 29.92 -16.27
C GLU C 466 -13.86 28.90 -16.56
N VAL C 467 -14.14 27.61 -16.31
CA VAL C 467 -13.19 26.52 -16.52
C VAL C 467 -13.16 26.13 -18.02
N GLU C 468 -14.34 26.08 -18.66
CA GLU C 468 -14.45 25.92 -20.10
C GLU C 468 -13.65 26.99 -20.84
N SER C 469 -13.75 28.26 -20.42
CA SER C 469 -12.97 29.37 -20.97
C SER C 469 -11.48 29.09 -20.92
N ALA C 470 -11.00 28.79 -19.71
CA ALA C 470 -9.59 28.55 -19.48
C ALA C 470 -9.13 27.37 -20.32
N LEU C 471 -10.02 26.40 -20.55
CA LEU C 471 -9.67 25.23 -21.32
C LEU C 471 -9.45 25.62 -22.80
N LEU C 472 -10.24 26.56 -23.36
CA LEU C 472 -10.08 27.01 -24.75
C LEU C 472 -8.72 27.67 -24.97
N GLU C 473 -8.06 28.04 -23.88
CA GLU C 473 -6.75 28.65 -23.95
C GLU C 473 -5.71 27.63 -24.40
N HIS C 474 -6.01 26.33 -24.26
CA HIS C 474 -5.09 25.32 -24.74
C HIS C 474 -5.32 25.13 -26.23
N PRO C 475 -4.26 25.24 -27.07
CA PRO C 475 -4.44 25.14 -28.53
C PRO C 475 -5.22 23.92 -29.02
N ALA C 476 -5.20 22.83 -28.23
CA ALA C 476 -5.76 21.55 -28.62
C ALA C 476 -7.27 21.47 -28.49
N VAL C 477 -7.84 22.41 -27.72
CA VAL C 477 -9.22 22.36 -27.26
C VAL C 477 -10.11 23.13 -28.24
N ALA C 478 -11.13 22.40 -28.70
CA ALA C 478 -12.11 22.87 -29.65
C ALA C 478 -13.39 23.27 -28.92
N GLU C 479 -13.88 22.39 -28.05
CA GLU C 479 -14.87 22.77 -27.04
C GLU C 479 -14.68 21.92 -25.78
N ALA C 480 -15.43 22.34 -24.74
CA ALA C 480 -15.29 21.85 -23.37
C ALA C 480 -16.62 21.98 -22.65
N ALA C 481 -16.92 21.00 -21.81
CA ALA C 481 -18.10 21.05 -20.96
C ALA C 481 -17.70 20.56 -19.58
N VAL C 482 -17.86 21.44 -18.57
CA VAL C 482 -17.42 21.15 -17.22
C VAL C 482 -18.63 20.92 -16.32
N VAL C 483 -18.67 19.75 -15.68
CA VAL C 483 -19.74 19.39 -14.75
C VAL C 483 -19.10 18.85 -13.47
N GLY C 484 -19.90 18.78 -12.40
CA GLY C 484 -19.49 18.17 -11.15
C GLY C 484 -19.96 16.73 -11.06
N VAL C 485 -19.09 15.91 -10.48
CA VAL C 485 -19.43 14.52 -10.25
C VAL C 485 -19.40 14.25 -8.77
N PRO C 486 -20.41 13.52 -8.26
CA PRO C 486 -20.41 13.10 -6.85
C PRO C 486 -19.09 12.62 -6.29
N ASP C 487 -18.78 13.15 -5.10
CA ASP C 487 -17.59 12.76 -4.36
C ASP C 487 -17.88 12.97 -2.87
N THR C 488 -17.67 11.94 -2.05
CA THR C 488 -18.10 11.99 -0.66
C THR C 488 -17.20 12.97 0.13
N VAL C 489 -15.91 13.06 -0.21
CA VAL C 489 -14.96 13.96 0.45
C VAL C 489 -15.23 15.41 0.09
N ARG C 490 -15.43 15.74 -1.20
CA ARG C 490 -15.49 17.12 -1.64
C ARG C 490 -16.85 17.51 -2.21
N TRP C 491 -17.90 16.74 -1.91
CA TRP C 491 -19.24 16.97 -2.46
C TRP C 491 -19.29 16.71 -3.97
N GLN C 492 -18.55 17.50 -4.75
CA GLN C 492 -18.42 17.31 -6.19
C GLN C 492 -16.95 17.40 -6.60
N LEU C 493 -16.58 16.64 -7.66
CA LEU C 493 -15.36 16.79 -8.45
C LEU C 493 -15.65 17.52 -9.76
N VAL C 494 -14.70 18.36 -10.19
CA VAL C 494 -14.79 19.03 -11.47
C VAL C 494 -14.29 18.06 -12.52
N LYS C 495 -15.18 17.66 -13.44
CA LYS C 495 -14.79 16.90 -14.63
C LYS C 495 -14.97 17.76 -15.88
N ALA C 496 -14.05 17.62 -16.85
CA ALA C 496 -14.21 18.26 -18.15
C ALA C 496 -14.35 17.21 -19.26
N TYR C 497 -15.39 17.38 -20.09
CA TYR C 497 -15.49 16.73 -21.39
C TYR C 497 -14.86 17.68 -22.41
N ILE C 498 -13.87 17.16 -23.17
CA ILE C 498 -13.21 17.92 -24.21
C ILE C 498 -13.28 17.20 -25.59
N VAL C 499 -13.75 18.01 -26.55
CA VAL C 499 -13.64 17.74 -27.96
C VAL C 499 -12.34 18.38 -28.44
N LEU C 500 -11.57 17.57 -29.22
CA LEU C 500 -10.25 18.01 -29.64
C LEU C 500 -10.31 18.59 -31.02
N LYS C 501 -9.40 19.51 -31.31
CA LYS C 501 -9.22 20.01 -32.66
C LYS C 501 -8.62 18.90 -33.51
N LYS C 502 -8.90 18.97 -34.81
CA LYS C 502 -8.33 18.06 -35.79
C LYS C 502 -6.81 18.20 -35.75
N GLY C 503 -6.13 17.07 -35.58
CA GLY C 503 -4.68 17.10 -35.51
C GLY C 503 -4.17 16.52 -34.19
N TYR C 504 -4.87 16.81 -33.10
CA TYR C 504 -4.50 16.25 -31.82
C TYR C 504 -5.33 14.99 -31.60
N MET C 505 -4.71 14.03 -30.92
CA MET C 505 -5.35 12.76 -30.65
C MET C 505 -5.45 12.61 -29.15
N PRO C 506 -6.45 11.86 -28.67
CA PRO C 506 -6.65 11.65 -27.24
C PRO C 506 -5.53 10.79 -26.65
N SER C 507 -4.75 11.38 -25.72
CA SER C 507 -3.85 10.58 -24.89
C SER C 507 -3.90 11.08 -23.47
N LYS C 508 -3.54 10.19 -22.56
CA LYS C 508 -3.27 10.60 -21.19
C LYS C 508 -2.27 11.77 -21.14
N GLU C 509 -1.22 11.75 -21.96
CA GLU C 509 -0.16 12.73 -21.90
C GLU C 509 -0.71 14.09 -22.32
N LEU C 510 -1.74 14.09 -23.17
CA LEU C 510 -2.35 15.34 -23.61
C LEU C 510 -3.22 15.90 -22.50
N ALA C 511 -4.10 15.03 -21.99
CA ALA C 511 -4.92 15.34 -20.83
C ALA C 511 -4.10 16.06 -19.74
N GLU C 512 -2.95 15.47 -19.36
CA GLU C 512 -2.03 16.02 -18.37
C GLU C 512 -1.50 17.38 -18.79
N GLU C 513 -1.04 17.48 -20.04
CA GLU C 513 -0.45 18.71 -20.49
C GLU C 513 -1.43 19.85 -20.33
N ILE C 514 -2.71 19.57 -20.61
CA ILE C 514 -3.81 20.54 -20.56
C ILE C 514 -4.11 20.91 -19.10
N ARG C 515 -4.11 19.91 -18.25
CA ARG C 515 -4.38 20.08 -16.83
C ARG C 515 -3.30 20.96 -16.19
N GLU C 516 -2.02 20.70 -16.52
CA GLU C 516 -0.93 21.48 -15.96
C GLU C 516 -1.03 22.94 -16.41
N LYS C 517 -1.43 23.15 -17.65
CA LYS C 517 -1.74 24.49 -18.11
C LYS C 517 -2.84 25.10 -17.24
N MET C 518 -3.93 24.37 -17.03
CA MET C 518 -5.05 24.89 -16.24
C MET C 518 -4.60 25.33 -14.82
N LYS C 519 -3.57 24.65 -14.28
CA LYS C 519 -3.05 24.96 -12.96
C LYS C 519 -2.48 26.38 -12.87
N THR C 520 -1.91 26.88 -13.97
CA THR C 520 -1.36 28.23 -13.99
C THR C 520 -2.47 29.28 -14.16
N LEU C 521 -3.66 28.89 -14.66
CA LEU C 521 -4.75 29.84 -14.95
C LEU C 521 -5.84 29.86 -13.87
N LEU C 522 -6.04 28.72 -13.20
CA LEU C 522 -7.20 28.51 -12.34
C LEU C 522 -6.76 28.22 -10.92
N SER C 523 -7.57 28.71 -10.01
CA SER C 523 -7.43 28.31 -8.62
C SER C 523 -7.53 26.78 -8.54
N PRO C 524 -6.68 26.13 -7.72
CA PRO C 524 -6.65 24.67 -7.67
C PRO C 524 -8.00 23.96 -7.58
N TYR C 525 -8.99 24.52 -6.89
CA TYR C 525 -10.25 23.82 -6.66
C TYR C 525 -10.96 23.71 -7.99
N LYS C 526 -10.65 24.64 -8.91
CA LYS C 526 -11.29 24.65 -10.21
C LYS C 526 -10.67 23.72 -11.24
N VAL C 527 -9.42 23.29 -11.03
CA VAL C 527 -8.66 22.51 -12.01
C VAL C 527 -9.26 21.10 -12.12
N PRO C 528 -9.85 20.72 -13.27
CA PRO C 528 -10.53 19.44 -13.37
C PRO C 528 -9.70 18.29 -12.84
N ARG C 529 -10.30 17.48 -11.98
CA ARG C 529 -9.71 16.26 -11.46
C ARG C 529 -9.86 15.13 -12.48
N ILE C 530 -10.85 15.28 -13.37
CA ILE C 530 -11.02 14.32 -14.43
C ILE C 530 -11.09 15.04 -15.77
N ILE C 531 -10.48 14.41 -16.80
CA ILE C 531 -10.56 14.91 -18.16
C ILE C 531 -10.95 13.76 -19.08
N GLU C 532 -12.02 13.95 -19.86
CA GLU C 532 -12.53 12.94 -20.78
C GLU C 532 -12.60 13.57 -22.16
N PHE C 533 -11.99 12.88 -23.16
CA PHE C 533 -12.05 13.34 -24.52
C PHE C 533 -13.23 12.65 -25.17
N VAL C 534 -14.00 13.44 -25.90
CA VAL C 534 -15.13 12.89 -26.59
C VAL C 534 -15.19 13.45 -28.00
N ASP C 535 -15.90 12.72 -28.87
CA ASP C 535 -16.07 13.18 -30.24
C ASP C 535 -17.03 14.36 -30.33
N GLU C 536 -18.04 14.39 -29.45
CA GLU C 536 -18.97 15.51 -29.37
C GLU C 536 -19.63 15.60 -28.00
N LEU C 537 -20.18 16.77 -27.76
CA LEU C 537 -20.92 17.10 -26.56
C LEU C 537 -22.41 17.08 -26.85
N PRO C 538 -23.25 16.41 -26.04
CA PRO C 538 -24.68 16.30 -26.29
C PRO C 538 -25.26 17.70 -26.34
N LYS C 539 -26.03 17.96 -27.42
CA LYS C 539 -26.58 19.27 -27.68
C LYS C 539 -28.09 19.19 -27.90
N THR C 540 -28.74 20.31 -27.60
CA THR C 540 -30.15 20.49 -27.92
C THR C 540 -30.21 20.89 -29.39
N ILE C 541 -31.44 21.01 -29.93
CA ILE C 541 -31.69 21.40 -31.30
C ILE C 541 -31.02 22.75 -31.66
N SER C 542 -30.98 23.65 -30.66
CA SER C 542 -30.45 25.00 -30.79
C SER C 542 -28.93 24.98 -30.83
N GLY C 543 -28.31 23.92 -30.30
CA GLY C 543 -26.86 23.82 -30.20
C GLY C 543 -26.33 24.07 -28.78
N LYS C 544 -27.22 24.05 -27.79
CA LYS C 544 -26.86 24.35 -26.43
C LYS C 544 -26.46 23.08 -25.70
N ILE C 545 -25.40 23.18 -24.89
CA ILE C 545 -24.82 22.00 -24.28
C ILE C 545 -25.77 21.50 -23.22
N ARG C 546 -26.02 20.20 -23.21
CA ARG C 546 -26.83 19.53 -22.21
C ARG C 546 -25.94 18.99 -21.10
N ARG C 547 -25.53 19.90 -20.19
CA ARG C 547 -24.69 19.53 -19.05
C ARG C 547 -25.44 18.58 -18.15
N VAL C 548 -26.75 18.76 -18.18
CA VAL C 548 -27.66 17.83 -17.54
C VAL C 548 -27.36 16.40 -17.95
N GLU C 549 -27.25 16.16 -19.27
CA GLU C 549 -27.22 14.79 -19.76
C GLU C 549 -25.82 14.22 -19.61
N LEU C 550 -24.79 15.07 -19.60
CA LEU C 550 -23.45 14.63 -19.26
C LEU C 550 -23.43 14.03 -17.86
N ARG C 551 -24.15 14.68 -16.91
CA ARG C 551 -24.33 14.19 -15.56
C ARG C 551 -25.11 12.87 -15.52
N LYS C 552 -26.26 12.82 -16.18
CA LYS C 552 -27.06 11.61 -16.20
C LYS C 552 -26.24 10.43 -16.68
N ARG C 553 -25.37 10.67 -17.67
CA ARG C 553 -24.59 9.62 -18.33
C ARG C 553 -23.57 9.07 -17.35
N GLU C 554 -22.98 9.99 -16.57
CA GLU C 554 -22.01 9.65 -15.56
C GLU C 554 -22.64 8.71 -14.53
N GLU C 555 -23.91 8.97 -14.20
CA GLU C 555 -24.65 8.24 -13.18
C GLU C 555 -24.87 6.80 -13.61
N GLU C 556 -25.21 6.60 -14.90
CA GLU C 556 -25.52 5.29 -15.43
C GLU C 556 -24.23 4.49 -15.47
N LYS C 557 -23.13 5.16 -15.75
CA LYS C 557 -21.82 4.53 -15.74
C LYS C 557 -21.38 4.15 -14.34
N ARG C 558 -21.68 5.00 -13.36
CA ARG C 558 -21.34 4.71 -11.98
C ARG C 558 -22.03 3.44 -11.50
N LYS C 559 -23.29 3.25 -11.91
CA LYS C 559 -24.13 2.18 -11.42
C LYS C 559 -23.74 0.82 -12.00
N LYS C 560 -22.80 0.80 -12.97
CA LYS C 560 -22.16 -0.42 -13.45
C LYS C 560 -20.63 -0.30 -13.30
N GLY C 561 -20.23 0.45 -12.29
CA GLY C 561 -18.85 0.68 -11.88
C GLY C 561 -17.83 0.73 -13.02
N GLU C 562 -18.11 1.52 -14.07
CA GLU C 562 -17.14 1.71 -15.14
C GLU C 562 -16.64 3.16 -15.21
N VAL C 563 -15.32 3.31 -15.33
CA VAL C 563 -14.67 4.52 -15.87
C VAL C 563 -14.65 4.44 -17.41
N GLY C 564 -14.64 5.65 -18.00
CA GLY C 564 -14.76 5.85 -19.42
C GLY C 564 -13.51 5.52 -20.22
N GLN C 565 -13.80 5.35 -21.52
CA GLN C 565 -12.86 4.86 -22.52
C GLN C 565 -11.76 5.88 -22.81
N ASN C 566 -12.03 7.19 -22.63
CA ASN C 566 -11.01 8.21 -22.71
C ASN C 566 -11.12 9.15 -21.52
N GLU C 567 -11.64 8.65 -20.37
CA GLU C 567 -11.65 9.36 -19.09
C GLU C 567 -10.32 9.09 -18.34
N TYR C 568 -9.63 10.20 -18.03
CA TYR C 568 -8.33 10.20 -17.36
C TYR C 568 -8.50 10.87 -15.99
N VAL C 569 -8.24 10.07 -14.94
CA VAL C 569 -8.42 10.42 -13.54
C VAL C 569 -7.07 10.85 -12.97
N PHE C 570 -7.06 11.93 -12.18
CA PHE C 570 -5.83 12.35 -11.58
C PHE C 570 -5.84 12.17 -10.06
N VAL D 10 -14.38 -35.69 -19.99
CA VAL D 10 -15.61 -35.65 -20.82
C VAL D 10 -16.29 -34.31 -20.53
N GLN D 11 -16.05 -33.26 -21.32
CA GLN D 11 -16.91 -32.09 -21.29
C GLN D 11 -18.13 -32.30 -22.20
N ASP D 12 -18.08 -33.34 -23.04
CA ASP D 12 -19.22 -33.78 -23.85
C ASP D 12 -20.40 -34.09 -22.95
N PHE D 13 -20.15 -34.40 -21.67
CA PHE D 13 -21.18 -34.49 -20.64
C PHE D 13 -22.17 -33.34 -20.72
N PHE D 14 -21.72 -32.08 -20.73
CA PHE D 14 -22.62 -30.93 -20.62
C PHE D 14 -23.45 -30.76 -21.87
N ARG D 15 -22.85 -31.14 -23.00
CA ARG D 15 -23.54 -31.03 -24.28
C ARG D 15 -24.65 -32.09 -24.28
N LYS D 16 -24.40 -33.28 -23.68
CA LYS D 16 -25.42 -34.31 -23.52
C LYS D 16 -26.45 -33.87 -22.48
N PHE D 17 -25.97 -33.22 -21.44
CA PHE D 17 -26.86 -32.75 -20.39
C PHE D 17 -27.83 -31.73 -20.96
N ILE D 18 -27.30 -30.73 -21.69
CA ILE D 18 -28.11 -29.66 -22.27
C ILE D 18 -29.23 -30.22 -23.12
N GLU D 19 -28.96 -31.31 -23.84
CA GLU D 19 -29.99 -31.93 -24.64
C GLU D 19 -31.01 -32.66 -23.78
N PHE D 20 -30.53 -33.44 -22.81
CA PHE D 20 -31.41 -34.09 -21.86
C PHE D 20 -32.48 -33.11 -21.39
N GLN D 21 -32.08 -31.85 -21.15
CA GLN D 21 -32.97 -30.81 -20.65
C GLN D 21 -34.10 -30.44 -21.62
N ASN D 22 -33.84 -30.51 -22.94
CA ASN D 22 -34.77 -30.01 -23.93
C ASN D 22 -35.96 -30.94 -24.07
N SER D 23 -35.83 -32.11 -23.45
CA SER D 23 -36.87 -33.11 -23.41
C SER D 23 -36.39 -34.24 -22.53
N PRO D 24 -36.59 -34.18 -21.20
CA PRO D 24 -36.07 -35.23 -20.34
C PRO D 24 -37.04 -36.39 -20.12
N ASN D 25 -36.48 -37.52 -19.72
CA ASN D 25 -37.27 -38.61 -19.19
C ASN D 25 -36.41 -39.48 -18.28
N GLU D 26 -37.15 -40.38 -17.61
CA GLU D 26 -36.61 -41.30 -16.63
C GLU D 26 -35.31 -41.95 -17.11
N LYS D 27 -35.39 -42.60 -18.27
CA LYS D 27 -34.33 -43.43 -18.81
C LYS D 27 -33.09 -42.58 -19.09
N SER D 28 -33.29 -41.45 -19.78
CA SER D 28 -32.18 -40.60 -20.20
C SER D 28 -31.57 -39.92 -18.97
N LEU D 29 -32.37 -39.76 -17.90
CA LEU D 29 -31.85 -39.25 -16.65
C LEU D 29 -30.74 -40.17 -16.12
N GLN D 30 -31.04 -41.47 -16.10
CA GLN D 30 -30.15 -42.50 -15.58
C GLN D 30 -28.79 -42.48 -16.28
N GLU D 31 -28.81 -42.26 -17.61
CA GLU D 31 -27.60 -42.06 -18.38
C GLU D 31 -26.81 -40.86 -17.85
N ILE D 32 -27.49 -39.73 -17.64
CA ILE D 32 -26.84 -38.52 -17.13
C ILE D 32 -26.11 -38.84 -15.81
N VAL D 33 -26.86 -39.47 -14.89
CA VAL D 33 -26.34 -39.99 -13.63
C VAL D 33 -25.00 -40.73 -13.78
N LYS D 34 -25.01 -41.73 -14.67
CA LYS D 34 -23.86 -42.60 -14.85
C LYS D 34 -22.68 -41.81 -15.40
N LEU D 35 -22.96 -40.84 -16.28
CA LEU D 35 -21.93 -40.05 -16.94
C LEU D 35 -21.23 -39.11 -15.96
N VAL D 36 -21.95 -38.64 -14.94
CA VAL D 36 -21.31 -37.79 -13.95
C VAL D 36 -20.25 -38.58 -13.20
N GLY D 37 -20.55 -39.86 -12.91
CA GLY D 37 -19.63 -40.74 -12.21
C GLY D 37 -18.30 -40.92 -12.93
N GLN D 38 -18.30 -40.72 -14.25
CA GLN D 38 -17.13 -40.87 -15.09
C GLN D 38 -16.44 -39.52 -15.39
N LEU D 39 -16.86 -38.43 -14.74
CA LEU D 39 -16.15 -37.17 -14.91
C LEU D 39 -14.74 -37.26 -14.29
N ASP D 40 -13.82 -36.49 -14.89
CA ASP D 40 -12.54 -36.21 -14.30
C ASP D 40 -12.59 -34.85 -13.62
N LEU D 41 -12.59 -34.86 -12.30
CA LEU D 41 -12.81 -33.66 -11.52
C LEU D 41 -11.61 -33.36 -10.62
N ARG D 42 -10.47 -33.94 -10.98
CA ARG D 42 -9.21 -33.74 -10.26
C ARG D 42 -8.77 -32.27 -10.32
N ARG D 43 -8.75 -31.69 -11.51
CA ARG D 43 -8.47 -30.28 -11.74
C ARG D 43 -9.64 -29.70 -12.52
N PHE D 44 -10.40 -28.80 -11.92
CA PHE D 44 -11.62 -28.32 -12.55
C PHE D 44 -11.86 -26.85 -12.16
N ASN D 45 -12.52 -26.15 -13.07
CA ASN D 45 -12.78 -24.73 -12.95
C ASN D 45 -13.97 -24.46 -13.84
N TRP D 46 -15.12 -24.32 -13.21
CA TRP D 46 -16.37 -24.29 -13.95
C TRP D 46 -16.44 -23.11 -14.93
N VAL D 47 -15.80 -21.98 -14.62
CA VAL D 47 -15.85 -20.83 -15.51
C VAL D 47 -15.11 -21.14 -16.81
N ARG D 48 -13.83 -21.46 -16.71
CA ARG D 48 -13.01 -21.88 -17.83
C ARG D 48 -13.72 -23.01 -18.56
N ASP D 49 -14.02 -24.11 -17.86
CA ASP D 49 -14.37 -25.38 -18.47
C ASP D 49 -15.80 -25.44 -19.00
N VAL D 50 -16.71 -24.64 -18.43
CA VAL D 50 -18.11 -24.71 -18.81
C VAL D 50 -18.53 -23.35 -19.36
N PHE D 51 -18.34 -22.29 -18.58
CA PHE D 51 -18.85 -20.99 -18.96
C PHE D 51 -18.18 -20.59 -20.27
N GLU D 52 -16.85 -20.49 -20.23
CA GLU D 52 -16.06 -19.97 -21.34
C GLU D 52 -16.04 -20.99 -22.50
N ASP D 53 -15.71 -22.25 -22.16
CA ASP D 53 -15.36 -23.27 -23.14
C ASP D 53 -16.60 -23.80 -23.83
N ILE D 54 -17.74 -23.77 -23.14
CA ILE D 54 -18.97 -24.16 -23.81
C ILE D 54 -19.76 -22.92 -24.19
N HIS D 55 -20.21 -22.14 -23.20
CA HIS D 55 -21.25 -21.19 -23.47
C HIS D 55 -20.69 -19.98 -24.24
N VAL D 56 -19.56 -19.44 -23.80
CA VAL D 56 -19.06 -18.23 -24.43
C VAL D 56 -18.65 -18.55 -25.86
N LYS D 57 -18.15 -19.78 -26.02
CA LYS D 57 -17.68 -20.27 -27.30
C LYS D 57 -18.85 -20.59 -28.23
N GLU D 58 -19.81 -21.42 -27.78
CA GLU D 58 -20.93 -21.87 -28.62
C GLU D 58 -22.10 -20.85 -28.69
N ARG D 59 -22.30 -20.01 -27.67
CA ARG D 59 -23.40 -19.04 -27.71
C ARG D 59 -22.99 -17.75 -26.98
N GLY D 60 -21.84 -17.22 -27.38
CA GLY D 60 -21.29 -16.00 -26.80
C GLY D 60 -22.22 -14.79 -26.89
N SER D 61 -23.13 -14.77 -27.86
CA SER D 61 -23.92 -13.58 -28.12
C SER D 61 -25.39 -13.86 -27.87
N LYS D 62 -25.71 -14.99 -27.22
CA LYS D 62 -26.98 -15.19 -26.55
C LYS D 62 -27.03 -14.30 -25.31
N THR D 63 -28.26 -13.85 -24.94
CA THR D 63 -28.45 -13.07 -23.72
C THR D 63 -28.27 -14.00 -22.51
N ALA D 64 -27.22 -13.70 -21.72
CA ALA D 64 -26.91 -14.38 -20.47
C ALA D 64 -27.78 -13.82 -19.34
N LEU D 65 -27.96 -12.50 -19.33
CA LEU D 65 -28.71 -11.82 -18.28
C LEU D 65 -29.63 -10.73 -18.85
N ILE D 66 -30.89 -10.79 -18.40
CA ILE D 66 -31.82 -9.66 -18.42
C ILE D 66 -32.11 -9.22 -16.98
N TRP D 67 -31.78 -7.95 -16.66
CA TRP D 67 -31.82 -7.42 -15.30
C TRP D 67 -32.77 -6.23 -15.23
N ARG D 68 -33.48 -6.13 -14.10
CA ARG D 68 -34.26 -4.93 -13.83
C ARG D 68 -34.36 -4.70 -12.32
N ASP D 69 -34.29 -3.40 -11.97
CA ASP D 69 -34.59 -2.87 -10.66
C ASP D 69 -35.98 -2.23 -10.73
N ILE D 70 -36.96 -2.80 -10.03
CA ILE D 70 -38.33 -2.34 -10.20
C ILE D 70 -38.55 -1.00 -9.49
N ASN D 71 -37.58 -0.59 -8.66
CA ASN D 71 -37.69 0.64 -7.89
C ASN D 71 -37.09 1.75 -8.75
N THR D 72 -35.81 1.62 -9.14
CA THR D 72 -35.14 2.67 -9.90
C THR D 72 -35.65 2.70 -11.35
N GLY D 73 -35.98 1.53 -11.90
CA GLY D 73 -36.31 1.48 -13.32
C GLY D 73 -35.17 0.93 -14.20
N GLU D 74 -33.92 1.17 -13.76
CA GLU D 74 -32.72 0.69 -14.43
C GLU D 74 -32.88 -0.75 -14.93
N GLU D 75 -32.34 -0.99 -16.13
CA GLU D 75 -32.43 -2.27 -16.82
C GLU D 75 -31.09 -2.49 -17.52
N ALA D 76 -30.71 -3.76 -17.64
CA ALA D 76 -29.49 -4.15 -18.33
C ALA D 76 -29.72 -5.48 -19.07
N LYS D 77 -29.02 -5.65 -20.20
CA LYS D 77 -29.05 -6.88 -20.96
C LYS D 77 -27.61 -7.24 -21.28
N LEU D 78 -27.17 -8.45 -20.88
CA LEU D 78 -25.79 -8.85 -21.11
C LEU D 78 -25.75 -10.21 -21.81
N SER D 79 -24.95 -10.29 -22.85
CA SER D 79 -24.65 -11.54 -23.50
C SER D 79 -23.58 -12.30 -22.71
N TYR D 80 -23.49 -13.61 -22.98
CA TYR D 80 -22.46 -14.46 -22.39
C TYR D 80 -21.07 -13.87 -22.61
N HIS D 81 -20.86 -13.24 -23.77
CA HIS D 81 -19.61 -12.55 -24.07
C HIS D 81 -19.41 -11.38 -23.09
N GLU D 82 -20.28 -10.35 -23.16
CA GLU D 82 -20.07 -9.12 -22.42
C GLU D 82 -19.85 -9.44 -20.94
N LEU D 83 -20.56 -10.45 -20.47
CA LEU D 83 -20.52 -10.92 -19.09
C LEU D 83 -19.16 -11.55 -18.76
N SER D 84 -18.63 -12.34 -19.69
CA SER D 84 -17.33 -12.97 -19.52
C SER D 84 -16.24 -11.91 -19.45
N LEU D 85 -16.41 -10.84 -20.25
CA LEU D 85 -15.43 -9.77 -20.32
C LEU D 85 -15.46 -9.04 -19.00
N MET D 86 -16.67 -8.65 -18.64
CA MET D 86 -16.92 -7.87 -17.45
C MET D 86 -16.39 -8.56 -16.19
N SER D 87 -16.57 -9.89 -16.14
CA SER D 87 -16.04 -10.72 -15.06
C SER D 87 -14.50 -10.72 -15.05
N ASN D 88 -13.87 -10.71 -16.22
CA ASN D 88 -12.42 -10.72 -16.29
C ASN D 88 -11.84 -9.41 -15.75
N ARG D 89 -12.55 -8.29 -15.98
CA ARG D 89 -12.14 -6.99 -15.47
C ARG D 89 -12.11 -7.01 -13.95
N VAL D 90 -13.13 -7.67 -13.37
CA VAL D 90 -13.21 -7.89 -11.94
C VAL D 90 -11.95 -8.64 -11.49
N LEU D 91 -11.75 -9.83 -12.04
CA LEU D 91 -10.68 -10.72 -11.63
C LEU D 91 -9.30 -10.07 -11.79
N SER D 92 -9.12 -9.33 -12.89
CA SER D 92 -7.91 -8.55 -13.11
C SER D 92 -7.72 -7.53 -11.99
N THR D 93 -8.79 -6.79 -11.65
CA THR D 93 -8.74 -5.77 -10.62
C THR D 93 -8.42 -6.39 -9.26
N LEU D 94 -9.01 -7.55 -8.92
CA LEU D 94 -8.76 -8.21 -7.65
C LEU D 94 -7.30 -8.63 -7.50
N ARG D 95 -6.80 -9.27 -8.57
CA ARG D 95 -5.43 -9.76 -8.67
C ARG D 95 -4.44 -8.62 -8.56
N LYS D 96 -4.84 -7.47 -9.13
CA LYS D 96 -4.04 -6.25 -9.14
C LYS D 96 -3.88 -5.73 -7.71
N HIS D 97 -4.89 -5.99 -6.85
CA HIS D 97 -4.84 -5.64 -5.44
C HIS D 97 -4.27 -6.80 -4.61
N GLY D 98 -3.61 -7.74 -5.28
CA GLY D 98 -2.79 -8.75 -4.63
C GLY D 98 -3.64 -9.87 -4.03
N LEU D 99 -4.65 -10.36 -4.76
CA LEU D 99 -5.46 -11.45 -4.26
C LEU D 99 -5.02 -12.78 -4.86
N LYS D 100 -4.50 -13.64 -3.98
CA LYS D 100 -4.07 -14.97 -4.33
C LYS D 100 -5.26 -15.90 -4.19
N LYS D 101 -5.08 -17.14 -4.66
CA LYS D 101 -6.05 -18.22 -4.54
C LYS D 101 -6.32 -18.51 -3.07
N GLY D 102 -7.59 -18.79 -2.73
CA GLY D 102 -7.94 -19.16 -1.37
C GLY D 102 -8.22 -17.97 -0.43
N ASP D 103 -7.91 -16.74 -0.88
CA ASP D 103 -8.20 -15.51 -0.15
C ASP D 103 -9.70 -15.26 0.01
N VAL D 104 -10.06 -14.67 1.15
CA VAL D 104 -11.45 -14.51 1.52
C VAL D 104 -12.03 -13.21 0.98
N VAL D 105 -13.19 -13.36 0.33
CA VAL D 105 -13.88 -12.24 -0.29
C VAL D 105 -15.34 -12.22 0.15
N TYR D 106 -15.67 -11.21 0.96
CA TYR D 106 -17.04 -11.01 1.36
C TYR D 106 -17.75 -10.26 0.24
N LEU D 107 -18.97 -10.71 -0.04
CA LEU D 107 -19.74 -10.13 -1.13
C LEU D 107 -21.13 -9.79 -0.66
N MET D 108 -21.37 -8.48 -0.58
CA MET D 108 -22.63 -7.97 -0.05
C MET D 108 -23.18 -6.98 -1.07
N THR D 109 -24.05 -7.47 -1.96
CA THR D 109 -24.65 -6.55 -2.91
C THR D 109 -26.09 -6.96 -3.20
N LYS D 110 -26.80 -5.96 -3.74
CA LYS D 110 -28.12 -6.14 -4.32
C LYS D 110 -28.02 -7.05 -5.55
N VAL D 111 -29.19 -7.46 -6.04
CA VAL D 111 -29.32 -8.11 -7.32
C VAL D 111 -28.93 -7.09 -8.40
N HIS D 112 -27.90 -7.42 -9.21
CA HIS D 112 -27.24 -6.50 -10.13
C HIS D 112 -26.31 -7.32 -11.02
N PRO D 113 -26.10 -6.91 -12.28
CA PRO D 113 -25.22 -7.65 -13.19
C PRO D 113 -23.88 -7.97 -12.55
N MET D 114 -23.32 -6.94 -11.88
CA MET D 114 -21.98 -6.98 -11.38
C MET D 114 -21.87 -8.06 -10.30
N HIS D 115 -23.00 -8.51 -9.77
CA HIS D 115 -23.01 -9.62 -8.81
C HIS D 115 -22.58 -10.87 -9.54
N TRP D 116 -23.25 -11.19 -10.67
CA TRP D 116 -22.87 -12.35 -11.47
C TRP D 116 -21.42 -12.22 -11.88
N ALA D 117 -21.08 -11.03 -12.34
CA ALA D 117 -19.72 -10.74 -12.72
C ALA D 117 -18.73 -11.18 -11.63
N VAL D 118 -19.00 -10.77 -10.40
CA VAL D 118 -18.06 -11.05 -9.33
C VAL D 118 -18.05 -12.55 -9.05
N PHE D 119 -19.23 -13.18 -9.01
CA PHE D 119 -19.30 -14.62 -8.88
C PHE D 119 -18.31 -15.30 -9.80
N LEU D 120 -18.39 -14.93 -11.08
CA LEU D 120 -17.55 -15.53 -12.10
C LEU D 120 -16.08 -15.28 -11.77
N ALA D 121 -15.76 -14.02 -11.44
CA ALA D 121 -14.37 -13.64 -11.25
C ALA D 121 -13.76 -14.47 -10.11
N VAL D 122 -14.53 -14.67 -9.04
CA VAL D 122 -14.15 -15.42 -7.87
C VAL D 122 -13.92 -16.90 -8.22
N ILE D 123 -14.90 -17.52 -8.88
CA ILE D 123 -14.80 -18.95 -9.21
C ILE D 123 -13.58 -19.18 -10.12
N LYS D 124 -13.35 -18.24 -11.05
CA LYS D 124 -12.31 -18.36 -12.05
C LYS D 124 -10.96 -18.18 -11.37
N GLY D 125 -10.93 -17.23 -10.43
CA GLY D 125 -9.72 -16.84 -9.73
C GLY D 125 -9.44 -17.71 -8.51
N GLY D 126 -10.33 -18.66 -8.17
CA GLY D 126 -10.06 -19.61 -7.11
C GLY D 126 -10.06 -18.98 -5.70
N PHE D 127 -10.85 -17.92 -5.54
CA PHE D 127 -11.00 -17.25 -4.26
C PHE D 127 -12.10 -17.96 -3.49
N VAL D 128 -12.10 -17.70 -2.16
CA VAL D 128 -13.15 -18.11 -1.24
C VAL D 128 -14.08 -16.92 -1.08
N MET D 129 -15.29 -17.09 -1.61
CA MET D 129 -16.29 -16.06 -1.52
C MET D 129 -17.18 -16.43 -0.35
N VAL D 130 -17.54 -15.37 0.39
CA VAL D 130 -18.47 -15.45 1.51
C VAL D 130 -19.66 -14.54 1.18
N PRO D 131 -20.73 -15.14 0.60
CA PRO D 131 -21.94 -14.40 0.28
C PRO D 131 -22.51 -13.86 1.57
N SER D 132 -22.74 -12.54 1.54
CA SER D 132 -23.33 -11.83 2.66
C SER D 132 -24.57 -11.10 2.18
N ALA D 133 -25.69 -11.31 2.84
CA ALA D 133 -26.93 -10.67 2.44
C ALA D 133 -26.90 -9.18 2.81
N THR D 134 -27.74 -8.39 2.10
CA THR D 134 -27.73 -6.93 2.24
C THR D 134 -28.39 -6.41 3.51
N ASN D 135 -29.13 -7.25 4.26
CA ASN D 135 -29.87 -6.83 5.44
C ASN D 135 -29.09 -7.13 6.72
N LEU D 136 -27.86 -7.66 6.59
CA LEU D 136 -27.04 -8.04 7.74
C LEU D 136 -26.54 -6.78 8.46
N THR D 137 -26.60 -6.83 9.81
CA THR D 137 -26.31 -5.71 10.68
C THR D 137 -24.82 -5.61 10.97
N VAL D 138 -24.40 -4.45 11.52
CA VAL D 138 -23.01 -4.21 11.85
C VAL D 138 -22.50 -5.32 12.77
N ALA D 139 -23.36 -5.70 13.70
CA ALA D 139 -23.09 -6.75 14.69
C ALA D 139 -22.87 -8.10 14.03
N GLU D 140 -23.82 -8.49 13.20
CA GLU D 140 -23.74 -9.76 12.51
C GLU D 140 -22.49 -9.79 11.64
N MET D 141 -22.13 -8.67 11.01
CA MET D 141 -20.96 -8.68 10.13
C MET D 141 -19.64 -8.80 10.92
N LYS D 142 -19.57 -8.12 12.08
CA LYS D 142 -18.44 -8.24 12.98
C LYS D 142 -18.27 -9.68 13.46
N TYR D 143 -19.40 -10.39 13.69
CA TYR D 143 -19.36 -11.78 14.11
C TYR D 143 -18.61 -12.59 13.05
N ARG D 144 -19.02 -12.36 11.81
CA ARG D 144 -18.48 -13.03 10.64
C ARG D 144 -16.97 -12.82 10.57
N PHE D 145 -16.53 -11.57 10.77
CA PHE D 145 -15.12 -11.24 10.68
C PHE D 145 -14.32 -11.92 11.78
N SER D 146 -14.90 -12.03 12.97
CA SER D 146 -14.24 -12.71 14.07
C SER D 146 -14.02 -14.17 13.68
N ASP D 147 -14.99 -14.75 12.94
CA ASP D 147 -14.95 -16.17 12.63
C ASP D 147 -14.07 -16.47 11.40
N LEU D 148 -14.12 -15.59 10.38
CA LEU D 148 -13.23 -15.66 9.23
C LEU D 148 -12.84 -14.28 8.69
N LYS D 149 -11.54 -13.95 8.74
CA LYS D 149 -11.02 -12.64 8.41
C LYS D 149 -11.04 -12.39 6.90
N PRO D 150 -11.51 -11.21 6.47
CA PRO D 150 -11.55 -10.85 5.05
C PRO D 150 -10.24 -10.32 4.49
N SER D 151 -9.92 -10.79 3.27
CA SER D 151 -8.80 -10.26 2.49
C SER D 151 -9.33 -9.12 1.63
N ALA D 152 -10.56 -9.28 1.19
CA ALA D 152 -11.21 -8.25 0.39
C ALA D 152 -12.70 -8.31 0.60
N ILE D 153 -13.34 -7.15 0.47
CA ILE D 153 -14.77 -7.08 0.58
C ILE D 153 -15.31 -6.19 -0.55
N ILE D 154 -16.53 -6.53 -0.96
CA ILE D 154 -17.16 -5.99 -2.13
C ILE D 154 -18.62 -5.70 -1.82
N SER D 155 -19.01 -4.45 -2.04
CA SER D 155 -20.34 -3.99 -1.69
C SER D 155 -20.89 -3.07 -2.79
N ASP D 156 -22.20 -2.79 -2.71
CA ASP D 156 -22.80 -1.65 -3.40
C ASP D 156 -22.71 -0.44 -2.48
N SER D 157 -23.06 0.74 -2.98
CA SER D 157 -22.83 1.97 -2.23
C SER D 157 -23.88 2.10 -1.14
N LEU D 158 -24.99 1.38 -1.33
CA LEU D 158 -26.09 1.34 -0.39
C LEU D 158 -25.71 0.68 0.93
N ARG D 159 -24.65 -0.14 0.98
CA ARG D 159 -24.34 -0.91 2.19
C ARG D 159 -22.85 -0.81 2.50
N ALA D 160 -22.24 0.29 2.07
CA ALA D 160 -20.80 0.46 2.20
C ALA D 160 -20.48 0.85 3.64
N SER D 161 -21.30 1.75 4.19
CA SER D 161 -21.08 2.22 5.56
C SER D 161 -21.19 1.05 6.57
N VAL D 162 -22.10 0.10 6.35
CA VAL D 162 -22.26 -1.06 7.23
C VAL D 162 -20.99 -1.92 7.23
N MET D 163 -20.43 -2.13 6.03
CA MET D 163 -19.16 -2.86 5.95
C MET D 163 -18.04 -2.06 6.62
N GLU D 164 -17.99 -0.76 6.31
CA GLU D 164 -16.97 0.14 6.81
C GLU D 164 -16.92 0.14 8.34
N GLU D 165 -18.11 0.19 8.96
CA GLU D 165 -18.28 0.22 10.42
C GLU D 165 -17.99 -1.15 11.03
N ALA D 166 -18.41 -2.26 10.41
CA ALA D 166 -18.16 -3.60 10.95
C ALA D 166 -16.66 -3.94 10.89
N LEU D 167 -15.98 -3.37 9.90
CA LEU D 167 -14.55 -3.54 9.73
C LEU D 167 -13.82 -2.81 10.86
N GLY D 168 -14.23 -1.57 11.10
CA GLY D 168 -13.50 -0.67 11.95
C GLY D 168 -12.25 -0.20 11.20
N SER D 169 -11.09 -0.75 11.56
CA SER D 169 -9.87 -0.53 10.79
C SER D 169 -9.05 -1.81 10.71
N LEU D 170 -9.70 -2.85 10.20
CA LEU D 170 -8.99 -4.01 9.69
C LEU D 170 -8.55 -3.69 8.26
N LYS D 171 -7.30 -4.06 7.90
CA LYS D 171 -6.76 -3.90 6.55
C LYS D 171 -7.51 -4.79 5.57
N VAL D 172 -8.21 -4.20 4.59
CA VAL D 172 -8.75 -4.96 3.47
C VAL D 172 -8.80 -4.07 2.24
N GLU D 173 -8.83 -4.75 1.08
CA GLU D 173 -9.19 -4.14 -0.19
C GLU D 173 -10.71 -4.12 -0.35
N LYS D 174 -11.25 -2.93 -0.58
CA LYS D 174 -12.69 -2.74 -0.65
C LYS D 174 -13.10 -2.33 -2.05
N PHE D 175 -14.32 -2.72 -2.47
CA PHE D 175 -14.74 -2.46 -3.84
C PHE D 175 -16.24 -2.19 -3.93
N LEU D 176 -16.56 -1.18 -4.77
CA LEU D 176 -17.94 -0.76 -5.04
C LEU D 176 -18.37 -1.15 -6.46
N ILE D 177 -19.58 -1.72 -6.55
CA ILE D 177 -20.16 -2.18 -7.80
C ILE D 177 -20.96 -1.08 -8.50
N ASP D 178 -21.32 -0.03 -7.76
CA ASP D 178 -22.11 1.07 -8.30
C ASP D 178 -21.72 2.36 -7.60
N GLY D 179 -20.83 3.12 -8.23
CA GLY D 179 -20.45 4.41 -7.70
C GLY D 179 -19.09 4.39 -7.00
N LYS D 180 -18.68 5.61 -6.60
CA LYS D 180 -17.45 5.93 -5.92
C LYS D 180 -17.68 6.27 -4.44
N ARG D 181 -16.61 6.09 -3.66
CA ARG D 181 -16.57 6.42 -2.26
C ARG D 181 -15.12 6.35 -1.81
N GLU D 182 -14.73 7.20 -0.88
CA GLU D 182 -13.32 7.34 -0.57
C GLU D 182 -12.79 6.02 0.01
N THR D 183 -11.64 5.58 -0.54
CA THR D 183 -10.91 4.38 -0.16
C THR D 183 -11.64 3.09 -0.58
N TRP D 184 -12.70 3.24 -1.40
CA TRP D 184 -13.26 2.14 -2.16
C TRP D 184 -12.79 2.22 -3.61
N ASN D 185 -12.60 1.03 -4.17
CA ASN D 185 -12.07 0.89 -5.52
C ASN D 185 -13.19 0.44 -6.45
N SER D 186 -13.00 0.81 -7.72
CA SER D 186 -13.76 0.34 -8.87
C SER D 186 -13.31 -1.06 -9.27
N LEU D 187 -14.16 -1.77 -10.06
CA LEU D 187 -13.87 -3.13 -10.49
C LEU D 187 -13.57 -3.27 -12.00
N GLU D 188 -13.69 -2.20 -12.79
CA GLU D 188 -13.59 -2.32 -14.25
C GLU D 188 -12.47 -1.43 -14.76
N ASP D 189 -11.46 -1.14 -13.94
CA ASP D 189 -10.37 -0.26 -14.39
C ASP D 189 -9.20 -1.08 -14.90
N GLU D 190 -9.32 -2.41 -14.86
CA GLU D 190 -8.23 -3.31 -15.24
C GLU D 190 -8.49 -3.89 -16.64
N SER D 191 -7.91 -5.09 -16.92
CA SER D 191 -7.98 -5.68 -18.25
C SER D 191 -9.22 -6.57 -18.36
N SER D 192 -9.70 -6.78 -19.60
CA SER D 192 -10.84 -7.62 -19.93
C SER D 192 -10.42 -9.08 -20.09
N ASN D 193 -9.21 -9.46 -19.62
CA ASN D 193 -8.73 -10.85 -19.63
C ASN D 193 -7.70 -11.11 -18.51
N ALA D 194 -8.12 -11.93 -17.53
CA ALA D 194 -7.21 -12.59 -16.62
C ALA D 194 -7.27 -14.10 -16.87
N GLU D 195 -6.20 -14.81 -16.49
CA GLU D 195 -6.06 -16.23 -16.80
C GLU D 195 -6.78 -17.08 -15.74
N PRO D 196 -7.31 -18.29 -16.05
CA PRO D 196 -7.89 -19.16 -15.02
C PRO D 196 -6.88 -19.52 -13.92
N GLU D 197 -7.38 -19.71 -12.69
CA GLU D 197 -6.66 -20.38 -11.61
C GLU D 197 -6.92 -21.88 -11.73
N ASP D 198 -5.86 -22.69 -11.86
CA ASP D 198 -6.09 -24.12 -12.01
C ASP D 198 -6.49 -24.72 -10.67
N THR D 199 -7.82 -24.76 -10.44
CA THR D 199 -8.32 -25.23 -9.16
C THR D 199 -8.42 -26.74 -9.22
N ARG D 200 -8.06 -27.40 -8.11
CA ARG D 200 -8.48 -28.76 -7.81
C ARG D 200 -9.98 -28.75 -7.59
N GLY D 201 -10.66 -29.85 -7.93
CA GLY D 201 -12.10 -29.95 -7.84
C GLY D 201 -12.63 -29.81 -6.41
N GLU D 202 -11.77 -30.23 -5.46
CA GLU D 202 -12.05 -30.25 -4.02
C GLU D 202 -11.63 -28.92 -3.36
N ASP D 203 -11.01 -28.00 -4.14
CA ASP D 203 -10.64 -26.69 -3.63
C ASP D 203 -11.86 -25.87 -3.20
N VAL D 204 -11.68 -25.10 -2.13
CA VAL D 204 -12.78 -24.30 -1.59
C VAL D 204 -12.96 -23.01 -2.38
N ILE D 205 -14.23 -22.71 -2.73
CA ILE D 205 -14.56 -21.48 -3.39
C ILE D 205 -15.67 -20.72 -2.66
N ILE D 206 -16.48 -21.40 -1.84
CA ILE D 206 -17.60 -20.75 -1.17
C ILE D 206 -17.59 -21.11 0.32
N ASN D 207 -17.87 -20.11 1.17
CA ASN D 207 -18.27 -20.33 2.56
C ASN D 207 -19.60 -19.60 2.85
N TYR D 208 -20.54 -20.37 3.40
CA TYR D 208 -21.87 -19.91 3.77
C TYR D 208 -22.04 -19.99 5.29
N PHE D 209 -22.26 -18.82 5.95
CA PHE D 209 -22.63 -18.78 7.36
C PHE D 209 -24.07 -19.26 7.49
N THR D 210 -24.28 -20.40 8.14
CA THR D 210 -25.62 -20.87 8.37
C THR D 210 -25.89 -21.04 9.87
N SER D 211 -27.16 -20.75 10.18
CA SER D 211 -27.68 -20.85 11.52
C SER D 211 -27.85 -22.32 11.90
N GLY D 212 -27.60 -22.63 13.16
CA GLY D 212 -27.81 -23.97 13.68
C GLY D 212 -28.51 -23.85 15.01
N THR D 213 -28.74 -25.00 15.63
CA THR D 213 -29.67 -25.05 16.74
C THR D 213 -28.91 -24.48 17.95
N THR D 214 -27.68 -24.96 18.20
CA THR D 214 -26.93 -24.63 19.41
C THR D 214 -26.39 -23.22 19.35
N GLY D 215 -25.46 -22.87 18.48
CA GLY D 215 -24.60 -21.74 18.77
C GLY D 215 -24.89 -20.53 17.88
N MET D 216 -23.90 -19.68 17.74
CA MET D 216 -23.84 -18.70 16.67
C MET D 216 -23.50 -19.42 15.34
N PRO D 217 -23.78 -18.76 14.18
CA PRO D 217 -23.66 -19.37 12.86
C PRO D 217 -22.24 -19.80 12.50
N LYS D 218 -22.18 -20.95 11.81
CA LYS D 218 -20.94 -21.58 11.37
C LYS D 218 -20.87 -21.56 9.85
N ARG D 219 -19.69 -21.85 9.32
CA ARG D 219 -19.50 -21.80 7.88
C ARG D 219 -19.74 -23.21 7.34
N VAL D 220 -20.53 -23.26 6.24
CA VAL D 220 -20.67 -24.42 5.36
C VAL D 220 -19.63 -24.25 4.25
N ILE D 221 -18.86 -25.31 3.96
CA ILE D 221 -17.74 -25.21 3.02
C ILE D 221 -18.10 -25.91 1.71
N HIS D 222 -18.17 -25.14 0.60
CA HIS D 222 -18.38 -25.71 -0.75
C HIS D 222 -17.17 -25.56 -1.69
N THR D 223 -17.02 -26.55 -2.61
CA THR D 223 -15.85 -26.70 -3.48
C THR D 223 -16.16 -26.32 -4.93
N ALA D 224 -15.12 -26.41 -5.77
CA ALA D 224 -15.15 -26.03 -7.17
C ALA D 224 -15.96 -27.01 -8.01
N VAL D 225 -16.44 -28.12 -7.40
CA VAL D 225 -17.34 -29.11 -7.99
C VAL D 225 -18.67 -29.27 -7.23
N SER D 226 -18.66 -29.10 -5.90
CA SER D 226 -19.84 -29.44 -5.12
C SER D 226 -21.03 -28.62 -5.62
N TYR D 227 -20.88 -27.29 -5.73
CA TYR D 227 -21.96 -26.46 -6.28
C TYR D 227 -21.89 -26.45 -7.81
N PRO D 228 -20.73 -26.10 -8.41
CA PRO D 228 -20.65 -25.98 -9.87
C PRO D 228 -21.06 -27.24 -10.65
N VAL D 229 -20.99 -28.41 -9.98
CA VAL D 229 -21.37 -29.68 -10.62
C VAL D 229 -22.55 -30.34 -9.88
N GLY D 230 -22.64 -30.24 -8.54
CA GLY D 230 -23.84 -30.66 -7.83
C GLY D 230 -25.11 -30.10 -8.47
N SER D 231 -25.06 -28.79 -8.85
CA SER D 231 -26.24 -28.05 -9.32
C SER D 231 -26.99 -28.79 -10.41
N ILE D 232 -26.29 -29.69 -11.13
CA ILE D 232 -26.92 -30.62 -12.07
C ILE D 232 -28.22 -31.16 -11.49
N THR D 233 -28.12 -31.77 -10.29
CA THR D 233 -29.28 -32.39 -9.68
C THR D 233 -30.41 -31.36 -9.64
N THR D 234 -30.05 -30.12 -9.22
CA THR D 234 -31.01 -29.03 -9.13
C THR D 234 -31.59 -28.74 -10.52
N ALA D 235 -30.71 -28.37 -11.45
CA ALA D 235 -31.06 -28.04 -12.82
C ALA D 235 -31.98 -29.11 -13.45
N SER D 236 -31.69 -30.39 -13.15
CA SER D 236 -32.46 -31.52 -13.65
C SER D 236 -33.85 -31.60 -13.02
N ILE D 237 -33.95 -31.40 -11.72
CA ILE D 237 -35.27 -31.32 -11.12
C ILE D 237 -36.02 -30.10 -11.63
N VAL D 238 -35.33 -28.95 -11.66
CA VAL D 238 -35.95 -27.69 -12.03
C VAL D 238 -36.51 -27.77 -13.45
N GLY D 239 -35.74 -28.42 -14.34
CA GLY D 239 -36.13 -28.57 -15.74
C GLY D 239 -35.83 -27.32 -16.55
N VAL D 240 -34.76 -26.60 -16.17
CA VAL D 240 -34.33 -25.40 -16.88
C VAL D 240 -33.56 -25.80 -18.15
N ARG D 241 -33.86 -25.10 -19.27
CA ARG D 241 -33.27 -25.38 -20.56
C ARG D 241 -32.47 -24.19 -21.06
N GLU D 242 -31.77 -24.40 -22.20
CA GLU D 242 -31.03 -23.35 -22.86
C GLU D 242 -31.98 -22.29 -23.44
N SER D 243 -33.13 -22.76 -23.96
CA SER D 243 -34.11 -21.88 -24.60
C SER D 243 -34.72 -20.92 -23.59
N ASP D 244 -34.68 -21.26 -22.28
CA ASP D 244 -35.49 -20.61 -21.27
C ASP D 244 -34.96 -19.24 -20.86
N LEU D 245 -35.91 -18.38 -20.44
CA LEU D 245 -35.68 -17.18 -19.65
C LEU D 245 -36.09 -17.50 -18.22
N HIS D 246 -35.09 -17.65 -17.34
CA HIS D 246 -35.24 -18.23 -16.02
C HIS D 246 -35.00 -17.20 -14.93
N LEU D 247 -36.06 -17.00 -14.13
CA LEU D 247 -36.09 -16.07 -13.01
C LEU D 247 -36.21 -16.86 -11.71
N ASN D 248 -35.28 -16.56 -10.80
CA ASN D 248 -35.33 -17.09 -9.44
C ASN D 248 -35.46 -15.92 -8.47
N LEU D 249 -36.56 -15.92 -7.71
CA LEU D 249 -36.88 -14.88 -6.73
C LEU D 249 -36.25 -15.28 -5.41
N SER D 250 -35.12 -14.65 -5.16
CA SER D 250 -34.27 -14.98 -4.05
C SER D 250 -33.28 -13.83 -3.86
N ALA D 251 -32.64 -13.83 -2.69
CA ALA D 251 -31.81 -12.71 -2.28
C ALA D 251 -30.35 -13.18 -2.28
N THR D 252 -29.41 -12.23 -2.14
CA THR D 252 -28.11 -12.30 -2.76
C THR D 252 -27.10 -13.12 -1.92
N GLY D 253 -27.36 -13.28 -0.63
CA GLY D 253 -26.30 -13.78 0.22
C GLY D 253 -26.52 -15.22 0.68
N TRP D 254 -27.31 -15.97 -0.09
CA TRP D 254 -27.72 -17.30 0.32
C TRP D 254 -27.43 -18.34 -0.75
N ALA D 255 -27.68 -19.61 -0.40
CA ALA D 255 -27.48 -20.72 -1.32
C ALA D 255 -28.46 -20.62 -2.49
N LYS D 256 -29.74 -20.32 -2.24
CA LYS D 256 -30.72 -20.39 -3.32
C LYS D 256 -30.38 -19.43 -4.48
N PHE D 257 -29.55 -18.41 -4.23
CA PHE D 257 -29.12 -17.58 -5.34
C PHE D 257 -28.19 -18.39 -6.23
N ALA D 258 -27.13 -18.91 -5.64
CA ALA D 258 -26.25 -19.79 -6.38
C ALA D 258 -27.05 -20.91 -7.03
N TRP D 259 -27.89 -21.57 -6.22
CA TRP D 259 -28.66 -22.70 -6.72
C TRP D 259 -29.41 -22.38 -8.02
N SER D 260 -30.14 -21.25 -8.08
CA SER D 260 -31.05 -21.07 -9.19
C SER D 260 -30.91 -19.73 -9.92
N SER D 261 -30.23 -18.76 -9.32
CA SER D 261 -30.04 -17.49 -10.00
C SER D 261 -28.74 -17.48 -10.75
N PHE D 262 -27.90 -18.49 -10.47
CA PHE D 262 -26.56 -18.56 -11.00
C PHE D 262 -26.30 -19.91 -11.69
N PHE D 263 -25.99 -20.96 -10.92
CA PHE D 263 -25.45 -22.18 -11.48
C PHE D 263 -26.49 -22.87 -12.36
N SER D 264 -27.68 -23.21 -11.83
CA SER D 264 -28.64 -24.01 -12.59
C SER D 264 -28.92 -23.43 -13.98
N PRO D 265 -29.17 -22.11 -14.14
CA PRO D 265 -29.34 -21.50 -15.47
C PRO D 265 -28.11 -21.46 -16.39
N LEU D 266 -26.96 -21.13 -15.82
CA LEU D 266 -25.76 -20.95 -16.60
C LEU D 266 -25.14 -22.29 -16.96
N LEU D 267 -25.43 -23.35 -16.19
CA LEU D 267 -25.09 -24.72 -16.59
C LEU D 267 -25.64 -25.06 -17.97
N VAL D 268 -26.91 -24.73 -18.24
CA VAL D 268 -27.61 -25.13 -19.44
C VAL D 268 -27.63 -24.01 -20.47
N GLY D 269 -26.91 -22.90 -20.23
CA GLY D 269 -26.76 -21.85 -21.23
C GLY D 269 -28.06 -21.05 -21.44
N ALA D 270 -28.89 -20.94 -20.40
CA ALA D 270 -30.16 -20.22 -20.48
C ALA D 270 -29.94 -18.70 -20.40
N THR D 271 -31.01 -17.93 -20.59
CA THR D 271 -31.02 -16.50 -20.23
C THR D 271 -31.47 -16.37 -18.77
N VAL D 272 -30.58 -15.86 -17.89
CA VAL D 272 -30.93 -15.56 -16.50
C VAL D 272 -31.77 -14.30 -16.51
N VAL D 273 -32.84 -14.28 -15.71
CA VAL D 273 -33.58 -13.07 -15.49
C VAL D 273 -33.43 -12.69 -14.01
N GLY D 274 -33.02 -11.45 -13.74
CA GLY D 274 -32.78 -11.00 -12.38
C GLY D 274 -33.57 -9.74 -12.09
N ILE D 275 -34.27 -9.73 -10.93
CA ILE D 275 -35.07 -8.58 -10.50
C ILE D 275 -34.66 -8.24 -9.08
N ASN D 276 -34.27 -6.95 -8.93
CA ASN D 276 -33.88 -6.31 -7.69
C ASN D 276 -35.01 -5.39 -7.23
N TYR D 277 -35.24 -5.43 -5.91
CA TYR D 277 -36.14 -4.51 -5.22
C TYR D 277 -35.57 -4.33 -3.82
N GLU D 278 -35.74 -3.10 -3.32
CA GLU D 278 -35.50 -2.79 -1.93
C GLU D 278 -36.83 -2.91 -1.19
N GLY D 279 -36.71 -3.30 0.08
CA GLY D 279 -37.83 -3.31 0.97
C GLY D 279 -38.74 -4.50 0.69
N LYS D 280 -39.99 -4.31 1.03
CA LYS D 280 -40.92 -5.42 1.11
C LYS D 280 -41.36 -5.74 -0.31
N LEU D 281 -41.59 -7.03 -0.52
CA LEU D 281 -42.11 -7.55 -1.78
C LEU D 281 -43.54 -7.06 -2.08
N ASP D 282 -43.66 -6.43 -3.25
CA ASP D 282 -44.89 -6.01 -3.89
C ASP D 282 -45.37 -7.12 -4.82
N THR D 283 -46.20 -8.02 -4.33
CA THR D 283 -46.51 -9.22 -5.10
C THR D 283 -47.20 -8.95 -6.42
N ARG D 284 -47.93 -7.84 -6.62
CA ARG D 284 -48.66 -7.71 -7.88
C ARG D 284 -47.81 -7.00 -8.93
N ARG D 285 -46.87 -6.17 -8.52
CA ARG D 285 -45.94 -5.55 -9.47
C ARG D 285 -44.88 -6.54 -9.93
N TYR D 286 -44.34 -7.39 -9.01
CA TYR D 286 -43.26 -8.34 -9.33
C TYR D 286 -43.76 -9.41 -10.31
N LEU D 287 -44.93 -9.98 -10.00
CA LEU D 287 -45.61 -10.90 -10.88
C LEU D 287 -45.88 -10.32 -12.28
N GLY D 288 -46.25 -9.03 -12.33
CA GLY D 288 -46.43 -8.33 -13.60
C GLY D 288 -45.13 -8.16 -14.39
N GLU D 289 -44.01 -7.95 -13.66
CA GLU D 289 -42.68 -7.89 -14.27
C GLU D 289 -42.20 -9.26 -14.75
N VAL D 290 -42.68 -10.34 -14.11
CA VAL D 290 -42.38 -11.69 -14.58
C VAL D 290 -42.98 -11.87 -15.98
N GLU D 291 -44.28 -11.59 -16.11
CA GLU D 291 -45.00 -11.62 -17.37
C GLU D 291 -44.39 -10.67 -18.40
N ASN D 292 -44.09 -9.44 -17.99
CA ASN D 292 -43.64 -8.38 -18.87
C ASN D 292 -42.25 -8.72 -19.43
N LEU D 293 -41.46 -9.54 -18.73
CA LEU D 293 -40.13 -9.92 -19.20
C LEU D 293 -40.15 -11.28 -19.87
N GLY D 294 -41.34 -11.90 -19.95
CA GLY D 294 -41.54 -13.20 -20.53
C GLY D 294 -40.62 -14.26 -19.93
N VAL D 295 -40.49 -14.28 -18.63
CA VAL D 295 -39.87 -15.42 -18.02
C VAL D 295 -40.64 -16.68 -18.44
N THR D 296 -39.89 -17.79 -18.58
CA THR D 296 -40.46 -19.07 -18.98
C THR D 296 -40.26 -20.12 -17.86
N SER D 297 -39.10 -20.11 -17.19
CA SER D 297 -38.90 -20.88 -15.96
C SER D 297 -38.84 -19.95 -14.74
N PHE D 298 -39.73 -20.16 -13.74
CA PHE D 298 -39.75 -19.35 -12.51
C PHE D 298 -39.62 -20.20 -11.23
N CYS D 299 -38.50 -20.06 -10.50
CA CYS D 299 -38.34 -20.52 -9.12
C CYS D 299 -38.72 -19.40 -8.17
N ALA D 300 -39.59 -19.70 -7.21
CA ALA D 300 -39.91 -18.77 -6.14
C ALA D 300 -40.18 -19.56 -4.87
N PRO D 301 -39.91 -18.98 -3.65
CA PRO D 301 -40.18 -19.67 -2.39
C PRO D 301 -41.66 -19.68 -1.97
N PRO D 302 -42.14 -20.72 -1.25
CA PRO D 302 -43.55 -20.87 -0.94
C PRO D 302 -44.13 -19.61 -0.30
N THR D 303 -43.30 -18.85 0.43
CA THR D 303 -43.71 -17.58 1.02
C THR D 303 -44.21 -16.63 -0.07
N ALA D 304 -43.42 -16.49 -1.14
CA ALA D 304 -43.83 -15.74 -2.31
C ALA D 304 -45.10 -16.35 -2.91
N TRP D 305 -45.09 -17.66 -3.11
CA TRP D 305 -46.20 -18.32 -3.79
C TRP D 305 -47.50 -18.12 -3.01
N ARG D 306 -47.40 -18.20 -1.68
CA ARG D 306 -48.55 -18.03 -0.80
C ARG D 306 -49.12 -16.64 -1.01
N GLN D 307 -48.28 -15.64 -1.26
CA GLN D 307 -48.76 -14.27 -1.47
C GLN D 307 -49.37 -14.07 -2.87
N PHE D 308 -48.90 -14.86 -3.83
CA PHE D 308 -49.29 -14.66 -5.21
C PHE D 308 -50.72 -15.13 -5.40
N ILE D 309 -51.07 -16.23 -4.72
CA ILE D 309 -52.33 -16.92 -4.98
C ILE D 309 -53.49 -16.12 -4.40
N THR D 310 -53.17 -15.09 -3.61
CA THR D 310 -54.23 -14.28 -3.02
C THR D 310 -54.56 -13.15 -3.98
N LEU D 311 -53.76 -12.97 -5.03
CA LEU D 311 -54.09 -11.98 -6.04
C LEU D 311 -55.34 -12.39 -6.81
N ASP D 312 -55.89 -11.39 -7.52
CA ASP D 312 -56.84 -11.63 -8.60
C ASP D 312 -56.03 -12.10 -9.78
N LEU D 313 -56.11 -13.37 -10.11
CA LEU D 313 -55.14 -13.99 -11.02
C LEU D 313 -55.60 -13.90 -12.49
N ASP D 314 -56.77 -13.28 -12.73
CA ASP D 314 -57.29 -12.96 -14.04
C ASP D 314 -56.70 -11.64 -14.52
N GLN D 315 -55.75 -11.05 -13.79
CA GLN D 315 -54.98 -9.94 -14.30
C GLN D 315 -53.94 -10.46 -15.31
N PHE D 316 -53.54 -11.74 -15.19
CA PHE D 316 -52.38 -12.24 -15.93
C PHE D 316 -52.73 -13.38 -16.89
N ARG D 317 -51.93 -13.44 -17.97
CA ARG D 317 -52.01 -14.52 -18.97
C ARG D 317 -50.89 -15.55 -18.79
N PHE D 318 -49.65 -15.04 -18.63
CA PHE D 318 -48.42 -15.84 -18.55
C PHE D 318 -48.29 -16.70 -19.81
N GLU D 319 -48.35 -16.02 -20.97
CA GLU D 319 -48.35 -16.67 -22.26
C GLU D 319 -47.06 -17.47 -22.44
N ARG D 320 -45.97 -17.03 -21.76
CA ARG D 320 -44.63 -17.50 -22.09
C ARG D 320 -44.14 -18.47 -21.04
N LEU D 321 -44.91 -18.62 -19.95
CA LEU D 321 -44.41 -19.25 -18.75
C LEU D 321 -44.70 -20.75 -18.82
N ARG D 322 -43.69 -21.60 -18.64
CA ARG D 322 -43.87 -23.02 -18.89
C ARG D 322 -43.49 -23.92 -17.72
N SER D 323 -42.55 -23.47 -16.86
CA SER D 323 -42.00 -24.21 -15.73
C SER D 323 -42.10 -23.34 -14.48
N VAL D 324 -42.61 -23.88 -13.36
CA VAL D 324 -42.75 -23.14 -12.09
C VAL D 324 -42.38 -24.06 -10.93
N VAL D 325 -41.55 -23.53 -10.03
CA VAL D 325 -40.85 -24.32 -9.04
C VAL D 325 -40.72 -23.59 -7.71
N SER D 326 -40.64 -24.35 -6.60
CA SER D 326 -40.57 -23.85 -5.24
C SER D 326 -39.50 -24.61 -4.46
N ALA D 327 -38.87 -23.96 -3.49
CA ALA D 327 -37.91 -24.60 -2.60
C ALA D 327 -37.71 -23.80 -1.30
N GLY D 328 -37.47 -24.51 -0.18
CA GLY D 328 -37.04 -23.85 1.04
C GLY D 328 -37.94 -24.17 2.20
N GLU D 329 -39.21 -24.47 1.89
CA GLU D 329 -40.26 -24.73 2.87
C GLU D 329 -41.30 -25.58 2.18
N PRO D 330 -42.26 -26.18 2.92
CA PRO D 330 -43.28 -26.97 2.26
C PRO D 330 -44.24 -26.07 1.48
N LEU D 331 -44.91 -26.69 0.52
CA LEU D 331 -45.72 -26.01 -0.46
C LEU D 331 -47.10 -26.61 -0.27
N ASN D 332 -47.95 -25.77 0.28
CA ASN D 332 -49.30 -26.11 0.67
C ASN D 332 -49.96 -26.68 -0.58
N PRO D 333 -50.61 -27.87 -0.50
CA PRO D 333 -51.39 -28.40 -1.61
C PRO D 333 -52.38 -27.42 -2.25
N GLU D 334 -52.83 -26.42 -1.49
CA GLU D 334 -53.89 -25.54 -1.95
C GLU D 334 -53.27 -24.45 -2.83
N VAL D 335 -52.02 -24.13 -2.57
CA VAL D 335 -51.28 -23.17 -3.40
C VAL D 335 -51.07 -23.80 -4.77
N ILE D 336 -50.62 -25.05 -4.77
CA ILE D 336 -50.29 -25.77 -5.99
C ILE D 336 -51.49 -25.78 -6.93
N LYS D 337 -52.65 -26.06 -6.31
CA LYS D 337 -53.94 -26.24 -6.94
C LYS D 337 -54.45 -24.94 -7.56
N ILE D 338 -54.37 -23.83 -6.82
CA ILE D 338 -54.91 -22.58 -7.31
C ILE D 338 -54.14 -22.16 -8.56
N TRP D 339 -52.82 -22.34 -8.54
CA TRP D 339 -52.00 -21.85 -9.63
C TRP D 339 -52.18 -22.71 -10.87
N LYS D 340 -52.35 -24.03 -10.65
CA LYS D 340 -52.67 -24.96 -11.71
C LYS D 340 -54.02 -24.62 -12.34
N ASP D 341 -55.07 -24.51 -11.52
CA ASP D 341 -56.42 -24.32 -12.04
C ASP D 341 -56.48 -23.09 -12.93
N LYS D 342 -55.65 -22.10 -12.63
CA LYS D 342 -55.67 -20.85 -13.37
C LYS D 342 -54.77 -20.91 -14.60
N PHE D 343 -53.46 -21.16 -14.42
CA PHE D 343 -52.46 -21.00 -15.48
C PHE D 343 -52.03 -22.32 -16.13
N ASN D 344 -52.50 -23.42 -15.54
CA ASN D 344 -52.33 -24.76 -16.08
C ASN D 344 -50.87 -25.18 -16.01
N LEU D 345 -50.28 -24.98 -14.84
CA LEU D 345 -48.89 -25.25 -14.52
C LEU D 345 -48.85 -25.84 -13.12
N THR D 346 -47.98 -26.83 -12.89
CA THR D 346 -47.80 -27.39 -11.56
C THR D 346 -46.56 -26.74 -10.93
N ILE D 347 -46.69 -26.17 -9.72
CA ILE D 347 -45.55 -25.66 -8.98
C ILE D 347 -44.89 -26.85 -8.28
N ARG D 348 -43.68 -27.13 -8.80
CA ARG D 348 -42.98 -28.34 -8.44
C ARG D 348 -42.05 -27.97 -7.30
N ASP D 349 -42.35 -28.56 -6.16
CA ASP D 349 -41.57 -28.35 -4.97
C ASP D 349 -40.34 -29.25 -5.03
N PHE D 350 -39.24 -28.82 -4.43
CA PHE D 350 -38.07 -29.65 -4.27
C PHE D 350 -37.23 -29.19 -3.06
N TYR D 351 -36.31 -30.06 -2.64
CA TYR D 351 -35.75 -30.06 -1.29
C TYR D 351 -34.22 -30.09 -1.36
N GLY D 352 -33.61 -29.40 -0.40
CA GLY D 352 -32.18 -29.40 -0.17
C GLY D 352 -31.85 -28.45 0.98
N GLN D 353 -30.54 -28.28 1.24
CA GLN D 353 -30.00 -27.38 2.24
C GLN D 353 -28.79 -26.64 1.68
N THR D 354 -28.35 -25.59 2.41
CA THR D 354 -27.12 -24.90 2.08
C THR D 354 -25.99 -25.95 1.97
N GLU D 355 -26.00 -26.92 2.88
CA GLU D 355 -25.01 -28.01 2.89
C GLU D 355 -24.98 -28.83 1.59
N THR D 356 -26.08 -28.83 0.82
CA THR D 356 -26.19 -29.68 -0.36
C THR D 356 -26.63 -28.87 -1.59
N THR D 357 -26.84 -29.62 -2.68
CA THR D 357 -27.72 -29.18 -3.77
C THR D 357 -29.09 -29.85 -3.59
N ALA D 358 -29.93 -29.72 -4.60
CA ALA D 358 -31.21 -30.38 -4.56
C ALA D 358 -31.03 -31.89 -4.45
N MET D 359 -31.74 -32.48 -3.48
CA MET D 359 -31.57 -33.88 -3.16
C MET D 359 -32.83 -34.69 -3.45
N VAL D 360 -33.99 -34.03 -3.43
CA VAL D 360 -35.28 -34.67 -3.62
C VAL D 360 -36.16 -33.62 -4.30
N GLY D 361 -37.06 -34.07 -5.19
CA GLY D 361 -37.72 -33.10 -6.05
C GLY D 361 -38.75 -33.74 -6.97
N ASN D 362 -39.80 -32.94 -7.30
CA ASN D 362 -40.74 -33.25 -8.37
C ASN D 362 -40.12 -32.81 -9.73
N PHE D 363 -39.59 -33.78 -10.51
CA PHE D 363 -39.01 -33.50 -11.82
C PHE D 363 -40.12 -33.16 -12.80
N PRO D 364 -39.77 -32.60 -14.00
CA PRO D 364 -40.78 -32.12 -14.92
C PRO D 364 -41.75 -33.23 -15.37
N PHE D 365 -41.21 -34.44 -15.56
CA PHE D 365 -41.91 -35.59 -16.13
C PHE D 365 -42.52 -36.49 -15.05
N LEU D 366 -42.44 -36.07 -13.79
CA LEU D 366 -42.89 -36.85 -12.63
C LEU D 366 -44.27 -36.34 -12.22
N LYS D 367 -45.22 -37.26 -12.07
CA LYS D 367 -46.56 -37.00 -11.56
C LYS D 367 -46.47 -36.39 -10.16
N VAL D 368 -47.01 -35.18 -9.98
CA VAL D 368 -46.84 -34.45 -8.75
C VAL D 368 -47.93 -34.91 -7.80
N LYS D 369 -47.57 -35.27 -6.57
CA LYS D 369 -48.55 -35.39 -5.50
C LYS D 369 -48.49 -34.13 -4.64
N PRO D 370 -49.60 -33.34 -4.50
CA PRO D 370 -49.53 -32.04 -3.80
C PRO D 370 -49.08 -32.18 -2.35
N GLY D 371 -48.19 -31.24 -1.95
CA GLY D 371 -47.56 -31.23 -0.64
C GLY D 371 -46.57 -32.36 -0.40
N SER D 372 -46.01 -32.90 -1.50
CA SER D 372 -44.87 -33.80 -1.45
C SER D 372 -43.72 -33.19 -2.24
N MET D 373 -42.50 -33.27 -1.69
CA MET D 373 -41.28 -32.75 -2.32
C MET D 373 -40.75 -33.72 -3.38
N GLY D 374 -41.51 -34.80 -3.58
CA GLY D 374 -41.21 -35.76 -4.64
C GLY D 374 -40.40 -36.93 -4.09
N LYS D 375 -39.52 -37.42 -4.96
CA LYS D 375 -38.70 -38.58 -4.66
C LYS D 375 -37.24 -38.18 -4.80
N PRO D 376 -36.31 -38.98 -4.22
CA PRO D 376 -34.87 -38.67 -4.26
C PRO D 376 -34.28 -38.57 -5.66
N HIS D 377 -33.39 -37.59 -5.87
CA HIS D 377 -32.57 -37.52 -7.08
C HIS D 377 -31.56 -38.66 -7.02
N PRO D 378 -31.42 -39.45 -8.10
CA PRO D 378 -30.60 -40.66 -8.05
C PRO D 378 -29.13 -40.45 -7.78
N LEU D 379 -28.66 -39.19 -7.83
CA LEU D 379 -27.27 -38.86 -7.55
C LEU D 379 -26.98 -38.76 -6.05
N TYR D 380 -28.04 -38.66 -5.22
CA TYR D 380 -27.95 -38.71 -3.76
C TYR D 380 -28.59 -40.02 -3.27
N ASP D 381 -27.91 -40.72 -2.36
CA ASP D 381 -28.46 -41.92 -1.75
C ASP D 381 -29.20 -41.53 -0.47
N ILE D 382 -30.49 -41.17 -0.61
CA ILE D 382 -31.29 -40.59 0.47
C ILE D 382 -31.99 -41.72 1.22
N ARG D 383 -31.83 -41.72 2.55
CA ARG D 383 -32.46 -42.73 3.40
C ARG D 383 -33.13 -42.09 4.62
N LEU D 384 -34.36 -42.54 4.90
CA LEU D 384 -34.97 -42.28 6.19
C LEU D 384 -34.44 -43.29 7.18
N LEU D 385 -33.82 -42.78 8.24
CA LEU D 385 -33.38 -43.60 9.34
C LEU D 385 -34.18 -43.25 10.60
N ASP D 386 -34.38 -44.25 11.46
CA ASP D 386 -35.02 -44.06 12.76
C ASP D 386 -33.96 -43.60 13.76
N ASP D 387 -34.35 -43.58 15.04
CA ASP D 387 -33.55 -43.14 16.17
C ASP D 387 -32.32 -44.02 16.37
N GLU D 388 -32.37 -45.31 16.03
CA GLU D 388 -31.18 -46.17 16.13
C GLU D 388 -30.28 -45.99 14.90
N GLY D 389 -30.79 -45.32 13.87
CA GLY D 389 -30.06 -45.19 12.62
C GLY D 389 -30.24 -46.38 11.67
N LYS D 390 -31.25 -47.22 11.94
CA LYS D 390 -31.67 -48.31 11.07
C LYS D 390 -32.63 -47.79 10.02
N GLU D 391 -32.56 -48.35 8.82
CA GLU D 391 -33.24 -47.78 7.68
C GLU D 391 -34.75 -48.08 7.71
N ILE D 392 -35.56 -47.04 7.45
CA ILE D 392 -37.00 -47.13 7.51
C ILE D 392 -37.55 -47.72 6.21
N THR D 393 -38.35 -48.79 6.34
CA THR D 393 -38.97 -49.48 5.22
C THR D 393 -40.46 -49.65 5.52
N LYS D 394 -41.12 -48.56 5.90
CA LYS D 394 -42.55 -48.55 6.15
C LYS D 394 -43.14 -47.20 5.79
N PRO D 395 -44.22 -47.14 4.95
CA PRO D 395 -45.01 -45.92 4.78
C PRO D 395 -45.49 -45.29 6.07
N TYR D 396 -45.46 -43.94 6.12
CA TYR D 396 -46.08 -43.12 7.16
C TYR D 396 -45.29 -43.25 8.47
N GLU D 397 -44.04 -43.72 8.36
CA GLU D 397 -43.13 -43.74 9.48
C GLU D 397 -42.13 -42.61 9.25
N VAL D 398 -42.07 -41.75 10.25
CA VAL D 398 -41.24 -40.57 10.22
C VAL D 398 -39.82 -40.96 10.62
N GLY D 399 -38.86 -40.18 10.14
CA GLY D 399 -37.48 -40.44 10.49
C GLY D 399 -36.58 -39.34 9.95
N HIS D 400 -35.27 -39.53 10.14
CA HIS D 400 -34.27 -38.54 9.78
C HIS D 400 -33.95 -38.71 8.30
N ILE D 401 -33.96 -37.59 7.58
CA ILE D 401 -33.43 -37.57 6.24
C ILE D 401 -31.89 -37.60 6.36
N THR D 402 -31.29 -38.60 5.70
CA THR D 402 -29.85 -38.81 5.69
C THR D 402 -29.35 -39.05 4.27
N VAL D 403 -28.05 -38.84 4.10
CA VAL D 403 -27.37 -38.97 2.83
C VAL D 403 -26.27 -39.99 3.06
N LYS D 404 -26.26 -41.06 2.26
CA LYS D 404 -25.23 -42.08 2.39
C LYS D 404 -23.94 -41.59 1.73
N LEU D 405 -22.82 -41.84 2.43
CA LEU D 405 -21.54 -41.17 2.19
C LEU D 405 -20.54 -42.01 1.38
N ASN D 406 -20.75 -43.33 1.32
CA ASN D 406 -19.97 -44.19 0.44
C ASN D 406 -20.88 -44.70 -0.66
N PRO D 407 -20.62 -44.39 -1.96
CA PRO D 407 -19.78 -43.27 -2.40
C PRO D 407 -20.34 -41.89 -2.08
N ARG D 408 -19.42 -40.94 -1.95
CA ARG D 408 -19.75 -39.60 -1.48
C ARG D 408 -20.42 -38.79 -2.59
N PRO D 409 -21.73 -38.40 -2.48
CA PRO D 409 -22.38 -37.57 -3.49
C PRO D 409 -21.65 -36.26 -3.73
N ILE D 410 -21.88 -35.69 -4.92
CA ILE D 410 -20.93 -34.74 -5.48
C ILE D 410 -21.24 -33.33 -4.96
N GLY D 411 -22.53 -33.03 -4.84
CA GLY D 411 -22.98 -31.71 -4.45
C GLY D 411 -22.91 -31.43 -2.96
N LEU D 412 -22.45 -32.41 -2.16
CA LEU D 412 -22.37 -32.31 -0.70
C LEU D 412 -21.16 -31.48 -0.27
N PHE D 413 -21.39 -30.53 0.66
CA PHE D 413 -20.35 -29.67 1.20
C PHE D 413 -19.25 -30.53 1.80
N LEU D 414 -18.08 -29.91 2.04
CA LEU D 414 -16.92 -30.60 2.59
C LEU D 414 -17.19 -31.00 4.03
N GLY D 415 -17.83 -30.06 4.72
CA GLY D 415 -18.12 -30.11 6.13
C GLY D 415 -18.30 -28.67 6.62
N TYR D 416 -18.47 -28.54 7.96
CA TYR D 416 -18.54 -27.25 8.60
C TYR D 416 -17.13 -26.82 8.98
N SER D 417 -16.95 -25.51 9.25
CA SER D 417 -15.76 -24.99 9.92
C SER D 417 -15.75 -25.34 11.41
N ASP D 418 -16.71 -26.15 11.86
CA ASP D 418 -16.87 -26.47 13.26
C ASP D 418 -16.77 -27.98 13.46
N GLU D 419 -15.75 -28.42 14.20
CA GLU D 419 -15.42 -29.83 14.31
C GLU D 419 -16.44 -30.59 15.17
N LYS D 420 -17.09 -29.88 16.11
CA LYS D 420 -18.11 -30.51 16.92
C LYS D 420 -19.32 -30.80 16.05
N LYS D 421 -19.64 -29.87 15.14
CA LYS D 421 -20.85 -29.94 14.34
C LYS D 421 -20.72 -31.01 13.26
N ASN D 422 -19.47 -31.26 12.85
CA ASN D 422 -19.14 -32.35 11.93
C ASN D 422 -19.38 -33.68 12.64
N MET D 423 -19.05 -33.73 13.94
CA MET D 423 -19.12 -34.98 14.68
C MET D 423 -20.57 -35.40 14.90
N GLU D 424 -21.45 -34.40 15.03
CA GLU D 424 -22.88 -34.63 15.17
C GLU D 424 -23.52 -35.02 13.85
N SER D 425 -23.15 -34.34 12.74
CA SER D 425 -23.84 -34.49 11.47
C SER D 425 -23.39 -35.73 10.69
N PHE D 426 -22.07 -36.01 10.65
CA PHE D 426 -21.55 -37.11 9.83
C PHE D 426 -21.23 -38.26 10.76
N ARG D 427 -21.92 -39.40 10.61
CA ARG D 427 -21.73 -40.50 11.53
C ARG D 427 -22.44 -41.77 11.08
N GLU D 428 -21.82 -42.92 11.45
CA GLU D 428 -22.22 -44.27 11.04
C GLU D 428 -22.37 -44.31 9.52
N GLY D 429 -21.55 -43.52 8.81
CA GLY D 429 -21.50 -43.52 7.37
C GLY D 429 -22.68 -42.77 6.73
N TYR D 430 -23.21 -41.76 7.42
CA TYR D 430 -24.26 -40.94 6.85
C TYR D 430 -24.05 -39.48 7.28
N TYR D 431 -24.51 -38.56 6.43
CA TYR D 431 -24.65 -37.18 6.82
C TYR D 431 -26.11 -36.99 7.17
N TYR D 432 -26.38 -36.49 8.38
CA TYR D 432 -27.74 -36.21 8.84
C TYR D 432 -28.06 -34.77 8.46
N THR D 433 -29.19 -34.59 7.76
CA THR D 433 -29.65 -33.29 7.37
C THR D 433 -30.27 -32.56 8.58
N GLY D 434 -30.65 -33.35 9.60
CA GLY D 434 -31.42 -32.85 10.73
C GLY D 434 -32.82 -32.41 10.31
N ASP D 435 -33.34 -33.02 9.24
CA ASP D 435 -34.71 -32.88 8.82
C ASP D 435 -35.39 -34.23 9.03
N LYS D 436 -36.71 -34.16 9.22
CA LYS D 436 -37.54 -35.34 9.38
C LYS D 436 -38.56 -35.38 8.25
N ALA D 437 -38.95 -36.61 7.89
CA ALA D 437 -39.90 -36.86 6.81
C ALA D 437 -40.53 -38.23 6.97
N TYR D 438 -41.59 -38.49 6.19
CA TYR D 438 -42.07 -39.84 5.95
C TYR D 438 -42.24 -40.02 4.43
N PHE D 439 -42.22 -41.29 3.95
CA PHE D 439 -42.63 -41.57 2.57
C PHE D 439 -43.96 -42.32 2.61
N ASP D 440 -44.63 -42.37 1.44
CA ASP D 440 -45.96 -42.95 1.34
C ASP D 440 -45.90 -44.25 0.53
N GLU D 441 -47.08 -44.70 0.07
CA GLU D 441 -47.21 -46.01 -0.55
C GLU D 441 -46.62 -46.02 -1.96
N GLU D 442 -46.37 -44.83 -2.51
CA GLU D 442 -45.77 -44.66 -3.83
C GLU D 442 -44.34 -44.11 -3.70
N GLY D 443 -43.80 -44.00 -2.47
CA GLY D 443 -42.40 -43.58 -2.27
C GLY D 443 -42.20 -42.08 -2.42
N TYR D 444 -43.29 -41.33 -2.31
CA TYR D 444 -43.22 -39.87 -2.28
C TYR D 444 -42.88 -39.40 -0.88
N PHE D 445 -41.95 -38.43 -0.81
CA PHE D 445 -41.47 -37.91 0.46
C PHE D 445 -42.30 -36.70 0.90
N TYR D 446 -42.59 -36.68 2.21
CA TYR D 446 -43.31 -35.59 2.87
C TYR D 446 -42.50 -35.04 4.05
N PHE D 447 -42.17 -33.74 3.99
CA PHE D 447 -41.46 -33.03 5.05
C PHE D 447 -42.30 -32.93 6.31
N VAL D 448 -41.67 -33.24 7.45
CA VAL D 448 -42.34 -33.24 8.73
C VAL D 448 -41.88 -32.01 9.54
N GLY D 449 -40.57 -31.82 9.63
CA GLY D 449 -39.98 -30.60 10.16
C GLY D 449 -38.52 -30.82 10.53
N ARG D 450 -38.02 -29.93 11.38
CA ARG D 450 -36.69 -30.05 11.93
C ARG D 450 -36.72 -30.97 13.17
N GLY D 451 -35.66 -31.77 13.36
CA GLY D 451 -35.43 -32.43 14.64
C GLY D 451 -34.70 -31.48 15.60
N ASP D 452 -34.22 -30.38 15.03
CA ASP D 452 -33.60 -29.25 15.69
C ASP D 452 -34.65 -28.30 16.27
N ASP D 453 -34.10 -27.22 16.87
CA ASP D 453 -34.85 -26.03 17.20
C ASP D 453 -34.60 -24.92 16.20
N VAL D 454 -34.19 -25.27 14.99
CA VAL D 454 -33.93 -24.26 14.00
C VAL D 454 -35.27 -23.86 13.40
N ILE D 455 -35.32 -22.59 13.01
CA ILE D 455 -36.56 -21.94 12.63
C ILE D 455 -36.43 -21.52 11.18
N LYS D 456 -37.55 -21.53 10.46
CA LYS D 456 -37.59 -20.98 9.12
C LYS D 456 -38.80 -20.06 8.97
N THR D 457 -38.60 -18.79 9.24
CA THR D 457 -39.52 -17.72 8.90
C THR D 457 -39.17 -17.27 7.49
N SER D 458 -40.19 -17.21 6.64
CA SER D 458 -40.14 -16.44 5.40
C SER D 458 -38.95 -16.87 4.54
N ASP D 459 -38.71 -18.18 4.53
CA ASP D 459 -37.61 -18.81 3.80
C ASP D 459 -36.26 -18.28 4.29
N TYR D 460 -36.15 -18.10 5.62
CA TYR D 460 -34.87 -17.79 6.24
C TYR D 460 -34.69 -18.65 7.48
N ARG D 461 -33.56 -19.39 7.42
CA ARG D 461 -33.11 -20.25 8.49
C ARG D 461 -32.60 -19.36 9.62
N VAL D 462 -33.06 -19.65 10.84
CA VAL D 462 -32.82 -18.81 12.02
C VAL D 462 -32.41 -19.67 13.21
N GLY D 463 -31.31 -19.26 13.86
CA GLY D 463 -30.78 -19.91 15.07
C GLY D 463 -31.34 -19.33 16.39
N PRO D 464 -31.91 -20.13 17.32
CA PRO D 464 -32.46 -19.56 18.56
C PRO D 464 -31.48 -18.81 19.46
N PHE D 465 -30.33 -19.43 19.75
CA PHE D 465 -29.34 -18.89 20.66
C PHE D 465 -28.82 -17.54 20.18
N GLU D 466 -28.78 -17.37 18.87
CA GLU D 466 -28.34 -16.12 18.31
C GLU D 466 -29.28 -14.97 18.68
N VAL D 467 -30.60 -15.24 18.67
CA VAL D 467 -31.64 -14.27 19.00
C VAL D 467 -31.78 -14.10 20.53
N GLU D 468 -31.70 -15.21 21.27
CA GLU D 468 -31.62 -15.19 22.72
C GLU D 468 -30.46 -14.33 23.20
N SER D 469 -29.30 -14.48 22.55
CA SER D 469 -28.11 -13.69 22.86
C SER D 469 -28.38 -12.18 22.74
N ALA D 470 -28.86 -11.80 21.55
CA ALA D 470 -29.14 -10.41 21.26
C ALA D 470 -30.17 -9.85 22.23
N LEU D 471 -31.09 -10.71 22.69
CA LEU D 471 -32.14 -10.30 23.60
C LEU D 471 -31.55 -9.95 24.96
N LEU D 472 -30.52 -10.69 25.44
CA LEU D 472 -29.95 -10.39 26.76
C LEU D 472 -29.19 -9.07 26.74
N GLU D 473 -28.94 -8.53 25.57
CA GLU D 473 -28.33 -7.24 25.42
C GLU D 473 -29.27 -6.11 25.84
N HIS D 474 -30.58 -6.38 25.94
CA HIS D 474 -31.48 -5.35 26.43
C HIS D 474 -31.46 -5.37 27.97
N PRO D 475 -31.21 -4.21 28.63
CA PRO D 475 -31.14 -4.16 30.09
C PRO D 475 -32.28 -4.84 30.84
N ALA D 476 -33.47 -4.93 30.23
CA ALA D 476 -34.68 -5.43 30.88
C ALA D 476 -34.72 -6.93 31.00
N VAL D 477 -33.90 -7.60 30.16
CA VAL D 477 -34.02 -9.02 29.84
C VAL D 477 -33.06 -9.79 30.74
N ALA D 478 -33.69 -10.72 31.48
CA ALA D 478 -33.08 -11.51 32.51
C ALA D 478 -32.84 -12.90 31.96
N GLU D 479 -33.86 -13.44 31.28
CA GLU D 479 -33.80 -14.69 30.54
C GLU D 479 -34.62 -14.56 29.25
N ALA D 480 -34.29 -15.44 28.27
CA ALA D 480 -34.93 -15.49 26.98
C ALA D 480 -34.92 -16.91 26.40
N ALA D 481 -36.03 -17.30 25.75
CA ALA D 481 -36.07 -18.53 24.96
C ALA D 481 -36.81 -18.23 23.66
N VAL D 482 -36.18 -18.52 22.52
CA VAL D 482 -36.76 -18.24 21.21
C VAL D 482 -37.19 -19.55 20.54
N VAL D 483 -38.49 -19.65 20.16
CA VAL D 483 -39.02 -20.79 19.42
C VAL D 483 -39.76 -20.28 18.18
N GLY D 484 -40.05 -21.21 17.24
CA GLY D 484 -40.86 -20.93 16.08
C GLY D 484 -42.32 -21.33 16.29
N VAL D 485 -43.22 -20.44 15.88
CA VAL D 485 -44.62 -20.74 16.02
C VAL D 485 -45.27 -20.76 14.65
N PRO D 486 -46.13 -21.76 14.41
CA PRO D 486 -46.92 -21.82 13.19
C PRO D 486 -47.48 -20.48 12.68
N ASP D 487 -47.25 -20.25 11.37
CA ASP D 487 -47.81 -19.10 10.68
C ASP D 487 -47.97 -19.47 9.22
N THR D 488 -49.19 -19.26 8.68
CA THR D 488 -49.52 -19.73 7.33
C THR D 488 -48.71 -18.94 6.29
N VAL D 489 -48.48 -17.65 6.53
CA VAL D 489 -47.80 -16.75 5.60
C VAL D 489 -46.30 -17.04 5.55
N ARG D 490 -45.63 -17.23 6.71
CA ARG D 490 -44.18 -17.34 6.78
C ARG D 490 -43.70 -18.71 7.32
N TRP D 491 -44.56 -19.73 7.33
CA TRP D 491 -44.28 -21.07 7.83
C TRP D 491 -44.14 -21.04 9.36
N GLN D 492 -43.14 -20.30 9.86
CA GLN D 492 -42.98 -20.09 11.29
C GLN D 492 -42.76 -18.60 11.60
N LEU D 493 -43.20 -18.15 12.80
CA LEU D 493 -42.82 -16.88 13.43
C LEU D 493 -41.77 -17.13 14.50
N VAL D 494 -40.84 -16.17 14.61
CA VAL D 494 -39.90 -16.11 15.72
C VAL D 494 -40.63 -15.53 16.91
N LYS D 495 -40.83 -16.34 17.95
CA LYS D 495 -41.42 -15.86 19.20
C LYS D 495 -40.35 -15.93 20.29
N ALA D 496 -40.30 -14.90 21.14
CA ALA D 496 -39.46 -14.91 22.32
C ALA D 496 -40.32 -14.94 23.58
N TYR D 497 -39.98 -15.90 24.47
CA TYR D 497 -40.35 -15.84 25.88
C TYR D 497 -39.26 -15.06 26.59
N ILE D 498 -39.69 -14.02 27.32
CA ILE D 498 -38.81 -13.20 28.14
C ILE D 498 -39.27 -13.22 29.61
N VAL D 499 -38.31 -13.57 30.47
CA VAL D 499 -38.34 -13.25 31.88
C VAL D 499 -37.70 -11.88 32.09
N LEU D 500 -38.42 -11.04 32.81
CA LEU D 500 -38.02 -9.67 33.03
C LEU D 500 -37.26 -9.52 34.34
N LYS D 501 -36.39 -8.51 34.38
CA LYS D 501 -35.81 -8.08 35.62
C LYS D 501 -36.90 -7.43 36.47
N LYS D 502 -36.69 -7.51 37.80
CA LYS D 502 -37.50 -6.76 38.73
C LYS D 502 -37.33 -5.27 38.42
N GLY D 503 -38.44 -4.57 38.30
CA GLY D 503 -38.41 -3.16 37.94
C GLY D 503 -39.17 -2.91 36.66
N TYR D 504 -39.21 -3.90 35.79
CA TYR D 504 -39.94 -3.78 34.53
C TYR D 504 -41.27 -4.47 34.77
N MET D 505 -42.34 -3.81 34.32
CA MET D 505 -43.67 -4.39 34.32
C MET D 505 -44.02 -4.67 32.86
N PRO D 506 -44.65 -5.83 32.61
CA PRO D 506 -44.81 -6.36 31.26
C PRO D 506 -45.78 -5.47 30.49
N SER D 507 -45.31 -4.68 29.51
CA SER D 507 -46.18 -3.79 28.78
C SER D 507 -45.96 -3.95 27.30
N LYS D 508 -46.99 -3.60 26.55
CA LYS D 508 -46.86 -3.49 25.13
C LYS D 508 -45.66 -2.60 24.76
N GLU D 509 -45.54 -1.45 25.45
CA GLU D 509 -44.56 -0.45 25.04
C GLU D 509 -43.17 -0.96 25.33
N LEU D 510 -43.05 -1.90 26.29
CA LEU D 510 -41.76 -2.47 26.63
C LEU D 510 -41.38 -3.48 25.56
N ALA D 511 -42.30 -4.40 25.29
CA ALA D 511 -42.12 -5.34 24.20
C ALA D 511 -41.60 -4.64 22.93
N GLU D 512 -42.24 -3.52 22.53
CA GLU D 512 -41.85 -2.71 21.39
C GLU D 512 -40.44 -2.13 21.56
N GLU D 513 -40.18 -1.56 22.70
CA GLU D 513 -38.87 -0.96 22.94
C GLU D 513 -37.76 -1.98 22.74
N ILE D 514 -37.99 -3.23 23.19
CA ILE D 514 -37.04 -4.34 23.11
C ILE D 514 -36.87 -4.78 21.66
N ARG D 515 -38.01 -4.83 20.95
CA ARG D 515 -38.03 -5.19 19.56
C ARG D 515 -37.22 -4.18 18.73
N GLU D 516 -37.41 -2.88 19.01
CA GLU D 516 -36.71 -1.85 18.25
C GLU D 516 -35.21 -1.93 18.46
N LYS D 517 -34.81 -2.21 19.72
CA LYS D 517 -33.43 -2.51 20.00
C LYS D 517 -32.95 -3.70 19.15
N MET D 518 -33.72 -4.80 19.16
CA MET D 518 -33.31 -6.00 18.43
C MET D 518 -33.11 -5.70 16.94
N LYS D 519 -33.87 -4.73 16.38
CA LYS D 519 -33.74 -4.38 14.98
C LYS D 519 -32.36 -3.78 14.64
N THR D 520 -31.70 -3.11 15.58
CA THR D 520 -30.34 -2.61 15.35
C THR D 520 -29.31 -3.72 15.45
N LEU D 521 -29.63 -4.86 16.10
CA LEU D 521 -28.69 -5.97 16.30
C LEU D 521 -28.89 -7.14 15.31
N LEU D 522 -30.14 -7.37 14.87
CA LEU D 522 -30.51 -8.55 14.13
C LEU D 522 -31.06 -8.19 12.74
N SER D 523 -30.72 -9.08 11.80
CA SER D 523 -31.37 -9.10 10.51
C SER D 523 -32.89 -9.14 10.70
N PRO D 524 -33.67 -8.34 9.93
CA PRO D 524 -35.11 -8.26 10.14
C PRO D 524 -35.83 -9.58 10.32
N TYR D 525 -35.45 -10.63 9.61
CA TYR D 525 -36.20 -11.88 9.63
C TYR D 525 -36.03 -12.52 11.01
N LYS D 526 -34.95 -12.15 11.73
CA LYS D 526 -34.68 -12.72 13.03
C LYS D 526 -35.42 -12.00 14.17
N VAL D 527 -35.90 -10.77 13.94
CA VAL D 527 -36.47 -9.94 15.01
C VAL D 527 -37.84 -10.49 15.40
N PRO D 528 -38.01 -10.97 16.66
CA PRO D 528 -39.23 -11.66 17.04
C PRO D 528 -40.47 -10.88 16.65
N ARG D 529 -41.41 -11.62 16.05
CA ARG D 529 -42.72 -11.09 15.70
C ARG D 529 -43.65 -11.23 16.89
N ILE D 530 -43.32 -12.13 17.82
CA ILE D 530 -44.07 -12.19 19.06
C ILE D 530 -43.10 -12.10 20.25
N ILE D 531 -43.54 -11.39 21.29
CA ILE D 531 -42.82 -11.32 22.55
C ILE D 531 -43.82 -11.58 23.68
N GLU D 532 -43.52 -12.61 24.49
CA GLU D 532 -44.35 -12.97 25.62
C GLU D 532 -43.46 -12.93 26.86
N PHE D 533 -43.93 -12.18 27.85
CA PHE D 533 -43.24 -12.05 29.12
C PHE D 533 -43.84 -13.11 30.02
N VAL D 534 -42.95 -13.83 30.70
CA VAL D 534 -43.40 -14.86 31.60
C VAL D 534 -42.58 -14.76 32.88
N ASP D 535 -43.14 -15.35 33.96
CA ASP D 535 -42.51 -15.33 35.25
C ASP D 535 -41.24 -16.19 35.27
N GLU D 536 -41.28 -17.34 34.57
CA GLU D 536 -40.14 -18.24 34.49
C GLU D 536 -40.24 -19.14 33.28
N LEU D 537 -39.12 -19.78 32.94
CA LEU D 537 -38.96 -20.63 31.77
C LEU D 537 -38.87 -22.10 32.20
N PRO D 538 -39.44 -23.02 31.38
CA PRO D 538 -39.45 -24.44 31.75
C PRO D 538 -38.03 -24.97 31.81
N ARG D 546 -35.92 -27.98 26.50
CA ARG D 546 -37.40 -27.84 26.61
C ARG D 546 -37.93 -26.58 25.91
N ARG D 547 -37.25 -26.13 24.81
CA ARG D 547 -37.89 -25.38 23.72
C ARG D 547 -39.02 -26.23 23.12
N VAL D 548 -38.84 -27.53 23.26
CA VAL D 548 -39.88 -28.48 22.95
C VAL D 548 -41.16 -28.16 23.72
N GLU D 549 -41.08 -27.97 25.04
CA GLU D 549 -42.28 -27.84 25.86
C GLU D 549 -42.87 -26.43 25.71
N LEU D 550 -42.04 -25.44 25.36
CA LEU D 550 -42.54 -24.13 24.99
C LEU D 550 -43.50 -24.25 23.80
N ARG D 551 -43.10 -25.06 22.79
CA ARG D 551 -43.90 -25.38 21.62
C ARG D 551 -45.17 -26.16 22.00
N LYS D 552 -45.05 -27.24 22.76
CA LYS D 552 -46.20 -28.03 23.15
C LYS D 552 -47.26 -27.16 23.81
N ARG D 553 -46.80 -26.20 24.64
CA ARG D 553 -47.70 -25.36 25.42
C ARG D 553 -48.48 -24.43 24.49
N GLU D 554 -47.76 -23.92 23.46
CA GLU D 554 -48.33 -23.05 22.45
C GLU D 554 -49.46 -23.78 21.71
N GLU D 555 -49.26 -25.09 21.48
CA GLU D 555 -50.19 -25.93 20.73
C GLU D 555 -51.51 -26.07 21.47
N GLU D 556 -51.44 -26.29 22.80
CA GLU D 556 -52.65 -26.50 23.58
C GLU D 556 -53.40 -25.19 23.66
N LYS D 557 -52.66 -24.07 23.67
CA LYS D 557 -53.25 -22.75 23.68
C LYS D 557 -53.91 -22.43 22.34
N ARG D 558 -53.33 -22.91 21.23
CA ARG D 558 -53.93 -22.71 19.91
C ARG D 558 -55.31 -23.35 19.83
N LYS D 559 -55.46 -24.56 20.39
CA LYS D 559 -56.68 -25.36 20.31
C LYS D 559 -57.84 -24.75 21.12
N LYS D 560 -57.53 -23.76 21.97
CA LYS D 560 -58.53 -23.06 22.76
C LYS D 560 -58.54 -21.59 22.37
N GLY D 561 -57.97 -21.26 21.19
CA GLY D 561 -57.84 -19.89 20.69
C GLY D 561 -57.60 -18.85 21.79
N GLU D 562 -56.66 -19.14 22.72
CA GLU D 562 -56.34 -18.23 23.80
C GLU D 562 -54.92 -17.68 23.64
N VAL D 563 -54.81 -16.36 23.89
CA VAL D 563 -53.55 -15.63 23.93
C VAL D 563 -52.90 -15.89 25.29
N GLY D 564 -51.56 -15.73 25.37
CA GLY D 564 -50.87 -15.67 26.66
C GLY D 564 -51.16 -14.35 27.37
N GLN D 565 -51.00 -14.32 28.70
CA GLN D 565 -51.47 -13.18 29.46
C GLN D 565 -50.76 -11.89 29.04
N ASN D 566 -49.46 -11.99 28.67
CA ASN D 566 -48.66 -10.85 28.27
C ASN D 566 -47.87 -11.21 27.02
N GLU D 567 -48.60 -11.82 26.08
CA GLU D 567 -48.15 -12.08 24.72
C GLU D 567 -48.53 -10.90 23.83
N TYR D 568 -47.51 -10.29 23.20
CA TYR D 568 -47.69 -9.14 22.33
C TYR D 568 -47.27 -9.49 20.91
N VAL D 569 -48.24 -9.43 19.98
CA VAL D 569 -48.05 -9.79 18.58
C VAL D 569 -47.78 -8.55 17.72
N PHE D 570 -46.78 -8.62 16.85
CA PHE D 570 -46.46 -7.52 15.93
C PHE D 570 -46.79 -7.94 14.48
P AMP E . 22.45 -21.43 18.37
O1P AMP E . 23.91 -21.35 17.82
O2P AMP E . 21.59 -20.26 17.84
O3P AMP E . 22.39 -21.66 19.95
O5' AMP E . 21.85 -22.75 17.67
C5' AMP E . 20.48 -23.01 17.90
C4' AMP E . 20.25 -24.50 17.84
O4' AMP E . 20.97 -25.23 18.86
C3' AMP E . 18.83 -24.95 18.11
O3' AMP E . 18.12 -24.62 16.92
C2' AMP E . 19.02 -26.45 18.24
O2' AMP E . 19.08 -26.99 16.95
C1' AMP E . 20.38 -26.52 18.94
N9 AMP E . 20.23 -26.94 20.32
C8 AMP E . 20.19 -26.13 21.42
N7 AMP E . 20.06 -26.79 22.54
C5 AMP E . 19.94 -28.12 22.16
C6 AMP E . 19.76 -29.30 22.91
N6 AMP E . 19.64 -29.31 24.23
N1 AMP E . 19.71 -30.48 22.27
C2 AMP E . 19.81 -30.41 20.93
N3 AMP E . 19.98 -29.36 20.11
C4 AMP E . 20.05 -28.21 20.80
P AMP F . 20.55 2.67 -18.62
O1P AMP F . 20.03 2.51 -20.08
O2P AMP F . 21.86 1.90 -18.24
O3P AMP F . 20.54 4.12 -18.21
O5' AMP F . 19.43 1.86 -17.74
C5' AMP F . 18.68 0.78 -18.37
C4' AMP F . 17.53 0.43 -17.46
O4' AMP F . 16.39 1.20 -17.89
C3' AMP F . 17.12 -1.04 -17.55
O3' AMP F . 17.84 -1.79 -16.59
C2' AMP F . 15.61 -1.01 -17.36
O2' AMP F . 15.24 -1.34 -16.05
C1' AMP F . 15.25 0.39 -17.85
N9 AMP F . 14.83 0.31 -19.22
C8 AMP F . 15.63 0.42 -20.34
N7 AMP F . 15.01 0.15 -21.45
C5 AMP F . 13.72 -0.17 -21.04
C6 AMP F . 12.56 -0.51 -21.74
N6 AMP F . 12.50 -0.59 -23.06
N1 AMP F . 11.44 -0.74 -21.01
C2 AMP F . 11.48 -0.66 -19.67
N3 AMP F . 12.53 -0.38 -18.90
C4 AMP F . 13.61 -0.11 -19.65
C01 6R9 G . -22.35 29.15 2.45
C02 6R9 G . -22.08 30.08 1.31
C09 6R9 G . -23.91 29.16 -1.85
C10 6R9 G . -24.41 27.76 -2.10
C11 6R9 G . -25.92 27.62 -1.95
C12 6R9 G . -26.01 26.10 -1.77
C13 6R9 G . -24.80 25.78 -0.92
C16 6R9 G . -25.00 26.60 1.47
C18 6R9 G . -25.83 24.88 2.43
C19 6R9 G . -25.68 24.55 1.09
C21 6R9 G . -26.50 22.56 1.41
C23 6R9 G . -26.38 23.91 3.29
N15 6R9 G . -25.15 25.67 0.48
N17 6R9 G . -25.39 26.18 2.65
N20 6R9 G . -26.00 23.40 0.51
N22 6R9 G . -26.73 22.73 2.72
N24 6R9 G . -26.60 24.08 4.60
O03 6R9 G . -21.97 31.27 1.50
O04 6R9 G . -21.99 29.48 0.08
O06 6R9 G . -20.26 29.96 -1.74
O07 6R9 G . -22.21 31.62 -1.49
O08 6R9 G . -22.52 29.24 -2.23
O14 6R9 G . -23.91 26.86 -1.10
O25 6R9 G . -25.84 25.38 -2.95
O26 6R9 G . -26.55 28.13 -3.11
P05 6R9 G . -21.67 30.24 -1.33
P AMP H . -31.38 -23.48 3.74
O1P AMP H . -31.61 -23.86 2.24
O2P AMP H . -30.03 -23.98 4.40
O3P AMP H . -31.70 -22.01 4.03
O5' AMP H . -32.48 -24.33 4.58
C5' AMP H . -32.51 -25.78 4.43
C4' AMP H . -33.66 -26.32 5.24
O4' AMP H . -34.92 -25.81 4.74
C3' AMP H . -33.77 -27.85 5.22
O3' AMP H . -32.94 -28.42 6.22
C2' AMP H . -35.27 -28.06 5.38
O2' AMP H . -35.69 -28.21 6.71
C1' AMP H . -35.91 -26.80 4.82
N9 AMP H . -36.49 -27.01 3.50
C8 AMP H . -35.91 -26.74 2.29
N7 AMP H . -36.67 -27.03 1.27
C5 AMP H . -37.84 -27.52 1.85
C6 AMP H . -39.03 -28.02 1.29
N6 AMP H . -39.25 -28.09 -0.03
N1 AMP H . -39.99 -28.44 2.14
C2 AMP H . -39.76 -28.37 3.46
N3 AMP H . -38.67 -27.95 4.09
C4 AMP H . -37.73 -27.54 3.22
#